data_5F2S
#
_entry.id   5F2S
#
_cell.length_a   57.450
_cell.length_b   102.320
_cell.length_c   142.250
_cell.angle_alpha   90.00
_cell.angle_beta   99.82
_cell.angle_gamma   90.00
#
_symmetry.space_group_name_H-M   'P 1 21 1'
#
loop_
_entity.id
_entity.type
_entity.pdbx_description
1 polymer 'Lysine-specific demethylase 4A'
2 non-polymer 'ZINC ION'
3 non-polymer '2-(2-azanyl-1,3-thiazol-4-yl)pyridine-4-carboxylic acid'
4 non-polymer 1,2-ETHANEDIOL
5 non-polymer 'DIMETHYL SULFOXIDE'
6 non-polymer 'CHLORIDE ION'
7 water water
#
_entity_poly.entity_id   1
_entity_poly.type   'polypeptide(L)'
_entity_poly.pdbx_seq_one_letter_code
;SMASESETLNPSARIMTFYPTMEEFRNFSRYIAYIESQGAHRAGLAKVVPPKEWKPRASYDDIDDLVIPAPIQQLVTGQS
GLFTQYNIQKKAMTVREFRKIANSDKYCTPRYSEFEELERKYWKNLTFNPPIYGADVNGTLYEKHVDEWNIGRLRTILDL
VEKESGITIEGVNTPYLYFGMWKTSFAWHTEDMDLYSINYLHFGEPKSWYSVPPEHGKRLERLAKGFFPGSAQSCEAFLR
HKMTLISPLMLKKYGIPFDKVTQEAGEFMITFPYGYHAGFNHGFNCAESTNFATRRWIEYGKQAVLCSCRKDMVKISMDV
FVRKFQPERYKLWKAGKDNTVIDHTLPTPEAAEFLKESEL
;
_entity_poly.pdbx_strand_id   A,B,C,D
#
# COMPACT_ATOMS: atom_id res chain seq x y z
N ASN A 10 -33.56 2.93 17.23
CA ASN A 10 -34.79 2.71 16.43
C ASN A 10 -35.92 2.16 17.36
N PRO A 11 -36.42 2.95 18.37
CA PRO A 11 -37.43 2.42 19.32
C PRO A 11 -38.73 1.86 18.75
N SER A 12 -39.20 2.40 17.61
CA SER A 12 -40.44 1.90 17.01
C SER A 12 -40.18 0.81 15.97
N ALA A 13 -38.89 0.38 15.82
CA ALA A 13 -38.41 -0.65 14.88
C ALA A 13 -38.92 -0.38 13.45
N ARG A 14 -38.79 0.89 13.02
CA ARG A 14 -39.22 1.33 11.70
C ARG A 14 -38.15 0.98 10.69
N ILE A 15 -38.56 0.69 9.44
CA ILE A 15 -37.63 0.40 8.32
C ILE A 15 -36.75 1.64 8.09
N MET A 16 -35.43 1.43 8.08
CA MET A 16 -34.43 2.49 7.86
C MET A 16 -33.86 2.42 6.44
N THR A 17 -33.43 3.58 5.91
CA THR A 17 -32.84 3.71 4.57
C THR A 17 -31.41 4.24 4.77
N PHE A 18 -30.47 3.72 3.97
CA PHE A 18 -29.05 4.06 4.02
C PHE A 18 -28.53 4.44 2.66
N TYR A 19 -27.61 5.41 2.63
CA TYR A 19 -27.03 5.98 1.42
C TYR A 19 -25.50 5.87 1.45
N PRO A 20 -24.90 4.67 1.29
CA PRO A 20 -23.42 4.58 1.33
C PRO A 20 -22.73 5.34 0.21
N THR A 21 -21.52 5.81 0.50
CA THR A 21 -20.68 6.45 -0.53
C THR A 21 -20.03 5.28 -1.30
N MET A 22 -19.25 5.58 -2.37
CA MET A 22 -18.59 4.55 -3.15
C MET A 22 -17.61 3.74 -2.29
N GLU A 23 -16.87 4.44 -1.39
CA GLU A 23 -15.89 3.85 -0.48
C GLU A 23 -16.56 2.91 0.54
N GLU A 24 -17.72 3.33 1.07
CA GLU A 24 -18.49 2.54 2.04
C GLU A 24 -19.10 1.29 1.40
N PHE A 25 -19.35 1.34 0.07
CA PHE A 25 -19.95 0.28 -0.74
C PHE A 25 -19.00 -0.85 -1.12
N ARG A 26 -17.69 -0.62 -1.05
CA ARG A 26 -16.69 -1.60 -1.45
C ARG A 26 -16.61 -2.83 -0.52
N ASN A 27 -16.88 -2.65 0.79
CA ASN A 27 -16.88 -3.77 1.75
C ASN A 27 -18.32 -4.07 2.16
N PHE A 28 -18.88 -5.17 1.62
CA PHE A 28 -20.26 -5.58 1.86
C PHE A 28 -20.56 -5.92 3.32
N SER A 29 -19.81 -6.90 3.88
CA SER A 29 -19.98 -7.36 5.28
C SER A 29 -19.83 -6.26 6.31
N ARG A 30 -18.89 -5.32 6.09
CA ARG A 30 -18.65 -4.19 6.99
C ARG A 30 -19.84 -3.24 6.99
N TYR A 31 -20.47 -3.02 5.81
CA TYR A 31 -21.61 -2.11 5.74
C TYR A 31 -22.83 -2.70 6.41
N ILE A 32 -22.98 -4.04 6.40
CA ILE A 32 -24.08 -4.73 7.09
C ILE A 32 -23.86 -4.54 8.59
N ALA A 33 -22.62 -4.69 9.06
CA ALA A 33 -22.24 -4.46 10.46
C ALA A 33 -22.57 -3.00 10.88
N TYR A 34 -22.33 -2.01 9.98
CA TYR A 34 -22.61 -0.58 10.23
C TYR A 34 -24.11 -0.30 10.37
N ILE A 35 -24.96 -0.88 9.48
CA ILE A 35 -26.40 -0.61 9.53
C ILE A 35 -27.02 -1.26 10.79
N GLU A 36 -26.42 -2.35 11.30
CA GLU A 36 -26.86 -3.00 12.55
C GLU A 36 -26.50 -2.17 13.77
N SER A 37 -25.32 -1.50 13.76
CA SER A 37 -24.89 -0.61 14.85
C SER A 37 -25.79 0.64 14.87
N GLN A 38 -26.46 0.92 13.73
CA GLN A 38 -27.42 2.01 13.56
C GLN A 38 -28.84 1.59 13.99
N GLY A 39 -29.05 0.30 14.25
CA GLY A 39 -30.32 -0.27 14.68
C GLY A 39 -31.25 -0.77 13.58
N ALA A 40 -30.73 -0.90 12.33
CA ALA A 40 -31.55 -1.32 11.18
C ALA A 40 -32.23 -2.68 11.31
N HIS A 41 -31.56 -3.65 11.96
CA HIS A 41 -32.03 -5.03 12.13
C HIS A 41 -33.33 -5.16 12.94
N ARG A 42 -33.65 -4.16 13.80
CA ARG A 42 -34.87 -4.18 14.61
C ARG A 42 -36.15 -4.23 13.78
N ALA A 43 -36.16 -3.58 12.60
CA ALA A 43 -37.32 -3.60 11.71
C ALA A 43 -37.45 -4.94 10.95
N GLY A 44 -36.32 -5.65 10.78
CA GLY A 44 -36.26 -6.92 10.06
C GLY A 44 -36.03 -6.71 8.57
N LEU A 45 -36.14 -5.44 8.13
CA LEU A 45 -35.97 -5.01 6.75
C LEU A 45 -35.33 -3.61 6.70
N ALA A 46 -34.38 -3.40 5.77
CA ALA A 46 -33.73 -2.10 5.56
C ALA A 46 -33.55 -1.89 4.09
N LYS A 47 -33.61 -0.63 3.67
CA LYS A 47 -33.37 -0.24 2.29
C LYS A 47 -31.97 0.32 2.20
N VAL A 48 -31.22 -0.07 1.15
CA VAL A 48 -29.89 0.47 0.90
C VAL A 48 -29.89 1.06 -0.52
N VAL A 49 -29.63 2.37 -0.62
CA VAL A 49 -29.58 3.09 -1.89
C VAL A 49 -28.10 3.15 -2.31
N PRO A 50 -27.75 2.55 -3.45
CA PRO A 50 -26.33 2.52 -3.84
C PRO A 50 -25.77 3.86 -4.34
N PRO A 51 -24.42 4.03 -4.35
CA PRO A 51 -23.85 5.28 -4.89
C PRO A 51 -24.26 5.49 -6.35
N LYS A 52 -24.41 6.76 -6.77
CA LYS A 52 -24.80 7.17 -8.13
C LYS A 52 -23.85 6.65 -9.22
N GLU A 53 -22.56 6.48 -8.88
CA GLU A 53 -21.53 5.98 -9.82
C GLU A 53 -21.50 4.45 -9.94
N TRP A 54 -22.42 3.74 -9.22
CA TRP A 54 -22.47 2.28 -9.27
C TRP A 54 -23.55 1.81 -10.23
N LYS A 55 -23.17 0.86 -11.10
CA LYS A 55 -24.02 0.26 -12.13
C LYS A 55 -23.71 -1.23 -12.24
N PRO A 56 -24.67 -2.15 -11.97
CA PRO A 56 -24.34 -3.59 -12.08
C PRO A 56 -24.35 -4.15 -13.51
N ARG A 57 -24.93 -3.39 -14.48
CA ARG A 57 -25.07 -3.77 -15.90
C ARG A 57 -25.31 -2.51 -16.72
N ALA A 58 -24.67 -2.41 -17.92
CA ALA A 58 -24.79 -1.26 -18.82
C ALA A 58 -26.20 -1.07 -19.42
N SER A 59 -26.87 -2.18 -19.77
CA SER A 59 -28.22 -2.15 -20.38
C SER A 59 -28.93 -3.49 -20.17
N TYR A 60 -30.27 -3.44 -20.11
CA TYR A 60 -31.12 -4.62 -19.92
C TYR A 60 -31.91 -4.94 -21.21
N ASP A 61 -31.48 -4.40 -22.35
CA ASP A 61 -32.13 -4.57 -23.67
C ASP A 61 -31.68 -5.83 -24.44
N ASP A 62 -30.81 -6.66 -23.85
CA ASP A 62 -30.30 -7.88 -24.47
C ASP A 62 -30.77 -9.15 -23.76
N ILE A 63 -31.89 -9.11 -23.04
CA ILE A 63 -32.34 -10.31 -22.31
C ILE A 63 -33.74 -10.82 -22.74
N ASP A 64 -34.27 -10.38 -23.89
CA ASP A 64 -35.58 -10.81 -24.36
C ASP A 64 -35.72 -12.33 -24.57
N ASP A 65 -34.63 -13.01 -24.97
CA ASP A 65 -34.66 -14.45 -25.21
C ASP A 65 -34.36 -15.28 -23.97
N LEU A 66 -34.01 -14.62 -22.83
CA LEU A 66 -33.77 -15.30 -21.55
C LEU A 66 -35.02 -16.11 -21.20
N VAL A 67 -34.81 -17.40 -20.90
CA VAL A 67 -35.87 -18.36 -20.59
C VAL A 67 -36.23 -18.40 -19.10
N ILE A 68 -37.54 -18.30 -18.82
CA ILE A 68 -38.12 -18.45 -17.49
C ILE A 68 -38.62 -19.92 -17.58
N PRO A 69 -37.87 -20.92 -17.07
CA PRO A 69 -38.28 -22.33 -17.29
C PRO A 69 -39.58 -22.76 -16.62
N ALA A 70 -39.94 -22.16 -15.47
CA ALA A 70 -41.14 -22.58 -14.75
C ALA A 70 -42.00 -21.39 -14.22
N PRO A 71 -42.58 -20.53 -15.10
CA PRO A 71 -43.42 -19.43 -14.58
C PRO A 71 -44.64 -19.96 -13.86
N ILE A 72 -45.09 -19.25 -12.81
CA ILE A 72 -46.21 -19.70 -11.99
C ILE A 72 -47.43 -18.76 -12.06
N GLN A 73 -48.62 -19.36 -12.28
CA GLN A 73 -49.88 -18.62 -12.21
C GLN A 73 -50.24 -18.62 -10.73
N GLN A 74 -50.42 -17.43 -10.17
CA GLN A 74 -50.67 -17.24 -8.75
C GLN A 74 -52.15 -17.19 -8.41
N LEU A 75 -52.73 -18.36 -8.11
CA LEU A 75 -54.13 -18.50 -7.74
C LEU A 75 -54.28 -18.20 -6.26
N VAL A 76 -55.21 -17.30 -5.93
CA VAL A 76 -55.38 -16.89 -4.55
C VAL A 76 -56.81 -17.13 -4.13
N THR A 77 -56.96 -17.84 -3.02
CA THR A 77 -58.26 -18.13 -2.45
C THR A 77 -58.30 -17.59 -1.03
N GLY A 78 -59.47 -17.11 -0.63
CA GLY A 78 -59.69 -16.58 0.70
C GLY A 78 -60.61 -15.39 0.76
N GLN A 79 -60.72 -14.79 1.96
CA GLN A 79 -61.56 -13.63 2.22
C GLN A 79 -61.17 -12.99 3.55
N SER A 80 -61.70 -11.76 3.81
CA SER A 80 -61.51 -11.00 5.05
C SER A 80 -60.03 -10.85 5.44
N GLY A 81 -59.19 -10.50 4.46
CA GLY A 81 -57.75 -10.27 4.63
C GLY A 81 -56.88 -11.48 4.92
N LEU A 82 -57.44 -12.70 4.74
CA LEU A 82 -56.75 -13.98 4.98
C LEU A 82 -56.83 -14.83 3.73
N PHE A 83 -55.66 -15.17 3.16
CA PHE A 83 -55.62 -15.86 1.90
C PHE A 83 -54.55 -16.92 1.81
N THR A 84 -54.80 -17.91 0.95
CA THR A 84 -53.87 -18.97 0.59
C THR A 84 -53.52 -18.81 -0.89
N GLN A 85 -52.22 -18.77 -1.19
CA GLN A 85 -51.70 -18.67 -2.55
C GLN A 85 -51.25 -20.03 -3.07
N TYR A 86 -51.80 -20.44 -4.21
CA TYR A 86 -51.44 -21.69 -4.88
C TYR A 86 -50.69 -21.32 -6.15
N ASN A 87 -49.50 -21.87 -6.35
CA ASN A 87 -48.63 -21.53 -7.47
C ASN A 87 -48.70 -22.60 -8.54
N ILE A 88 -49.34 -22.28 -9.66
CA ILE A 88 -49.58 -23.22 -10.77
C ILE A 88 -48.52 -23.08 -11.86
N GLN A 89 -47.67 -24.11 -12.03
CA GLN A 89 -46.62 -24.10 -13.02
C GLN A 89 -47.18 -24.09 -14.45
N LYS A 90 -46.68 -23.16 -15.24
CA LYS A 90 -47.06 -22.99 -16.63
C LYS A 90 -45.86 -23.45 -17.44
N LYS A 91 -46.03 -23.51 -18.79
CA LYS A 91 -44.94 -23.88 -19.68
C LYS A 91 -43.89 -22.76 -19.69
N ALA A 92 -42.62 -23.12 -19.99
CA ALA A 92 -41.49 -22.20 -20.09
C ALA A 92 -41.79 -21.12 -21.13
N MET A 93 -41.37 -19.89 -20.83
CA MET A 93 -41.54 -18.73 -21.71
C MET A 93 -40.33 -17.82 -21.61
N THR A 94 -40.08 -17.01 -22.65
CA THR A 94 -38.97 -16.06 -22.66
C THR A 94 -39.37 -14.78 -21.91
N VAL A 95 -38.37 -13.90 -21.60
CA VAL A 95 -38.60 -12.60 -20.96
C VAL A 95 -39.53 -11.75 -21.86
N ARG A 96 -39.33 -11.78 -23.19
N ARG A 96 -39.33 -11.78 -23.19
CA ARG A 96 -40.13 -11.08 -24.20
CA ARG A 96 -40.13 -11.09 -24.21
C ARG A 96 -41.62 -11.47 -24.09
C ARG A 96 -41.61 -11.48 -24.10
N GLU A 97 -41.90 -12.80 -24.05
CA GLU A 97 -43.26 -13.36 -23.93
C GLU A 97 -43.92 -12.95 -22.60
N PHE A 98 -43.15 -12.96 -21.51
CA PHE A 98 -43.61 -12.53 -20.18
C PHE A 98 -44.01 -11.03 -20.18
N ARG A 99 -43.10 -10.17 -20.68
CA ARG A 99 -43.30 -8.72 -20.76
C ARG A 99 -44.60 -8.36 -21.55
N LYS A 100 -44.88 -9.04 -22.68
CA LYS A 100 -46.10 -8.82 -23.49
C LYS A 100 -47.38 -9.12 -22.69
N ILE A 101 -47.38 -10.22 -21.91
CA ILE A 101 -48.51 -10.57 -21.03
C ILE A 101 -48.62 -9.49 -19.93
N ALA A 102 -47.49 -9.12 -19.31
CA ALA A 102 -47.41 -8.12 -18.24
C ALA A 102 -48.05 -6.78 -18.63
N ASN A 103 -47.72 -6.26 -19.82
CA ASN A 103 -48.17 -4.95 -20.32
C ASN A 103 -49.50 -4.98 -21.07
N SER A 104 -50.15 -6.16 -21.20
CA SER A 104 -51.45 -6.33 -21.86
C SER A 104 -52.59 -5.66 -21.08
N ASP A 105 -53.77 -5.47 -21.71
CA ASP A 105 -54.95 -4.85 -21.10
C ASP A 105 -55.43 -5.63 -19.86
N LYS A 106 -55.38 -6.98 -19.93
CA LYS A 106 -55.79 -7.89 -18.87
C LYS A 106 -54.89 -7.89 -17.63
N TYR A 107 -53.56 -7.73 -17.80
CA TYR A 107 -52.61 -7.84 -16.69
C TYR A 107 -51.81 -6.58 -16.29
N CYS A 108 -51.96 -5.44 -17.01
CA CYS A 108 -51.21 -4.22 -16.69
C CYS A 108 -51.67 -3.58 -15.37
N THR A 109 -50.81 -2.72 -14.80
CA THR A 109 -51.04 -1.97 -13.57
C THR A 109 -52.24 -0.99 -13.73
N PRO A 110 -53.21 -0.99 -12.77
CA PRO A 110 -54.32 -0.02 -12.85
C PRO A 110 -53.83 1.39 -12.53
N ARG A 111 -54.65 2.42 -12.83
CA ARG A 111 -54.33 3.82 -12.57
C ARG A 111 -54.22 4.09 -11.06
N TYR A 112 -53.21 4.88 -10.65
CA TYR A 112 -52.96 5.24 -9.25
C TYR A 112 -52.18 6.53 -9.10
N SER A 113 -52.60 7.36 -8.13
CA SER A 113 -51.99 8.66 -7.80
C SER A 113 -51.02 8.53 -6.63
N GLU A 114 -51.40 7.75 -5.61
CA GLU A 114 -50.60 7.47 -4.40
C GLU A 114 -50.54 5.96 -4.12
N PHE A 115 -49.53 5.51 -3.34
N PHE A 115 -49.53 5.50 -3.35
CA PHE A 115 -49.33 4.10 -2.97
CA PHE A 115 -49.32 4.09 -3.04
C PHE A 115 -50.56 3.47 -2.36
C PHE A 115 -50.48 3.42 -2.27
N GLU A 116 -51.20 4.18 -1.41
CA GLU A 116 -52.38 3.69 -0.66
C GLU A 116 -53.52 3.28 -1.59
N GLU A 117 -53.68 3.98 -2.74
CA GLU A 117 -54.67 3.68 -3.76
C GLU A 117 -54.33 2.34 -4.43
N LEU A 118 -53.07 2.15 -4.86
CA LEU A 118 -52.64 0.89 -5.49
C LEU A 118 -52.70 -0.28 -4.49
N GLU A 119 -52.30 -0.01 -3.23
CA GLU A 119 -52.34 -0.98 -2.14
C GLU A 119 -53.78 -1.46 -1.92
N ARG A 120 -54.77 -0.51 -1.90
CA ARG A 120 -56.20 -0.83 -1.73
C ARG A 120 -56.68 -1.74 -2.86
N LYS A 121 -56.25 -1.44 -4.11
CA LYS A 121 -56.54 -2.19 -5.34
C LYS A 121 -55.96 -3.60 -5.29
N TYR A 122 -54.74 -3.73 -4.73
CA TYR A 122 -54.08 -5.03 -4.58
C TYR A 122 -54.88 -5.92 -3.65
N TRP A 123 -55.24 -5.42 -2.46
CA TRP A 123 -55.97 -6.19 -1.45
C TRP A 123 -57.43 -6.47 -1.83
N LYS A 124 -58.02 -5.65 -2.72
CA LYS A 124 -59.40 -5.81 -3.19
C LYS A 124 -59.52 -6.83 -4.32
N ASN A 125 -58.49 -6.92 -5.18
CA ASN A 125 -58.44 -7.76 -6.39
C ASN A 125 -57.45 -8.91 -6.42
N LEU A 126 -56.75 -9.21 -5.31
N LEU A 126 -56.83 -9.20 -5.28
CA LEU A 126 -55.74 -10.30 -5.30
CA LEU A 126 -55.86 -10.28 -5.05
C LEU A 126 -56.31 -11.70 -5.65
C LEU A 126 -56.32 -11.65 -5.57
N THR A 127 -57.62 -11.97 -5.39
CA THR A 127 -58.21 -13.26 -5.77
C THR A 127 -58.68 -13.28 -7.23
N PHE A 128 -58.66 -12.13 -7.94
CA PHE A 128 -59.14 -12.02 -9.32
C PHE A 128 -58.03 -11.95 -10.37
N ASN A 129 -58.33 -12.37 -11.62
CA ASN A 129 -57.40 -12.35 -12.77
C ASN A 129 -55.97 -12.79 -12.35
N PRO A 130 -55.76 -14.07 -11.95
CA PRO A 130 -54.43 -14.47 -11.47
C PRO A 130 -53.29 -14.11 -12.40
N PRO A 131 -52.25 -13.42 -11.87
CA PRO A 131 -51.11 -13.05 -12.71
C PRO A 131 -50.08 -14.19 -12.81
N ILE A 132 -49.06 -14.01 -13.63
CA ILE A 132 -47.99 -14.99 -13.79
C ILE A 132 -46.72 -14.38 -13.23
N TYR A 133 -46.02 -15.12 -12.38
CA TYR A 133 -44.75 -14.70 -11.75
C TYR A 133 -43.61 -15.52 -12.32
N GLY A 134 -42.62 -14.84 -12.89
CA GLY A 134 -41.44 -15.47 -13.47
C GLY A 134 -40.38 -15.66 -12.40
N ALA A 135 -40.78 -16.38 -11.30
CA ALA A 135 -40.00 -16.60 -10.08
C ALA A 135 -38.98 -17.71 -10.17
N ASP A 136 -37.98 -17.66 -9.26
CA ASP A 136 -36.95 -18.70 -9.06
C ASP A 136 -36.15 -19.04 -10.33
N VAL A 137 -35.84 -18.03 -11.17
CA VAL A 137 -35.03 -18.26 -12.36
C VAL A 137 -33.57 -18.29 -11.89
N ASN A 138 -32.85 -19.39 -12.13
CA ASN A 138 -31.45 -19.49 -11.77
C ASN A 138 -30.64 -18.56 -12.67
N GLY A 139 -29.99 -17.57 -12.08
CA GLY A 139 -29.18 -16.66 -12.88
C GLY A 139 -28.89 -15.34 -12.25
N THR A 140 -28.02 -14.59 -12.94
CA THR A 140 -27.60 -13.26 -12.54
C THR A 140 -27.66 -12.29 -13.70
N LEU A 141 -27.91 -11.00 -13.40
CA LEU A 141 -27.92 -9.95 -14.41
C LEU A 141 -26.70 -9.03 -14.27
N TYR A 142 -25.83 -9.29 -13.29
CA TYR A 142 -24.62 -8.51 -13.04
C TYR A 142 -23.56 -8.86 -14.07
N GLU A 143 -22.80 -7.85 -14.57
CA GLU A 143 -21.69 -8.14 -15.49
C GLU A 143 -20.56 -8.72 -14.60
N LYS A 144 -19.71 -9.57 -15.17
CA LYS A 144 -18.62 -10.31 -14.51
C LYS A 144 -17.68 -9.48 -13.63
N HIS A 145 -17.39 -8.24 -14.05
CA HIS A 145 -16.44 -7.30 -13.43
C HIS A 145 -16.96 -6.52 -12.22
N VAL A 146 -18.28 -6.58 -11.94
CA VAL A 146 -18.83 -5.80 -10.83
C VAL A 146 -18.47 -6.45 -9.49
N ASP A 147 -17.55 -5.81 -8.76
CA ASP A 147 -17.01 -6.30 -7.47
C ASP A 147 -17.80 -5.88 -6.24
N GLU A 148 -18.59 -4.79 -6.35
CA GLU A 148 -19.34 -4.25 -5.21
C GLU A 148 -20.76 -4.75 -5.19
N TRP A 149 -21.18 -5.29 -4.01
CA TRP A 149 -22.54 -5.81 -3.75
C TRP A 149 -23.03 -6.79 -4.83
N ASN A 150 -22.10 -7.62 -5.33
CA ASN A 150 -22.39 -8.61 -6.35
C ASN A 150 -23.08 -9.78 -5.68
N ILE A 151 -24.41 -9.93 -5.94
CA ILE A 151 -25.29 -10.94 -5.37
C ILE A 151 -24.77 -12.38 -5.68
N GLY A 152 -23.97 -12.52 -6.75
CA GLY A 152 -23.37 -13.81 -7.12
C GLY A 152 -22.21 -14.21 -6.23
N ARG A 153 -21.54 -13.23 -5.60
CA ARG A 153 -20.36 -13.44 -4.74
C ARG A 153 -20.19 -12.37 -3.65
N LEU A 154 -21.01 -12.44 -2.59
CA LEU A 154 -20.99 -11.47 -1.49
C LEU A 154 -19.83 -11.66 -0.48
N ARG A 155 -19.21 -12.85 -0.45
CA ARG A 155 -18.03 -13.19 0.39
C ARG A 155 -18.30 -13.18 1.90
N THR A 156 -19.54 -13.53 2.32
CA THR A 156 -19.88 -13.60 3.75
C THR A 156 -19.50 -14.98 4.31
N ILE A 157 -19.75 -15.22 5.61
CA ILE A 157 -19.44 -16.50 6.26
C ILE A 157 -20.36 -17.64 5.75
N LEU A 158 -21.49 -17.32 5.08
CA LEU A 158 -22.36 -18.36 4.48
C LEU A 158 -21.54 -19.26 3.51
N ASP A 159 -20.48 -18.68 2.87
CA ASP A 159 -19.57 -19.35 1.91
C ASP A 159 -18.92 -20.63 2.41
N LEU A 160 -18.87 -20.82 3.75
CA LEU A 160 -18.31 -22.00 4.41
C LEU A 160 -18.94 -23.32 3.97
N VAL A 161 -20.24 -23.32 3.63
CA VAL A 161 -20.97 -24.52 3.19
C VAL A 161 -20.35 -25.02 1.86
N GLU A 162 -20.21 -24.11 0.87
CA GLU A 162 -19.62 -24.45 -0.42
C GLU A 162 -18.11 -24.76 -0.29
N LYS A 163 -17.38 -23.98 0.51
CA LYS A 163 -15.93 -24.15 0.73
C LYS A 163 -15.56 -25.54 1.26
N GLU A 164 -16.37 -26.05 2.21
CA GLU A 164 -16.08 -27.32 2.85
C GLU A 164 -16.64 -28.56 2.11
N SER A 165 -17.70 -28.41 1.26
CA SER A 165 -18.31 -29.58 0.58
C SER A 165 -18.50 -29.47 -0.94
N GLY A 166 -18.59 -28.25 -1.45
CA GLY A 166 -18.88 -27.99 -2.86
C GLY A 166 -20.39 -27.91 -3.10
N ILE A 167 -21.21 -28.21 -2.04
CA ILE A 167 -22.68 -28.20 -2.05
C ILE A 167 -23.24 -26.82 -2.31
N THR A 168 -24.17 -26.76 -3.26
CA THR A 168 -24.84 -25.55 -3.62
C THR A 168 -26.34 -25.76 -3.46
N ILE A 169 -26.99 -24.82 -2.77
CA ILE A 169 -28.43 -24.77 -2.55
C ILE A 169 -28.90 -23.60 -3.41
N GLU A 170 -29.62 -23.89 -4.52
CA GLU A 170 -30.05 -22.86 -5.46
C GLU A 170 -30.98 -21.82 -4.79
N GLY A 171 -30.69 -20.54 -5.08
CA GLY A 171 -31.37 -19.38 -4.50
C GLY A 171 -30.82 -19.00 -3.13
N VAL A 172 -30.22 -19.95 -2.41
CA VAL A 172 -29.67 -19.74 -1.05
C VAL A 172 -28.19 -19.31 -1.13
N ASN A 173 -27.32 -20.12 -1.71
CA ASN A 173 -25.94 -19.66 -1.87
C ASN A 173 -25.62 -19.41 -3.36
N THR A 174 -26.68 -19.25 -4.20
CA THR A 174 -26.62 -18.93 -5.65
C THR A 174 -27.72 -17.87 -5.95
N PRO A 175 -27.63 -17.03 -7.01
CA PRO A 175 -28.70 -16.04 -7.21
C PRO A 175 -29.94 -16.56 -7.95
N TYR A 176 -31.07 -15.96 -7.59
CA TYR A 176 -32.36 -16.15 -8.24
C TYR A 176 -32.78 -14.81 -8.88
N LEU A 177 -33.45 -14.90 -10.03
CA LEU A 177 -34.05 -13.78 -10.69
C LEU A 177 -35.57 -13.90 -10.59
N TYR A 178 -36.26 -12.79 -10.34
CA TYR A 178 -37.73 -12.75 -10.25
C TYR A 178 -38.28 -11.73 -11.24
N PHE A 179 -38.99 -12.19 -12.25
CA PHE A 179 -39.62 -11.32 -13.23
C PHE A 179 -41.06 -11.15 -12.80
N GLY A 180 -41.38 -9.96 -12.29
CA GLY A 180 -42.71 -9.68 -11.78
C GLY A 180 -43.63 -9.00 -12.75
N MET A 181 -44.91 -8.95 -12.40
CA MET A 181 -45.94 -8.23 -13.13
C MET A 181 -46.93 -7.77 -12.06
N TRP A 182 -47.88 -6.88 -12.41
CA TRP A 182 -48.85 -6.36 -11.45
C TRP A 182 -49.52 -7.48 -10.64
N LYS A 183 -49.58 -7.29 -9.30
CA LYS A 183 -50.26 -8.18 -8.38
C LYS A 183 -49.53 -9.52 -8.11
N THR A 184 -48.30 -9.72 -8.65
CA THR A 184 -47.51 -10.91 -8.29
C THR A 184 -47.06 -10.70 -6.84
N SER A 185 -47.03 -11.76 -6.05
CA SER A 185 -46.71 -11.67 -4.63
C SER A 185 -45.76 -12.68 -4.02
N PHE A 186 -45.23 -12.30 -2.87
CA PHE A 186 -44.41 -13.17 -2.06
C PHE A 186 -45.15 -13.19 -0.72
N ALA A 187 -45.48 -14.39 -0.26
CA ALA A 187 -46.20 -14.63 0.99
C ALA A 187 -45.36 -14.41 2.23
N TRP A 188 -46.01 -14.32 3.38
CA TRP A 188 -45.32 -14.15 4.67
C TRP A 188 -44.31 -15.27 4.98
N HIS A 189 -43.05 -14.91 5.21
CA HIS A 189 -42.01 -15.90 5.51
C HIS A 189 -40.76 -15.23 6.08
N THR A 190 -39.88 -16.06 6.63
CA THR A 190 -38.51 -15.73 7.03
C THR A 190 -37.70 -16.57 6.05
N GLU A 191 -36.41 -16.30 5.93
CA GLU A 191 -35.55 -17.03 5.00
C GLU A 191 -35.28 -18.45 5.46
N ASP A 192 -34.74 -19.30 4.59
CA ASP A 192 -34.37 -20.67 4.98
C ASP A 192 -33.30 -20.54 6.06
N MET A 193 -33.39 -21.38 7.12
CA MET A 193 -32.45 -21.38 8.25
C MET A 193 -32.40 -20.03 9.00
N ASP A 194 -33.44 -19.17 8.78
CA ASP A 194 -33.56 -17.80 9.33
C ASP A 194 -32.34 -16.93 8.97
N LEU A 195 -31.85 -17.11 7.76
CA LEU A 195 -30.74 -16.37 7.20
C LEU A 195 -31.13 -14.96 6.77
N TYR A 196 -30.13 -14.16 6.48
CA TYR A 196 -30.29 -12.83 5.94
C TYR A 196 -30.56 -13.01 4.45
N SER A 197 -31.12 -11.98 3.83
CA SER A 197 -31.32 -11.95 2.41
C SER A 197 -31.02 -10.56 1.83
N ILE A 198 -30.64 -10.51 0.57
CA ILE A 198 -30.38 -9.32 -0.20
C ILE A 198 -31.23 -9.43 -1.48
N ASN A 199 -31.86 -8.34 -1.88
CA ASN A 199 -32.73 -8.26 -3.05
C ASN A 199 -32.46 -6.95 -3.76
N TYR A 200 -32.06 -7.03 -5.04
CA TYR A 200 -31.79 -5.85 -5.84
C TYR A 200 -32.84 -5.74 -6.96
N LEU A 201 -33.49 -4.56 -7.10
CA LEU A 201 -34.46 -4.35 -8.16
C LEU A 201 -33.71 -3.81 -9.39
N HIS A 202 -33.42 -4.69 -10.37
CA HIS A 202 -32.67 -4.31 -11.56
C HIS A 202 -33.36 -3.23 -12.39
N PHE A 203 -34.67 -3.39 -12.65
CA PHE A 203 -35.43 -2.44 -13.48
C PHE A 203 -36.91 -2.61 -13.28
N GLY A 204 -37.67 -1.68 -13.86
CA GLY A 204 -39.11 -1.71 -13.94
C GLY A 204 -39.88 -1.05 -12.84
N GLU A 205 -41.15 -1.44 -12.74
CA GLU A 205 -42.08 -0.91 -11.73
C GLU A 205 -41.67 -1.30 -10.31
N PRO A 206 -42.11 -0.55 -9.28
CA PRO A 206 -41.68 -0.87 -7.90
C PRO A 206 -42.16 -2.22 -7.30
N LYS A 207 -41.55 -2.58 -6.16
CA LYS A 207 -41.89 -3.77 -5.37
C LYS A 207 -42.15 -3.26 -3.95
N SER A 208 -43.36 -3.53 -3.42
CA SER A 208 -43.73 -3.08 -2.08
C SER A 208 -43.58 -4.20 -1.09
N TRP A 209 -43.10 -3.87 0.11
CA TRP A 209 -42.78 -4.82 1.16
C TRP A 209 -43.54 -4.47 2.45
N TYR A 210 -43.88 -5.51 3.21
CA TYR A 210 -44.38 -5.40 4.58
C TYR A 210 -43.37 -6.17 5.40
N SER A 211 -43.08 -5.70 6.62
CA SER A 211 -42.16 -6.40 7.50
C SER A 211 -42.75 -6.47 8.89
N VAL A 212 -42.42 -7.53 9.64
CA VAL A 212 -42.78 -7.66 11.04
C VAL A 212 -41.45 -7.70 11.81
N PRO A 213 -41.21 -6.80 12.81
CA PRO A 213 -39.93 -6.86 13.54
C PRO A 213 -39.65 -8.27 14.11
N PRO A 214 -38.39 -8.77 14.02
CA PRO A 214 -38.07 -10.08 14.61
C PRO A 214 -38.46 -10.22 16.09
N GLU A 215 -38.42 -9.12 16.88
CA GLU A 215 -38.84 -9.17 18.30
C GLU A 215 -40.38 -9.36 18.47
N HIS A 216 -41.14 -9.33 17.36
CA HIS A 216 -42.59 -9.55 17.34
C HIS A 216 -42.96 -10.73 16.42
N GLY A 217 -41.95 -11.40 15.86
CA GLY A 217 -42.11 -12.53 14.94
C GLY A 217 -43.03 -13.61 15.45
N LYS A 218 -42.85 -14.01 16.75
CA LYS A 218 -43.69 -15.01 17.41
C LYS A 218 -45.18 -14.62 17.43
N ARG A 219 -45.52 -13.31 17.53
CA ARG A 219 -46.89 -12.77 17.51
C ARG A 219 -47.60 -13.10 16.18
N LEU A 220 -46.87 -12.97 15.07
CA LEU A 220 -47.39 -13.28 13.74
C LEU A 220 -47.64 -14.79 13.61
N GLU A 221 -46.67 -15.62 14.07
CA GLU A 221 -46.75 -17.08 14.06
C GLU A 221 -48.00 -17.54 14.81
N ARG A 222 -48.23 -16.95 16.02
CA ARG A 222 -49.40 -17.22 16.87
C ARG A 222 -50.70 -16.90 16.14
N LEU A 223 -50.75 -15.74 15.46
CA LEU A 223 -51.92 -15.30 14.68
C LEU A 223 -52.21 -16.26 13.52
N ALA A 224 -51.15 -16.70 12.80
CA ALA A 224 -51.23 -17.63 11.68
C ALA A 224 -51.73 -19.01 12.11
N LYS A 225 -51.32 -19.46 13.31
CA LYS A 225 -51.72 -20.75 13.89
C LYS A 225 -53.20 -20.78 14.25
N GLY A 226 -53.73 -19.67 14.74
CA GLY A 226 -55.13 -19.52 15.10
C GLY A 226 -56.06 -19.53 13.89
N PHE A 227 -55.64 -18.88 12.80
CA PHE A 227 -56.41 -18.78 11.57
C PHE A 227 -56.34 -20.00 10.66
N PHE A 228 -55.24 -20.77 10.72
CA PHE A 228 -55.04 -21.99 9.93
C PHE A 228 -54.63 -23.12 10.91
N PRO A 229 -55.57 -23.65 11.74
CA PRO A 229 -55.20 -24.69 12.71
C PRO A 229 -54.91 -26.06 12.09
N GLY A 230 -55.45 -26.31 10.90
CA GLY A 230 -55.24 -27.55 10.15
C GLY A 230 -53.81 -27.63 9.65
N SER A 231 -53.27 -26.49 9.21
CA SER A 231 -51.89 -26.34 8.72
C SER A 231 -50.88 -26.48 9.86
N ALA A 232 -51.17 -25.84 11.02
CA ALA A 232 -50.32 -25.85 12.22
C ALA A 232 -50.12 -27.27 12.77
N GLN A 233 -51.18 -28.11 12.70
CA GLN A 233 -51.15 -29.51 13.14
C GLN A 233 -50.47 -30.42 12.10
N SER A 234 -50.38 -29.96 10.83
CA SER A 234 -49.75 -30.70 9.73
C SER A 234 -48.26 -30.37 9.55
N CYS A 235 -47.82 -29.19 10.03
CA CYS A 235 -46.43 -28.74 9.94
C CYS A 235 -46.04 -27.81 11.08
N GLU A 236 -44.82 -28.04 11.63
CA GLU A 236 -44.23 -27.23 12.70
C GLU A 236 -43.98 -25.77 12.28
N ALA A 237 -43.74 -25.52 10.97
CA ALA A 237 -43.47 -24.20 10.42
C ALA A 237 -44.10 -24.06 9.02
N PHE A 238 -45.45 -24.10 8.95
CA PHE A 238 -46.20 -24.02 7.68
C PHE A 238 -45.99 -22.70 6.92
N LEU A 239 -45.61 -21.61 7.61
CA LEU A 239 -45.33 -20.32 6.97
C LEU A 239 -44.16 -20.43 6.00
N ARG A 240 -43.36 -21.53 6.14
CA ARG A 240 -42.23 -21.81 5.25
C ARG A 240 -42.68 -22.33 3.89
N HIS A 241 -43.96 -22.77 3.76
CA HIS A 241 -44.55 -23.21 2.50
C HIS A 241 -44.73 -22.00 1.59
N LYS A 242 -44.69 -20.77 2.17
CA LYS A 242 -44.81 -19.48 1.45
C LYS A 242 -46.13 -19.42 0.65
N MET A 243 -47.24 -19.76 1.32
CA MET A 243 -48.58 -19.76 0.75
C MET A 243 -49.54 -18.82 1.51
N THR A 244 -49.11 -18.25 2.64
CA THR A 244 -49.99 -17.43 3.46
C THR A 244 -49.88 -15.93 3.22
N LEU A 245 -50.99 -15.31 2.79
CA LEU A 245 -51.12 -13.86 2.58
C LEU A 245 -52.02 -13.29 3.67
N ILE A 246 -51.56 -12.21 4.33
CA ILE A 246 -52.29 -11.57 5.43
C ILE A 246 -52.24 -10.07 5.20
N SER A 247 -53.41 -9.43 5.04
CA SER A 247 -53.47 -7.99 4.79
C SER A 247 -52.99 -7.12 5.96
N PRO A 248 -52.43 -5.90 5.68
CA PRO A 248 -52.04 -5.00 6.79
C PRO A 248 -53.21 -4.62 7.71
N LEU A 249 -54.45 -4.62 7.19
CA LEU A 249 -55.65 -4.32 8.00
C LEU A 249 -55.84 -5.40 9.06
N MET A 250 -55.51 -6.66 8.72
CA MET A 250 -55.60 -7.83 9.60
C MET A 250 -54.52 -7.76 10.67
N LEU A 251 -53.29 -7.38 10.31
CA LEU A 251 -52.21 -7.21 11.27
C LEU A 251 -52.56 -6.09 12.26
N LYS A 252 -53.15 -4.98 11.78
CA LYS A 252 -53.55 -3.83 12.60
C LYS A 252 -54.63 -4.26 13.60
N LYS A 253 -55.66 -5.00 13.11
CA LYS A 253 -56.78 -5.51 13.91
C LYS A 253 -56.29 -6.36 15.11
N TYR A 254 -55.27 -7.21 14.88
CA TYR A 254 -54.76 -8.12 15.91
C TYR A 254 -53.51 -7.61 16.63
N GLY A 255 -53.24 -6.31 16.53
CA GLY A 255 -52.13 -5.62 17.18
C GLY A 255 -50.75 -6.14 16.83
N ILE A 256 -50.54 -6.57 15.57
CA ILE A 256 -49.25 -7.05 15.13
C ILE A 256 -48.46 -5.82 14.64
N PRO A 257 -47.38 -5.39 15.32
CA PRO A 257 -46.63 -4.23 14.81
C PRO A 257 -45.99 -4.61 13.48
N PHE A 258 -46.09 -3.71 12.50
CA PHE A 258 -45.53 -3.93 11.17
C PHE A 258 -45.18 -2.59 10.54
N ASP A 259 -44.36 -2.62 9.48
CA ASP A 259 -44.00 -1.44 8.74
C ASP A 259 -44.08 -1.77 7.26
N LYS A 260 -44.13 -0.75 6.40
CA LYS A 260 -44.17 -0.93 4.96
C LYS A 260 -43.21 0.01 4.25
N VAL A 261 -42.72 -0.44 3.09
CA VAL A 261 -41.73 0.28 2.27
C VAL A 261 -41.88 -0.11 0.78
N THR A 262 -41.61 0.85 -0.10
CA THR A 262 -41.62 0.60 -1.53
C THR A 262 -40.19 0.71 -2.06
N GLN A 263 -39.73 -0.35 -2.71
CA GLN A 263 -38.41 -0.44 -3.33
C GLN A 263 -38.56 -0.06 -4.80
N GLU A 264 -37.78 0.92 -5.24
CA GLU A 264 -37.80 1.37 -6.64
C GLU A 264 -36.61 0.79 -7.38
N ALA A 265 -36.65 0.78 -8.74
CA ALA A 265 -35.56 0.23 -9.53
C ALA A 265 -34.24 0.87 -9.12
N GLY A 266 -33.20 0.07 -9.03
CA GLY A 266 -31.88 0.55 -8.62
C GLY A 266 -31.63 0.54 -7.12
N GLU A 267 -32.60 0.05 -6.30
CA GLU A 267 -32.46 -0.02 -4.83
C GLU A 267 -32.31 -1.46 -4.29
N PHE A 268 -31.60 -1.61 -3.17
CA PHE A 268 -31.42 -2.86 -2.47
C PHE A 268 -32.34 -2.93 -1.27
N MET A 269 -32.79 -4.15 -0.94
CA MET A 269 -33.52 -4.41 0.31
C MET A 269 -32.75 -5.51 1.00
N ILE A 270 -32.54 -5.37 2.30
CA ILE A 270 -31.86 -6.35 3.13
C ILE A 270 -32.88 -6.87 4.14
N THR A 271 -33.03 -8.19 4.25
CA THR A 271 -33.89 -8.78 5.28
C THR A 271 -32.91 -9.38 6.30
N PHE A 272 -33.32 -9.35 7.56
CA PHE A 272 -32.49 -9.77 8.69
C PHE A 272 -33.00 -11.08 9.29
N PRO A 273 -32.13 -11.86 9.98
CA PRO A 273 -32.58 -13.12 10.61
C PRO A 273 -33.89 -13.01 11.37
N TYR A 274 -34.84 -13.91 11.03
CA TYR A 274 -36.16 -13.99 11.68
C TYR A 274 -37.03 -12.76 11.39
N GLY A 275 -36.69 -12.06 10.31
CA GLY A 275 -37.45 -10.90 9.87
C GLY A 275 -38.55 -11.35 8.92
N TYR A 276 -39.81 -11.46 9.41
CA TYR A 276 -40.95 -11.85 8.56
C TYR A 276 -41.25 -10.75 7.51
N HIS A 277 -41.42 -11.12 6.26
CA HIS A 277 -41.72 -10.16 5.22
C HIS A 277 -42.67 -10.76 4.21
N ALA A 278 -43.37 -9.91 3.46
CA ALA A 278 -44.34 -10.23 2.41
C ALA A 278 -44.45 -8.98 1.55
N GLY A 279 -45.05 -9.10 0.37
CA GLY A 279 -45.21 -7.91 -0.47
C GLY A 279 -45.74 -8.21 -1.84
N PHE A 280 -45.65 -7.23 -2.76
CA PHE A 280 -46.19 -7.42 -4.11
C PHE A 280 -45.52 -6.53 -5.13
N ASN A 281 -45.61 -6.91 -6.42
CA ASN A 281 -45.06 -6.11 -7.51
C ASN A 281 -46.11 -5.15 -8.10
N HIS A 282 -45.66 -3.92 -8.38
CA HIS A 282 -46.52 -2.87 -8.95
C HIS A 282 -46.79 -3.14 -10.43
N GLY A 283 -45.83 -3.75 -11.12
CA GLY A 283 -45.95 -4.04 -12.54
C GLY A 283 -44.72 -4.77 -13.05
N PHE A 284 -44.52 -4.77 -14.38
CA PHE A 284 -43.38 -5.45 -14.98
C PHE A 284 -42.05 -4.98 -14.38
N ASN A 285 -41.28 -5.93 -13.83
CA ASN A 285 -39.99 -5.62 -13.23
C ASN A 285 -39.14 -6.87 -13.16
N CYS A 286 -37.92 -6.73 -12.62
CA CYS A 286 -36.97 -7.82 -12.43
C CYS A 286 -36.11 -7.57 -11.20
N ALA A 287 -36.10 -8.55 -10.26
CA ALA A 287 -35.30 -8.52 -9.03
C ALA A 287 -34.33 -9.68 -8.99
N GLU A 288 -33.19 -9.48 -8.33
CA GLU A 288 -32.16 -10.52 -8.13
C GLU A 288 -31.98 -10.67 -6.63
N SER A 289 -31.89 -11.91 -6.15
CA SER A 289 -31.83 -12.19 -4.73
C SER A 289 -30.96 -13.39 -4.39
N THR A 290 -30.48 -13.43 -3.14
CA THR A 290 -29.73 -14.55 -2.54
C THR A 290 -29.68 -14.37 -1.01
N ASN A 291 -29.26 -15.42 -0.28
CA ASN A 291 -29.10 -15.36 1.18
C ASN A 291 -27.64 -15.11 1.49
N PHE A 292 -27.37 -14.62 2.72
CA PHE A 292 -26.03 -14.36 3.21
C PHE A 292 -26.03 -14.50 4.73
N ALA A 293 -24.86 -14.45 5.36
CA ALA A 293 -24.81 -14.55 6.82
C ALA A 293 -23.79 -13.60 7.44
N THR A 294 -23.90 -13.44 8.77
CA THR A 294 -22.96 -12.72 9.64
C THR A 294 -22.80 -13.64 10.86
N ARG A 295 -21.93 -13.29 11.82
CA ARG A 295 -21.71 -14.08 13.03
C ARG A 295 -22.97 -14.20 13.90
N ARG A 296 -23.80 -13.14 13.92
CA ARG A 296 -25.09 -13.08 14.65
C ARG A 296 -26.08 -14.15 14.14
N TRP A 297 -26.02 -14.51 12.84
CA TRP A 297 -26.92 -15.52 12.28
C TRP A 297 -26.73 -16.93 12.90
N ILE A 298 -25.51 -17.31 13.29
CA ILE A 298 -25.18 -18.64 13.84
C ILE A 298 -26.25 -19.15 14.83
N GLU A 299 -26.60 -18.31 15.83
CA GLU A 299 -27.58 -18.65 16.84
C GLU A 299 -28.97 -18.86 16.24
N TYR A 300 -29.37 -18.00 15.27
CA TYR A 300 -30.66 -18.14 14.58
C TYR A 300 -30.76 -19.49 13.83
N GLY A 301 -29.68 -19.89 13.14
CA GLY A 301 -29.60 -21.15 12.40
C GLY A 301 -29.70 -22.38 13.29
N LYS A 302 -29.14 -22.29 14.52
CA LYS A 302 -29.20 -23.38 15.51
C LYS A 302 -30.64 -23.53 16.05
N GLN A 303 -31.32 -22.39 16.31
CA GLN A 303 -32.67 -22.32 16.88
C GLN A 303 -33.82 -22.31 15.87
N ALA A 304 -33.53 -22.26 14.55
CA ALA A 304 -34.54 -22.20 13.48
C ALA A 304 -35.47 -23.41 13.45
N VAL A 305 -36.79 -23.16 13.36
CA VAL A 305 -37.82 -24.21 13.27
C VAL A 305 -38.12 -24.43 11.79
N LEU A 306 -37.75 -25.63 11.30
CA LEU A 306 -37.88 -26.01 9.88
C LEU A 306 -39.21 -26.71 9.58
N CYS A 307 -39.57 -26.76 8.28
CA CYS A 307 -40.77 -27.45 7.75
C CYS A 307 -40.67 -28.94 8.12
N SER A 308 -41.70 -29.49 8.78
CA SER A 308 -41.74 -30.89 9.20
C SER A 308 -42.52 -31.82 8.22
N CYS A 309 -42.98 -31.26 7.08
CA CYS A 309 -43.70 -31.99 6.02
C CYS A 309 -42.74 -32.95 5.32
N VAL A 314 -35.00 -27.14 3.19
CA VAL A 314 -33.64 -26.60 3.20
C VAL A 314 -33.07 -26.59 4.62
N LYS A 315 -32.10 -27.47 4.86
CA LYS A 315 -31.39 -27.58 6.13
C LYS A 315 -29.89 -27.46 5.89
N ILE A 316 -29.25 -26.54 6.60
CA ILE A 316 -27.82 -26.33 6.53
C ILE A 316 -27.21 -26.86 7.83
N SER A 317 -26.16 -27.71 7.72
CA SER A 317 -25.44 -28.26 8.86
C SER A 317 -24.69 -27.12 9.58
N MET A 318 -25.08 -26.89 10.85
CA MET A 318 -24.55 -25.84 11.72
C MET A 318 -23.21 -26.19 12.36
N ASP A 319 -22.82 -27.50 12.31
CA ASP A 319 -21.58 -28.03 12.89
C ASP A 319 -20.34 -27.21 12.51
N VAL A 320 -20.09 -27.01 11.19
CA VAL A 320 -18.96 -26.24 10.66
C VAL A 320 -18.90 -24.81 11.20
N PHE A 321 -20.09 -24.17 11.38
CA PHE A 321 -20.23 -22.82 11.91
C PHE A 321 -19.98 -22.75 13.41
N VAL A 322 -20.54 -23.73 14.17
CA VAL A 322 -20.38 -23.83 15.62
C VAL A 322 -18.91 -24.15 15.95
N ARG A 323 -18.29 -25.09 15.23
CA ARG A 323 -16.88 -25.43 15.43
C ARG A 323 -15.91 -24.25 15.15
N LYS A 324 -16.21 -23.44 14.12
CA LYS A 324 -15.38 -22.30 13.71
C LYS A 324 -15.57 -21.03 14.52
N PHE A 325 -16.83 -20.66 14.85
CA PHE A 325 -17.15 -19.40 15.55
C PHE A 325 -17.66 -19.55 16.99
N GLN A 326 -18.04 -20.77 17.40
CA GLN A 326 -18.54 -21.04 18.75
C GLN A 326 -17.87 -22.29 19.38
N PRO A 327 -16.50 -22.43 19.39
CA PRO A 327 -15.90 -23.64 20.01
C PRO A 327 -16.13 -23.72 21.53
N GLU A 328 -16.19 -22.57 22.20
CA GLU A 328 -16.41 -22.45 23.65
C GLU A 328 -17.80 -22.96 24.08
N ARG A 329 -18.81 -22.76 23.21
CA ARG A 329 -20.19 -23.19 23.43
C ARG A 329 -20.52 -24.46 22.61
N TYR A 330 -19.50 -25.09 21.99
CA TYR A 330 -19.66 -26.27 21.13
C TYR A 330 -20.12 -27.54 21.88
N LYS A 331 -19.41 -27.91 22.97
CA LYS A 331 -19.70 -29.09 23.80
C LYS A 331 -21.12 -29.05 24.36
N LEU A 332 -21.53 -27.89 24.89
CA LEU A 332 -22.86 -27.65 25.47
C LEU A 332 -23.99 -27.84 24.44
N TRP A 333 -23.76 -27.44 23.17
CA TRP A 333 -24.71 -27.51 22.06
C TRP A 333 -24.98 -28.95 21.57
N LYS A 334 -23.92 -29.73 21.32
CA LYS A 334 -24.02 -31.12 20.87
C LYS A 334 -24.69 -32.04 21.92
N ALA A 335 -24.55 -31.68 23.22
CA ALA A 335 -25.16 -32.40 24.35
C ALA A 335 -26.64 -31.99 24.54
N GLY A 336 -27.02 -30.84 23.98
CA GLY A 336 -28.38 -30.30 24.05
C GLY A 336 -28.66 -29.41 25.24
N LYS A 337 -27.59 -28.90 25.88
CA LYS A 337 -27.67 -28.04 27.07
C LYS A 337 -27.47 -26.55 26.77
N ASP A 338 -27.32 -26.18 25.46
CA ASP A 338 -27.15 -24.80 25.02
C ASP A 338 -28.48 -24.06 25.15
N ASN A 339 -28.68 -23.38 26.30
CA ASN A 339 -29.90 -22.66 26.63
C ASN A 339 -29.79 -21.15 26.33
N THR A 340 -29.11 -20.81 25.22
CA THR A 340 -28.93 -19.43 24.76
C THR A 340 -30.25 -18.85 24.25
N VAL A 341 -30.61 -17.66 24.74
CA VAL A 341 -31.81 -16.94 24.33
C VAL A 341 -31.37 -15.76 23.46
N ILE A 342 -31.94 -15.65 22.25
CA ILE A 342 -31.59 -14.56 21.33
C ILE A 342 -32.20 -13.23 21.76
N ASP A 343 -31.36 -12.17 21.75
CA ASP A 343 -31.77 -10.78 21.98
C ASP A 343 -31.79 -10.17 20.58
N HIS A 344 -32.99 -10.00 19.99
CA HIS A 344 -33.19 -9.47 18.63
C HIS A 344 -32.75 -8.01 18.44
N THR A 345 -32.54 -7.26 19.55
CA THR A 345 -32.10 -5.87 19.47
C THR A 345 -30.57 -5.73 19.32
N LEU A 346 -29.81 -6.78 19.74
CA LEU A 346 -28.36 -6.74 19.69
C LEU A 346 -27.79 -6.78 18.28
N PRO A 347 -26.84 -5.86 17.96
CA PRO A 347 -26.22 -5.94 16.63
C PRO A 347 -25.19 -7.08 16.60
N THR A 348 -24.76 -7.44 15.38
CA THR A 348 -23.76 -8.48 15.14
C THR A 348 -22.41 -8.10 15.82
N PRO A 349 -21.61 -9.06 16.34
CA PRO A 349 -20.33 -8.66 16.99
C PRO A 349 -19.36 -7.87 16.09
N GLU A 350 -19.45 -8.05 14.74
CA GLU A 350 -18.64 -7.33 13.73
C GLU A 350 -18.89 -5.80 13.79
N ALA A 351 -20.01 -5.36 14.40
CA ALA A 351 -20.40 -3.96 14.55
C ALA A 351 -19.65 -3.21 15.67
N ALA A 352 -18.92 -3.95 16.56
CA ALA A 352 -18.16 -3.39 17.70
C ALA A 352 -17.33 -2.15 17.35
N GLU A 353 -16.66 -2.14 16.18
CA GLU A 353 -15.84 -1.03 15.71
C GLU A 353 -16.63 0.27 15.47
N PHE A 354 -17.96 0.17 15.21
CA PHE A 354 -18.86 1.33 15.00
C PHE A 354 -19.55 1.75 16.32
N LEU A 355 -19.27 1.04 17.44
CA LEU A 355 -19.87 1.29 18.75
C LEU A 355 -18.81 1.66 19.81
N MET B 2 52.59 -18.68 13.78
CA MET B 2 51.80 -19.43 14.75
C MET B 2 50.44 -18.75 14.94
N ALA B 3 49.37 -19.52 14.71
CA ALA B 3 47.97 -19.07 14.78
C ALA B 3 47.53 -18.64 16.17
N SER B 4 46.73 -17.55 16.26
CA SER B 4 46.18 -17.07 17.54
C SER B 4 45.07 -18.06 17.99
N GLU B 5 44.60 -17.93 19.24
CA GLU B 5 43.51 -18.75 19.79
C GLU B 5 42.27 -18.69 18.86
N SER B 6 41.88 -17.48 18.41
CA SER B 6 40.71 -17.31 17.54
C SER B 6 40.93 -17.85 16.11
N GLU B 7 42.17 -17.74 15.55
CA GLU B 7 42.51 -18.26 14.22
C GLU B 7 42.52 -19.79 14.24
N THR B 8 42.77 -20.40 15.40
CA THR B 8 42.84 -21.84 15.59
C THR B 8 41.45 -22.50 15.50
N LEU B 9 40.40 -21.77 15.89
CA LEU B 9 39.02 -22.27 15.90
C LEU B 9 38.40 -22.17 14.54
N ASN B 10 37.79 -23.28 14.09
CA ASN B 10 37.15 -23.39 12.77
C ASN B 10 38.11 -22.83 11.69
N PRO B 11 39.33 -23.42 11.55
CA PRO B 11 40.33 -22.83 10.61
C PRO B 11 39.93 -22.84 9.13
N SER B 12 38.93 -23.67 8.72
CA SER B 12 38.49 -23.66 7.33
C SER B 12 37.25 -22.78 7.20
N ALA B 13 36.82 -22.11 8.29
CA ALA B 13 35.61 -21.26 8.27
C ALA B 13 34.38 -21.96 7.65
N ARG B 14 34.13 -23.20 8.09
CA ARG B 14 32.99 -24.01 7.66
C ARG B 14 31.75 -23.61 8.46
N ILE B 15 30.59 -23.78 7.86
CA ILE B 15 29.35 -23.48 8.50
C ILE B 15 29.14 -24.55 9.57
N MET B 16 28.85 -24.12 10.79
CA MET B 16 28.66 -25.00 11.92
C MET B 16 27.17 -25.13 12.28
N THR B 17 26.82 -26.23 12.94
CA THR B 17 25.45 -26.50 13.35
C THR B 17 25.40 -26.67 14.87
N PHE B 18 24.40 -26.10 15.53
CA PHE B 18 24.29 -26.13 16.99
C PHE B 18 22.96 -26.69 17.40
N TYR B 19 22.96 -27.45 18.51
CA TYR B 19 21.79 -28.15 19.07
C TYR B 19 21.55 -27.72 20.54
N PRO B 20 21.15 -26.46 20.81
CA PRO B 20 20.97 -26.04 22.21
C PRO B 20 19.88 -26.80 22.93
N THR B 21 20.06 -26.98 24.24
CA THR B 21 19.07 -27.59 25.12
C THR B 21 18.05 -26.48 25.40
N MET B 22 16.90 -26.82 26.02
CA MET B 22 15.89 -25.81 26.37
C MET B 22 16.49 -24.72 27.29
N GLU B 23 17.36 -25.10 28.25
CA GLU B 23 18.02 -24.16 29.17
C GLU B 23 18.93 -23.15 28.45
N GLU B 24 19.80 -23.63 27.55
CA GLU B 24 20.73 -22.81 26.73
C GLU B 24 19.99 -21.87 25.74
N PHE B 25 18.78 -22.24 25.34
CA PHE B 25 17.90 -21.56 24.38
C PHE B 25 17.10 -20.39 24.98
N ARG B 26 17.18 -20.19 26.30
CA ARG B 26 16.45 -19.10 26.94
C ARG B 26 17.12 -17.73 26.78
N ASN B 27 18.47 -17.68 26.78
CA ASN B 27 19.18 -16.41 26.66
C ASN B 27 19.79 -16.32 25.27
N PHE B 28 19.10 -15.59 24.37
CA PHE B 28 19.49 -15.45 22.97
C PHE B 28 20.93 -14.91 22.79
N SER B 29 21.20 -13.70 23.29
CA SER B 29 22.52 -13.04 23.19
C SER B 29 23.67 -13.94 23.71
N ARG B 30 23.47 -14.60 24.87
CA ARG B 30 24.47 -15.49 25.50
C ARG B 30 24.76 -16.71 24.58
N TYR B 31 23.72 -17.27 23.94
CA TYR B 31 23.93 -18.39 23.00
C TYR B 31 24.69 -17.97 21.76
N ILE B 32 24.47 -16.73 21.27
CA ILE B 32 25.19 -16.17 20.12
C ILE B 32 26.67 -15.98 20.56
N ALA B 33 26.89 -15.48 21.79
CA ALA B 33 28.25 -15.31 22.36
C ALA B 33 28.95 -16.69 22.44
N TYR B 34 28.20 -17.73 22.87
CA TYR B 34 28.69 -19.10 22.90
C TYR B 34 29.08 -19.64 21.51
N ILE B 35 28.23 -19.47 20.47
CA ILE B 35 28.59 -20.06 19.17
C ILE B 35 29.84 -19.35 18.57
N GLU B 36 30.05 -18.05 18.89
CA GLU B 36 31.24 -17.29 18.47
C GLU B 36 32.47 -17.81 19.22
N SER B 37 32.32 -18.23 20.52
CA SER B 37 33.46 -18.80 21.26
C SER B 37 33.93 -20.14 20.60
N GLN B 38 33.09 -20.73 19.73
CA GLN B 38 33.38 -21.96 19.02
C GLN B 38 33.93 -21.68 17.60
N GLY B 39 33.97 -20.40 17.19
CA GLY B 39 34.45 -20.00 15.87
C GLY B 39 33.39 -20.00 14.78
N ALA B 40 32.10 -20.10 15.15
CA ALA B 40 30.98 -20.14 14.16
C ALA B 40 30.92 -18.95 13.20
N HIS B 41 31.17 -17.72 13.72
CA HIS B 41 31.15 -16.45 12.96
C HIS B 41 32.13 -16.43 11.75
N ARG B 42 33.22 -17.23 11.80
CA ARG B 42 34.21 -17.32 10.73
C ARG B 42 33.59 -17.71 9.39
N ALA B 43 32.56 -18.54 9.39
CA ALA B 43 31.87 -18.96 8.17
C ALA B 43 30.97 -17.87 7.58
N GLY B 44 30.49 -16.95 8.43
CA GLY B 44 29.55 -15.89 8.05
C GLY B 44 28.11 -16.33 8.22
N LEU B 45 27.94 -17.64 8.46
CA LEU B 45 26.63 -18.28 8.61
C LEU B 45 26.71 -19.51 9.51
N ALA B 46 25.69 -19.71 10.37
CA ALA B 46 25.56 -20.87 11.26
C ALA B 46 24.12 -21.37 11.30
N LYS B 47 23.96 -22.70 11.48
CA LYS B 47 22.64 -23.28 11.64
C LYS B 47 22.40 -23.55 13.11
N VAL B 48 21.19 -23.24 13.56
CA VAL B 48 20.78 -23.52 14.94
C VAL B 48 19.50 -24.35 14.92
N VAL B 49 19.58 -25.56 15.48
CA VAL B 49 18.45 -26.48 15.55
C VAL B 49 17.81 -26.30 16.95
N PRO B 50 16.57 -25.79 17.04
CA PRO B 50 15.98 -25.57 18.37
C PRO B 50 15.67 -26.86 19.12
N PRO B 51 15.54 -26.85 20.47
CA PRO B 51 15.14 -28.09 21.17
C PRO B 51 13.77 -28.58 20.69
N LYS B 52 13.53 -29.89 20.78
CA LYS B 52 12.25 -30.53 20.39
C LYS B 52 11.03 -29.97 21.17
N GLU B 53 11.25 -29.55 22.44
CA GLU B 53 10.20 -29.01 23.34
C GLU B 53 9.78 -27.54 23.03
N TRP B 54 10.41 -26.90 22.01
CA TRP B 54 10.09 -25.52 21.61
C TRP B 54 9.25 -25.48 20.33
N LYS B 55 8.28 -24.57 20.28
CA LYS B 55 7.41 -24.31 19.11
C LYS B 55 7.11 -22.80 19.10
N PRO B 56 7.20 -22.10 17.95
CA PRO B 56 6.83 -20.67 17.96
C PRO B 56 5.33 -20.43 17.83
N ARG B 57 4.56 -21.42 17.34
CA ARG B 57 3.12 -21.34 17.04
C ARG B 57 2.49 -22.73 17.12
N ALA B 58 1.23 -22.84 17.60
CA ALA B 58 0.53 -24.13 17.72
C ALA B 58 0.24 -24.80 16.36
N SER B 59 -0.19 -24.00 15.36
CA SER B 59 -0.51 -24.46 14.01
C SER B 59 -0.44 -23.32 13.01
N TYR B 60 -0.27 -23.67 11.74
CA TYR B 60 -0.25 -22.70 10.63
C TYR B 60 -1.54 -22.84 9.80
N ASP B 61 -2.64 -23.21 10.47
CA ASP B 61 -3.98 -23.39 9.92
C ASP B 61 -4.68 -22.12 9.46
N ASP B 62 -4.48 -21.00 10.17
CA ASP B 62 -5.22 -19.78 9.82
C ASP B 62 -4.37 -18.76 9.05
N ILE B 63 -3.48 -19.23 8.13
CA ILE B 63 -2.60 -18.30 7.43
C ILE B 63 -2.84 -18.22 5.88
N ASP B 64 -3.71 -19.10 5.27
CA ASP B 64 -4.03 -18.98 3.83
C ASP B 64 -4.76 -17.64 3.50
N ASP B 65 -5.37 -17.01 4.53
CA ASP B 65 -6.03 -15.71 4.45
C ASP B 65 -5.11 -14.51 4.53
N LEU B 66 -3.86 -14.69 4.96
CA LEU B 66 -2.88 -13.62 5.09
C LEU B 66 -2.59 -12.96 3.72
N VAL B 67 -2.48 -11.63 3.70
CA VAL B 67 -2.22 -10.83 2.49
C VAL B 67 -0.73 -10.57 2.34
N ILE B 68 -0.19 -10.85 1.12
CA ILE B 68 1.18 -10.53 0.72
C ILE B 68 0.95 -9.20 -0.06
N PRO B 69 1.24 -8.02 0.55
CA PRO B 69 0.87 -6.74 -0.11
C PRO B 69 1.61 -6.42 -1.40
N ALA B 70 2.88 -6.80 -1.52
CA ALA B 70 3.67 -6.49 -2.71
C ALA B 70 4.52 -7.68 -3.17
N PRO B 71 3.92 -8.76 -3.72
CA PRO B 71 4.77 -9.88 -4.22
C PRO B 71 5.63 -9.43 -5.40
N ILE B 72 6.75 -10.10 -5.62
CA ILE B 72 7.65 -9.73 -6.71
C ILE B 72 7.88 -10.85 -7.68
N GLN B 73 7.87 -10.53 -8.96
CA GLN B 73 8.24 -11.52 -9.95
C GLN B 73 9.72 -11.33 -10.19
N GLN B 74 10.49 -12.41 -10.06
CA GLN B 74 11.96 -12.39 -10.15
C GLN B 74 12.49 -12.72 -11.54
N LEU B 75 12.70 -11.70 -12.34
CA LEU B 75 13.19 -11.79 -13.72
C LEU B 75 14.70 -11.85 -13.66
N VAL B 76 15.32 -12.84 -14.30
CA VAL B 76 16.78 -13.00 -14.24
C VAL B 76 17.35 -13.00 -15.67
N THR B 77 18.44 -12.24 -15.89
CA THR B 77 19.16 -12.15 -17.16
C THR B 77 20.66 -12.44 -16.91
N GLY B 78 21.27 -13.18 -17.82
CA GLY B 78 22.69 -13.49 -17.71
C GLY B 78 23.06 -14.81 -18.31
N GLN B 79 24.33 -15.18 -18.15
CA GLN B 79 24.94 -16.39 -18.71
C GLN B 79 26.26 -16.65 -17.99
N SER B 80 26.84 -17.85 -18.20
CA SER B 80 28.13 -18.29 -17.66
C SER B 80 28.33 -18.00 -16.15
N GLY B 81 27.32 -18.31 -15.35
CA GLY B 81 27.38 -18.16 -13.90
C GLY B 81 27.21 -16.79 -13.28
N LEU B 82 26.96 -15.75 -14.09
CA LEU B 82 26.79 -14.35 -13.65
C LEU B 82 25.44 -13.84 -14.13
N PHE B 83 24.61 -13.37 -13.21
CA PHE B 83 23.26 -12.93 -13.57
C PHE B 83 22.85 -11.68 -12.82
N THR B 84 21.86 -10.94 -13.39
CA THR B 84 21.25 -9.78 -12.74
C THR B 84 19.79 -10.14 -12.55
N GLN B 85 19.28 -9.92 -11.33
CA GLN B 85 17.90 -10.19 -10.97
C GLN B 85 17.12 -8.86 -10.88
N TYR B 86 15.97 -8.81 -11.56
CA TYR B 86 15.07 -7.66 -11.59
C TYR B 86 13.81 -8.06 -10.84
N ASN B 87 13.51 -7.36 -9.74
CA ASN B 87 12.38 -7.68 -8.86
C ASN B 87 11.17 -6.80 -9.11
N ILE B 88 10.24 -7.33 -9.94
CA ILE B 88 9.05 -6.61 -10.41
C ILE B 88 7.83 -6.78 -9.52
N GLN B 89 7.39 -5.67 -8.91
CA GLN B 89 6.23 -5.65 -8.01
C GLN B 89 4.95 -5.99 -8.75
N LYS B 90 4.22 -6.98 -8.22
CA LYS B 90 2.93 -7.42 -8.73
C LYS B 90 1.88 -6.95 -7.74
N LYS B 91 0.58 -7.07 -8.09
CA LYS B 91 -0.48 -6.68 -7.16
C LYS B 91 -0.55 -7.63 -5.96
N ALA B 92 -1.14 -7.14 -4.85
CA ALA B 92 -1.38 -7.86 -3.61
C ALA B 92 -2.14 -9.15 -3.89
N MET B 93 -1.77 -10.21 -3.16
CA MET B 93 -2.42 -11.52 -3.26
C MET B 93 -2.42 -12.18 -1.90
N THR B 94 -3.32 -13.15 -1.70
CA THR B 94 -3.35 -13.90 -0.44
C THR B 94 -2.36 -15.05 -0.49
N VAL B 95 -2.04 -15.63 0.68
CA VAL B 95 -1.17 -16.81 0.80
C VAL B 95 -1.82 -18.01 0.03
N ARG B 96 -3.16 -18.06 0.01
CA ARG B 96 -3.99 -19.04 -0.72
C ARG B 96 -3.72 -18.96 -2.25
N GLU B 97 -3.81 -17.76 -2.84
CA GLU B 97 -3.55 -17.48 -4.26
C GLU B 97 -2.07 -17.81 -4.59
N PHE B 98 -1.15 -17.43 -3.67
CA PHE B 98 0.30 -17.65 -3.79
C PHE B 98 0.64 -19.17 -3.82
N ARG B 99 0.09 -19.94 -2.85
CA ARG B 99 0.31 -21.39 -2.72
C ARG B 99 -0.23 -22.16 -3.96
N LYS B 100 -1.37 -21.70 -4.56
CA LYS B 100 -1.91 -22.29 -5.80
C LYS B 100 -0.88 -22.15 -6.92
N ILE B 101 -0.28 -20.95 -7.07
CA ILE B 101 0.73 -20.74 -8.10
C ILE B 101 1.97 -21.60 -7.81
N ALA B 102 2.46 -21.62 -6.57
CA ALA B 102 3.65 -22.38 -6.16
C ALA B 102 3.53 -23.89 -6.48
N ASN B 103 2.32 -24.45 -6.32
CA ASN B 103 2.02 -25.87 -6.55
C ASN B 103 1.56 -26.22 -7.99
N SER B 104 1.37 -25.21 -8.87
CA SER B 104 0.92 -25.43 -10.26
C SER B 104 2.00 -26.12 -11.09
N ASP B 105 1.62 -26.76 -12.20
CA ASP B 105 2.56 -27.46 -13.08
C ASP B 105 3.71 -26.61 -13.58
N LYS B 106 3.44 -25.33 -13.86
CA LYS B 106 4.45 -24.39 -14.35
C LYS B 106 5.49 -24.04 -13.27
N TYR B 107 5.07 -23.85 -12.01
CA TYR B 107 6.02 -23.37 -10.99
C TYR B 107 6.46 -24.37 -9.91
N CYS B 108 5.88 -25.59 -9.86
CA CYS B 108 6.21 -26.56 -8.81
C CYS B 108 7.67 -27.05 -8.83
N THR B 109 8.10 -27.60 -7.68
CA THR B 109 9.46 -28.14 -7.51
C THR B 109 9.65 -29.29 -8.47
N PRO B 110 10.77 -29.37 -9.22
CA PRO B 110 11.00 -30.57 -10.06
C PRO B 110 11.34 -31.79 -9.19
N ARG B 111 11.27 -33.02 -9.74
CA ARG B 111 11.66 -34.23 -9.00
C ARG B 111 13.18 -34.23 -8.73
N TYR B 112 13.62 -34.70 -7.53
CA TYR B 112 15.04 -34.76 -7.15
C TYR B 112 15.35 -35.81 -6.09
N SER B 113 16.51 -36.50 -6.24
CA SER B 113 16.99 -37.55 -5.33
C SER B 113 17.84 -36.94 -4.20
N GLU B 114 18.74 -36.01 -4.56
CA GLU B 114 19.65 -35.34 -3.62
C GLU B 114 19.61 -33.83 -3.85
N PHE B 115 20.08 -33.03 -2.88
N PHE B 115 20.07 -33.05 -2.87
CA PHE B 115 20.09 -31.57 -3.02
CA PHE B 115 20.09 -31.58 -2.95
C PHE B 115 20.92 -31.16 -4.24
C PHE B 115 21.00 -31.07 -4.09
N GLU B 116 22.04 -31.86 -4.48
CA GLU B 116 22.99 -31.58 -5.56
C GLU B 116 22.33 -31.56 -6.93
N GLU B 117 21.35 -32.48 -7.15
CA GLU B 117 20.56 -32.56 -8.38
C GLU B 117 19.67 -31.29 -8.50
N LEU B 118 19.01 -30.87 -7.38
CA LEU B 118 18.19 -29.66 -7.35
C LEU B 118 19.01 -28.39 -7.58
N GLU B 119 20.22 -28.36 -7.01
CA GLU B 119 21.16 -27.27 -7.17
C GLU B 119 21.55 -27.11 -8.67
N ARG B 120 21.87 -28.22 -9.35
CA ARG B 120 22.19 -28.18 -10.78
C ARG B 120 20.97 -27.66 -11.56
N LYS B 121 19.74 -28.12 -11.22
CA LYS B 121 18.51 -27.67 -11.86
C LYS B 121 18.27 -26.17 -11.66
N TYR B 122 18.58 -25.66 -10.47
CA TYR B 122 18.43 -24.25 -10.17
C TYR B 122 19.35 -23.38 -11.07
N TRP B 123 20.66 -23.69 -11.07
CA TRP B 123 21.65 -22.93 -11.83
C TRP B 123 21.46 -23.08 -13.34
N LYS B 124 20.87 -24.19 -13.80
CA LYS B 124 20.59 -24.40 -15.22
C LYS B 124 19.28 -23.67 -15.65
N ASN B 125 18.29 -23.53 -14.75
CA ASN B 125 16.99 -22.98 -15.12
C ASN B 125 16.62 -21.64 -14.49
N LEU B 126 17.54 -21.00 -13.75
CA LEU B 126 17.21 -19.77 -13.02
C LEU B 126 16.74 -18.62 -13.92
N THR B 127 17.09 -18.61 -15.21
CA THR B 127 16.60 -17.52 -16.09
C THR B 127 15.25 -17.85 -16.76
N PHE B 128 14.67 -19.07 -16.56
CA PHE B 128 13.40 -19.44 -17.21
C PHE B 128 12.23 -19.43 -16.23
N ASN B 129 10.99 -19.27 -16.74
CA ASN B 129 9.74 -19.28 -15.94
C ASN B 129 9.88 -18.48 -14.63
N PRO B 130 10.09 -17.14 -14.74
CA PRO B 130 10.35 -16.35 -13.53
C PRO B 130 9.29 -16.53 -12.45
N PRO B 131 9.71 -16.98 -11.26
CA PRO B 131 8.74 -17.23 -10.18
C PRO B 131 8.34 -15.95 -9.45
N ILE B 132 7.37 -16.10 -8.53
CA ILE B 132 6.89 -15.02 -7.69
C ILE B 132 7.38 -15.28 -6.27
N TYR B 133 7.93 -14.24 -5.59
CA TYR B 133 8.43 -14.34 -4.22
C TYR B 133 7.58 -13.43 -3.38
N GLY B 134 6.94 -13.98 -2.34
CA GLY B 134 6.11 -13.20 -1.41
C GLY B 134 7.00 -12.59 -0.34
N ALA B 135 7.94 -11.74 -0.79
CA ALA B 135 8.97 -11.14 0.06
C ALA B 135 8.53 -9.90 0.83
N ASP B 136 9.26 -9.61 1.92
CA ASP B 136 9.12 -8.41 2.75
C ASP B 136 7.72 -8.15 3.32
N VAL B 137 7.01 -9.20 3.76
CA VAL B 137 5.68 -9.02 4.34
C VAL B 137 5.93 -8.57 5.78
N ASN B 138 5.39 -7.43 6.22
CA ASN B 138 5.56 -6.99 7.60
C ASN B 138 4.69 -7.89 8.46
N GLY B 139 5.30 -8.57 9.41
CA GLY B 139 4.53 -9.45 10.29
C GLY B 139 5.35 -10.51 10.99
N THR B 140 4.70 -11.20 11.93
CA THR B 140 5.28 -12.31 12.68
C THR B 140 4.30 -13.51 12.70
N LEU B 141 4.83 -14.73 12.79
CA LEU B 141 3.99 -15.92 12.92
C LEU B 141 4.16 -16.52 14.33
N TYR B 142 4.99 -15.87 15.17
CA TYR B 142 5.20 -16.29 16.55
C TYR B 142 3.99 -15.88 17.34
N GLU B 143 3.55 -16.73 18.30
CA GLU B 143 2.51 -16.36 19.24
C GLU B 143 3.16 -15.34 20.20
N LYS B 144 2.37 -14.35 20.66
CA LYS B 144 2.84 -13.25 21.51
C LYS B 144 3.62 -13.66 22.77
N HIS B 145 3.25 -14.80 23.41
CA HIS B 145 3.87 -15.24 24.68
C HIS B 145 5.24 -15.96 24.56
N VAL B 146 5.60 -16.47 23.35
CA VAL B 146 6.85 -17.18 23.13
C VAL B 146 8.05 -16.30 23.55
N ASP B 147 8.73 -16.70 24.62
CA ASP B 147 9.87 -15.97 25.21
C ASP B 147 11.21 -16.30 24.57
N GLU B 148 11.34 -17.51 24.01
CA GLU B 148 12.62 -17.97 23.44
C GLU B 148 12.76 -17.73 21.96
N TRP B 149 13.88 -17.06 21.57
CA TRP B 149 14.29 -16.79 20.18
C TRP B 149 13.12 -16.18 19.38
N ASN B 150 12.37 -15.28 20.05
CA ASN B 150 11.24 -14.61 19.43
C ASN B 150 11.79 -13.51 18.56
N ILE B 151 11.69 -13.70 17.25
CA ILE B 151 12.21 -12.76 16.23
C ILE B 151 11.61 -11.35 16.40
N GLY B 152 10.41 -11.25 17.00
CA GLY B 152 9.76 -9.96 17.26
C GLY B 152 10.35 -9.19 18.42
N ARG B 153 11.10 -9.87 19.33
CA ARG B 153 11.70 -9.29 20.54
C ARG B 153 12.93 -10.07 21.05
N LEU B 154 14.03 -10.01 20.30
CA LEU B 154 15.26 -10.70 20.67
C LEU B 154 16.00 -10.08 21.86
N ARG B 155 15.73 -8.79 22.13
CA ARG B 155 16.29 -8.00 23.23
C ARG B 155 17.81 -7.82 23.15
N THR B 156 18.35 -7.66 21.92
CA THR B 156 19.78 -7.42 21.73
C THR B 156 20.05 -5.91 21.80
N ILE B 157 21.33 -5.48 21.74
CA ILE B 157 21.67 -4.04 21.81
C ILE B 157 21.13 -3.24 20.58
N LEU B 158 20.63 -3.93 19.53
CA LEU B 158 20.00 -3.25 18.39
C LEU B 158 18.77 -2.46 18.86
N ASP B 159 18.17 -2.89 20.01
CA ASP B 159 17.03 -2.22 20.63
C ASP B 159 17.29 -0.75 20.97
N LEU B 160 18.58 -0.33 21.06
CA LEU B 160 18.92 1.07 21.38
C LEU B 160 18.56 2.05 20.26
N VAL B 161 18.46 1.57 19.00
CA VAL B 161 18.07 2.41 17.85
C VAL B 161 16.66 3.00 18.09
N GLU B 162 15.63 2.13 18.25
CA GLU B 162 14.25 2.57 18.52
C GLU B 162 14.14 3.23 19.91
N LYS B 163 14.93 2.78 20.91
CA LYS B 163 14.87 3.39 22.25
C LYS B 163 15.38 4.85 22.25
N GLU B 164 16.47 5.12 21.50
CA GLU B 164 17.09 6.44 21.42
C GLU B 164 16.30 7.43 20.55
N SER B 165 15.93 7.02 19.33
CA SER B 165 15.27 7.89 18.37
C SER B 165 13.78 7.63 18.11
N GLY B 166 13.31 6.44 18.48
CA GLY B 166 11.92 6.02 18.22
C GLY B 166 11.71 5.63 16.77
N ILE B 167 12.81 5.41 16.05
CA ILE B 167 12.80 5.07 14.63
C ILE B 167 12.60 3.58 14.41
N THR B 168 11.55 3.28 13.64
CA THR B 168 11.20 1.93 13.19
C THR B 168 11.79 1.75 11.79
N ILE B 169 12.56 0.67 11.60
CA ILE B 169 13.16 0.26 10.34
C ILE B 169 12.60 -1.13 10.01
N GLU B 170 11.58 -1.18 9.15
CA GLU B 170 10.86 -2.40 8.77
C GLU B 170 11.79 -3.50 8.27
N GLY B 171 11.69 -4.68 8.88
CA GLY B 171 12.53 -5.82 8.55
C GLY B 171 13.89 -5.79 9.25
N VAL B 172 14.31 -4.62 9.77
CA VAL B 172 15.61 -4.46 10.44
C VAL B 172 15.41 -4.55 11.97
N ASN B 173 14.54 -3.68 12.54
CA ASN B 173 14.24 -3.81 13.98
C ASN B 173 12.78 -4.30 14.13
N THR B 174 12.19 -4.78 13.04
CA THR B 174 10.84 -5.34 13.03
C THR B 174 10.89 -6.63 12.17
N PRO B 175 9.99 -7.61 12.34
CA PRO B 175 10.12 -8.85 11.54
C PRO B 175 9.52 -8.80 10.14
N TYR B 176 10.12 -9.56 9.21
CA TYR B 176 9.63 -9.75 7.84
C TYR B 176 9.26 -11.21 7.62
N LEU B 177 8.19 -11.47 6.86
CA LEU B 177 7.82 -12.83 6.42
C LEU B 177 8.17 -12.96 4.96
N TYR B 178 8.71 -14.14 4.56
CA TYR B 178 9.05 -14.44 3.16
C TYR B 178 8.33 -15.72 2.74
N PHE B 179 7.42 -15.61 1.78
CA PHE B 179 6.68 -16.75 1.28
C PHE B 179 7.35 -17.15 -0.02
N GLY B 180 8.01 -18.29 0.00
CA GLY B 180 8.76 -18.75 -1.17
C GLY B 180 8.10 -19.81 -2.01
N MET B 181 8.62 -19.95 -3.23
CA MET B 181 8.25 -21.01 -4.17
C MET B 181 9.53 -21.49 -4.82
N TRP B 182 9.47 -22.60 -5.56
CA TRP B 182 10.66 -23.15 -6.22
C TRP B 182 11.37 -22.07 -7.02
N LYS B 183 12.71 -22.02 -6.91
CA LYS B 183 13.58 -21.14 -7.69
C LYS B 183 13.53 -19.67 -7.26
N THR B 184 12.74 -19.28 -6.22
CA THR B 184 12.81 -17.89 -5.75
C THR B 184 14.17 -17.77 -5.06
N SER B 185 14.79 -16.59 -5.20
CA SER B 185 16.13 -16.34 -4.71
C SER B 185 16.43 -15.06 -3.96
N PHE B 186 17.53 -15.11 -3.23
CA PHE B 186 18.09 -13.97 -2.55
C PHE B 186 19.53 -13.86 -3.11
N ALA B 187 19.84 -12.69 -3.63
CA ALA B 187 21.12 -12.37 -4.27
C ALA B 187 22.24 -12.12 -3.26
N TRP B 188 23.48 -12.08 -3.72
CA TRP B 188 24.59 -11.88 -2.79
C TRP B 188 24.52 -10.53 -2.10
N HIS B 189 24.60 -10.58 -0.77
CA HIS B 189 24.55 -9.38 0.06
C HIS B 189 24.99 -9.63 1.50
N THR B 190 25.24 -8.54 2.19
CA THR B 190 25.53 -8.51 3.61
C THR B 190 24.32 -7.74 4.14
N GLU B 191 24.06 -7.79 5.44
CA GLU B 191 22.90 -7.10 5.99
C GLU B 191 23.08 -5.57 6.00
N ASP B 192 21.98 -4.80 6.16
CA ASP B 192 22.12 -3.34 6.31
C ASP B 192 23.05 -3.05 7.50
N MET B 193 24.00 -2.12 7.30
CA MET B 193 24.98 -1.66 8.31
C MET B 193 25.85 -2.82 8.76
N ASP B 194 25.91 -3.89 7.93
CA ASP B 194 26.64 -5.14 8.20
C ASP B 194 26.21 -5.75 9.54
N LEU B 195 24.92 -5.72 9.84
CA LEU B 195 24.35 -6.29 11.05
C LEU B 195 24.24 -7.82 11.01
N TYR B 196 23.92 -8.42 12.14
CA TYR B 196 23.67 -9.84 12.23
C TYR B 196 22.22 -10.02 11.74
N SER B 197 21.83 -11.22 11.37
CA SER B 197 20.46 -11.54 10.99
C SER B 197 20.08 -12.93 11.50
N ILE B 198 18.79 -13.15 11.75
CA ILE B 198 18.27 -14.43 12.21
C ILE B 198 17.14 -14.78 11.22
N ASN B 199 17.10 -16.04 10.77
CA ASN B 199 16.10 -16.50 9.83
C ASN B 199 15.53 -17.82 10.31
N TYR B 200 14.22 -17.87 10.52
CA TYR B 200 13.54 -19.07 10.95
C TYR B 200 12.62 -19.59 9.86
N LEU B 201 12.78 -20.87 9.49
CA LEU B 201 11.89 -21.48 8.50
C LEU B 201 10.70 -22.11 9.21
N HIS B 202 9.55 -21.39 9.23
CA HIS B 202 8.30 -21.82 9.87
C HIS B 202 7.77 -23.16 9.33
N PHE B 203 7.63 -23.29 8.00
CA PHE B 203 7.11 -24.52 7.39
C PHE B 203 7.49 -24.57 5.92
N GLY B 204 7.25 -25.73 5.32
CA GLY B 204 7.39 -25.98 3.89
C GLY B 204 8.69 -26.62 3.47
N GLU B 205 8.98 -26.47 2.17
CA GLU B 205 10.18 -26.99 1.50
C GLU B 205 11.45 -26.27 1.91
N PRO B 206 12.64 -26.90 1.77
CA PRO B 206 13.86 -26.24 2.26
C PRO B 206 14.25 -24.91 1.60
N LYS B 207 15.26 -24.27 2.20
CA LYS B 207 15.91 -23.06 1.71
C LYS B 207 17.40 -23.36 1.73
N SER B 208 18.07 -23.29 0.57
CA SER B 208 19.53 -23.52 0.50
C SER B 208 20.27 -22.19 0.52
N TRP B 209 21.44 -22.18 1.20
CA TRP B 209 22.26 -20.99 1.39
C TRP B 209 23.70 -21.22 0.92
N TYR B 210 24.33 -20.14 0.46
CA TYR B 210 25.75 -20.06 0.11
C TYR B 210 26.29 -18.96 1.00
N SER B 211 27.51 -19.12 1.50
CA SER B 211 28.13 -18.11 2.34
C SER B 211 29.58 -17.92 1.95
N VAL B 212 30.10 -16.69 2.11
CA VAL B 212 31.51 -16.39 1.91
C VAL B 212 32.02 -15.96 3.30
N PRO B 213 33.12 -16.52 3.81
CA PRO B 213 33.61 -16.08 5.12
C PRO B 213 33.84 -14.55 5.18
N PRO B 214 33.46 -13.85 6.28
CA PRO B 214 33.73 -12.39 6.36
C PRO B 214 35.22 -12.03 6.09
N GLU B 215 36.15 -12.94 6.43
CA GLU B 215 37.59 -12.69 6.17
C GLU B 215 37.96 -12.78 4.66
N HIS B 216 37.00 -13.16 3.79
CA HIS B 216 37.16 -13.23 2.33
C HIS B 216 36.13 -12.36 1.59
N GLY B 217 35.28 -11.65 2.32
CA GLY B 217 34.24 -10.77 1.77
C GLY B 217 34.76 -9.76 0.76
N LYS B 218 35.96 -9.16 1.01
CA LYS B 218 36.59 -8.19 0.10
C LYS B 218 36.97 -8.80 -1.25
N ARG B 219 37.29 -10.10 -1.28
CA ARG B 219 37.61 -10.86 -2.51
C ARG B 219 36.38 -10.98 -3.38
N LEU B 220 35.20 -11.23 -2.76
CA LEU B 220 33.93 -11.30 -3.48
C LEU B 220 33.60 -9.92 -4.07
N GLU B 221 33.74 -8.83 -3.28
CA GLU B 221 33.51 -7.45 -3.75
C GLU B 221 34.36 -7.12 -4.98
N ARG B 222 35.70 -7.43 -4.91
CA ARG B 222 36.62 -7.21 -6.04
C ARG B 222 36.15 -7.98 -7.27
N LEU B 223 35.71 -9.26 -7.10
CA LEU B 223 35.15 -10.06 -8.20
C LEU B 223 33.96 -9.36 -8.88
N ALA B 224 32.96 -8.94 -8.06
CA ALA B 224 31.75 -8.25 -8.49
C ALA B 224 32.03 -6.91 -9.22
N LYS B 225 33.01 -6.10 -8.73
CA LYS B 225 33.39 -4.83 -9.38
C LYS B 225 33.97 -5.04 -10.78
N GLY B 226 34.76 -6.11 -10.94
CA GLY B 226 35.37 -6.48 -12.21
C GLY B 226 34.36 -6.86 -13.28
N PHE B 227 33.33 -7.62 -12.89
CA PHE B 227 32.27 -8.06 -13.80
C PHE B 227 31.21 -6.99 -14.07
N PHE B 228 31.05 -6.05 -13.13
CA PHE B 228 30.08 -4.97 -13.25
C PHE B 228 30.80 -3.63 -13.05
N PRO B 229 31.65 -3.19 -14.03
CA PRO B 229 32.34 -1.90 -13.86
C PRO B 229 31.37 -0.72 -13.86
N GLY B 230 30.29 -0.83 -14.63
CA GLY B 230 29.25 0.18 -14.72
C GLY B 230 28.55 0.43 -13.38
N SER B 231 28.12 -0.67 -12.72
CA SER B 231 27.44 -0.62 -11.41
C SER B 231 28.36 -0.11 -10.29
N ALA B 232 29.67 -0.48 -10.36
CA ALA B 232 30.69 -0.08 -9.40
C ALA B 232 30.98 1.43 -9.48
N GLN B 233 30.87 2.02 -10.69
CA GLN B 233 31.06 3.44 -10.96
C GLN B 233 29.86 4.27 -10.44
N SER B 234 28.64 3.70 -10.56
CA SER B 234 27.40 4.34 -10.14
C SER B 234 27.12 4.28 -8.62
N CYS B 235 27.53 3.20 -7.96
CA CYS B 235 27.31 3.02 -6.52
C CYS B 235 28.55 2.55 -5.77
N GLU B 236 28.71 3.01 -4.51
CA GLU B 236 29.81 2.64 -3.63
C GLU B 236 29.66 1.20 -3.13
N ALA B 237 28.41 0.72 -3.02
CA ALA B 237 28.13 -0.62 -2.53
C ALA B 237 26.92 -1.20 -3.30
N PHE B 238 27.12 -1.45 -4.62
CA PHE B 238 26.08 -1.93 -5.55
C PHE B 238 25.51 -3.31 -5.18
N LEU B 239 26.31 -4.19 -4.51
CA LEU B 239 25.80 -5.49 -4.06
C LEU B 239 24.61 -5.31 -3.07
N ARG B 240 24.50 -4.11 -2.43
CA ARG B 240 23.40 -3.79 -1.50
C ARG B 240 22.06 -3.66 -2.22
N HIS B 241 22.07 -3.56 -3.57
CA HIS B 241 20.83 -3.52 -4.35
C HIS B 241 20.16 -4.89 -4.36
N LYS B 242 20.90 -5.96 -3.95
CA LYS B 242 20.43 -7.37 -3.92
C LYS B 242 19.94 -7.84 -5.30
N MET B 243 20.72 -7.58 -6.36
CA MET B 243 20.38 -7.95 -7.74
C MET B 243 21.45 -8.87 -8.39
N THR B 244 22.55 -9.14 -7.70
CA THR B 244 23.65 -9.90 -8.30
C THR B 244 23.67 -11.38 -7.90
N LEU B 245 23.53 -12.26 -8.89
CA LEU B 245 23.56 -13.71 -8.68
C LEU B 245 24.86 -14.22 -9.24
N ILE B 246 25.57 -15.06 -8.47
CA ILE B 246 26.88 -15.61 -8.87
C ILE B 246 26.89 -17.07 -8.47
N SER B 247 27.05 -17.97 -9.45
CA SER B 247 27.08 -19.40 -9.19
C SER B 247 28.30 -19.89 -8.38
N PRO B 248 28.16 -21.04 -7.67
CA PRO B 248 29.31 -21.60 -6.94
C PRO B 248 30.46 -22.03 -7.85
N LEU B 249 30.16 -22.35 -9.13
CA LEU B 249 31.17 -22.71 -10.13
C LEU B 249 32.07 -21.50 -10.44
N MET B 250 31.47 -20.30 -10.44
CA MET B 250 32.18 -19.05 -10.67
C MET B 250 33.05 -18.68 -9.46
N LEU B 251 32.51 -18.83 -8.23
CA LEU B 251 33.28 -18.60 -7.01
C LEU B 251 34.49 -19.56 -6.97
N LYS B 252 34.30 -20.85 -7.36
CA LYS B 252 35.42 -21.81 -7.41
C LYS B 252 36.50 -21.40 -8.45
N LYS B 253 36.10 -20.99 -9.65
CA LYS B 253 37.00 -20.56 -10.72
C LYS B 253 37.88 -19.36 -10.28
N TYR B 254 37.27 -18.42 -9.54
CA TYR B 254 37.93 -17.20 -9.12
C TYR B 254 38.56 -17.25 -7.72
N GLY B 255 38.66 -18.46 -7.15
CA GLY B 255 39.31 -18.69 -5.86
C GLY B 255 38.65 -18.03 -4.67
N ILE B 256 37.32 -17.89 -4.72
CA ILE B 256 36.58 -17.30 -3.61
C ILE B 256 36.18 -18.44 -2.69
N PRO B 257 36.72 -18.55 -1.46
CA PRO B 257 36.26 -19.62 -0.56
C PRO B 257 34.79 -19.42 -0.22
N PHE B 258 34.02 -20.51 -0.20
CA PHE B 258 32.61 -20.46 0.14
C PHE B 258 32.15 -21.78 0.77
N ASP B 259 31.00 -21.75 1.42
CA ASP B 259 30.41 -22.97 1.94
C ASP B 259 28.91 -22.96 1.57
N LYS B 260 28.23 -24.09 1.69
CA LYS B 260 26.80 -24.21 1.42
C LYS B 260 26.08 -25.06 2.46
N VAL B 261 24.80 -24.78 2.67
CA VAL B 261 24.01 -25.52 3.67
C VAL B 261 22.54 -25.46 3.27
N THR B 262 21.78 -26.49 3.66
CA THR B 262 20.33 -26.47 3.39
C THR B 262 19.61 -26.33 4.74
N GLN B 263 18.73 -25.34 4.85
CA GLN B 263 17.92 -25.11 6.05
C GLN B 263 16.58 -25.81 5.82
N GLU B 264 16.14 -26.64 6.78
CA GLU B 264 14.87 -27.34 6.70
C GLU B 264 13.85 -26.75 7.66
N ALA B 265 12.56 -27.06 7.47
CA ALA B 265 11.48 -26.51 8.31
C ALA B 265 11.80 -26.74 9.77
N GLY B 266 11.59 -25.72 10.60
CA GLY B 266 11.87 -25.79 12.02
C GLY B 266 13.31 -25.47 12.39
N GLU B 267 14.13 -24.98 11.43
CA GLU B 267 15.52 -24.60 11.72
C GLU B 267 15.81 -23.10 11.58
N PHE B 268 16.77 -22.62 12.39
CA PHE B 268 17.24 -21.25 12.33
C PHE B 268 18.54 -21.19 11.56
N MET B 269 18.72 -20.05 10.88
CA MET B 269 20.00 -19.68 10.28
C MET B 269 20.38 -18.33 10.89
N ILE B 270 21.65 -18.21 11.28
CA ILE B 270 22.22 -16.98 11.82
C ILE B 270 23.24 -16.46 10.83
N THR B 271 23.14 -15.17 10.44
CA THR B 271 24.16 -14.56 9.59
C THR B 271 24.94 -13.59 10.47
N PHE B 272 26.22 -13.49 10.20
CA PHE B 272 27.15 -12.68 10.99
C PHE B 272 27.56 -11.40 10.27
N PRO B 273 28.04 -10.37 11.02
CA PRO B 273 28.48 -9.11 10.39
C PRO B 273 29.47 -9.33 9.26
N TYR B 274 29.16 -8.73 8.10
CA TYR B 274 29.97 -8.80 6.89
C TYR B 274 30.06 -10.22 6.28
N GLY B 275 29.08 -11.05 6.62
CA GLY B 275 28.94 -12.41 6.08
C GLY B 275 28.08 -12.36 4.84
N TYR B 276 28.71 -12.38 3.67
CA TYR B 276 27.98 -12.39 2.38
C TYR B 276 27.24 -13.72 2.23
N HIS B 277 25.97 -13.65 1.84
CA HIS B 277 25.16 -14.84 1.62
C HIS B 277 24.23 -14.65 0.44
N ALA B 278 23.78 -15.76 -0.15
CA ALA B 278 22.86 -15.85 -1.29
C ALA B 278 22.20 -17.23 -1.17
N GLY B 279 21.13 -17.46 -1.91
CA GLY B 279 20.49 -18.76 -1.87
C GLY B 279 19.19 -18.84 -2.62
N PHE B 280 18.46 -19.96 -2.42
CA PHE B 280 17.20 -20.16 -3.13
C PHE B 280 16.25 -21.07 -2.36
N ASN B 281 14.96 -20.98 -2.68
CA ASN B 281 13.94 -21.83 -2.06
C ASN B 281 13.67 -23.08 -2.89
N HIS B 282 13.50 -24.23 -2.24
CA HIS B 282 13.24 -25.53 -2.92
C HIS B 282 11.78 -25.65 -3.36
N GLY B 283 10.87 -24.93 -2.72
CA GLY B 283 9.45 -24.99 -3.06
C GLY B 283 8.64 -24.12 -2.14
N PHE B 284 7.33 -24.36 -2.05
CA PHE B 284 6.46 -23.54 -1.16
C PHE B 284 6.94 -23.59 0.30
N ASN B 285 7.20 -22.42 0.91
CA ASN B 285 7.67 -22.32 2.29
C ASN B 285 7.43 -20.92 2.88
N CYS B 286 7.82 -20.76 4.15
CA CYS B 286 7.65 -19.52 4.85
C CYS B 286 8.71 -19.37 5.89
N ALA B 287 9.47 -18.26 5.80
CA ALA B 287 10.51 -17.90 6.73
C ALA B 287 10.22 -16.55 7.36
N GLU B 288 10.78 -16.36 8.56
CA GLU B 288 10.63 -15.11 9.29
C GLU B 288 12.04 -14.65 9.58
N SER B 289 12.28 -13.34 9.43
CA SER B 289 13.59 -12.76 9.59
C SER B 289 13.58 -11.36 10.19
N THR B 290 14.72 -10.98 10.79
CA THR B 290 15.01 -9.64 11.34
C THR B 290 16.53 -9.51 11.54
N ASN B 291 17.01 -8.30 11.85
CA ASN B 291 18.43 -8.06 12.16
C ASN B 291 18.60 -7.97 13.66
N PHE B 292 19.86 -8.12 14.13
CA PHE B 292 20.19 -7.97 15.55
C PHE B 292 21.67 -7.57 15.65
N ALA B 293 22.13 -7.28 16.87
CA ALA B 293 23.51 -6.87 17.09
C ALA B 293 24.07 -7.46 18.38
N THR B 294 25.40 -7.43 18.51
CA THR B 294 26.18 -7.75 19.70
C THR B 294 27.19 -6.61 19.76
N ARG B 295 28.00 -6.53 20.83
CA ARG B 295 29.04 -5.52 20.96
C ARG B 295 30.05 -5.51 19.81
N ARG B 296 30.44 -6.71 19.29
CA ARG B 296 31.40 -6.86 18.17
C ARG B 296 30.88 -6.14 16.90
N TRP B 297 29.57 -6.08 16.71
CA TRP B 297 28.98 -5.42 15.54
C TRP B 297 29.29 -3.92 15.47
N ILE B 298 29.50 -3.23 16.63
CA ILE B 298 29.66 -1.78 16.66
C ILE B 298 30.73 -1.30 15.68
N GLU B 299 31.90 -1.95 15.67
CA GLU B 299 32.98 -1.59 14.74
C GLU B 299 32.55 -1.78 13.28
N TYR B 300 31.82 -2.89 12.97
CA TYR B 300 31.28 -3.16 11.63
C TYR B 300 30.32 -2.05 11.23
N GLY B 301 29.42 -1.66 12.14
CA GLY B 301 28.46 -0.57 11.93
C GLY B 301 29.16 0.74 11.61
N LYS B 302 30.23 1.06 12.35
CA LYS B 302 31.04 2.27 12.15
C LYS B 302 31.73 2.28 10.78
N GLN B 303 32.13 1.10 10.29
CA GLN B 303 32.90 0.93 9.05
C GLN B 303 32.09 0.47 7.82
N ALA B 304 30.77 0.21 7.95
CA ALA B 304 29.95 -0.25 6.82
C ALA B 304 29.96 0.75 5.65
N VAL B 305 30.17 0.23 4.42
CA VAL B 305 30.16 1.03 3.18
C VAL B 305 28.72 0.90 2.66
N LEU B 306 27.99 2.02 2.56
CA LEU B 306 26.58 2.06 2.18
C LEU B 306 26.31 2.43 0.73
N CYS B 307 25.09 2.08 0.26
CA CYS B 307 24.60 2.40 -1.08
C CYS B 307 24.49 3.93 -1.15
N SER B 308 25.22 4.53 -2.09
CA SER B 308 25.30 5.99 -2.28
C SER B 308 24.42 6.52 -3.41
N CYS B 309 23.68 5.64 -4.11
CA CYS B 309 22.84 6.04 -5.25
C CYS B 309 21.33 6.08 -4.93
N ARG B 310 20.90 5.58 -3.74
CA ARG B 310 19.49 5.56 -3.34
C ARG B 310 19.25 6.33 -2.04
N MET B 313 17.62 4.03 1.37
CA MET B 313 18.49 3.01 1.96
C MET B 313 18.59 3.17 3.49
N VAL B 314 19.00 2.08 4.17
CA VAL B 314 19.09 2.03 5.63
C VAL B 314 20.43 2.56 6.14
N LYS B 315 20.38 3.60 6.95
CA LYS B 315 21.52 4.22 7.62
C LYS B 315 21.16 4.38 9.09
N ILE B 316 21.93 3.73 9.96
CA ILE B 316 21.74 3.81 11.42
C ILE B 316 22.82 4.70 12.02
N SER B 317 22.41 5.65 12.90
CA SER B 317 23.36 6.54 13.57
C SER B 317 24.09 5.73 14.63
N MET B 318 25.41 5.69 14.52
CA MET B 318 26.26 4.88 15.41
C MET B 318 26.59 5.55 16.74
N ASP B 319 26.29 6.86 16.85
CA ASP B 319 26.56 7.71 18.02
C ASP B 319 26.21 7.07 19.37
N VAL B 320 24.99 6.52 19.51
CA VAL B 320 24.48 5.90 20.76
C VAL B 320 25.35 4.70 21.19
N PHE B 321 25.73 3.85 20.24
CA PHE B 321 26.58 2.68 20.48
C PHE B 321 28.01 3.08 20.86
N VAL B 322 28.59 4.04 20.13
CA VAL B 322 29.95 4.51 20.38
C VAL B 322 30.01 5.23 21.76
N ARG B 323 28.95 5.99 22.13
CA ARG B 323 28.87 6.69 23.41
C ARG B 323 28.78 5.73 24.59
N LYS B 324 27.90 4.70 24.48
CA LYS B 324 27.61 3.69 25.52
C LYS B 324 28.65 2.58 25.66
N PHE B 325 29.15 2.03 24.54
CA PHE B 325 30.06 0.88 24.60
C PHE B 325 31.54 1.16 24.32
N GLN B 326 31.89 2.36 23.79
CA GLN B 326 33.28 2.78 23.53
C GLN B 326 33.40 4.28 23.93
N PRO B 327 33.05 4.68 25.19
CA PRO B 327 33.07 6.10 25.54
C PRO B 327 34.41 6.83 25.36
N GLU B 328 35.52 6.10 25.48
CA GLU B 328 36.88 6.62 25.32
C GLU B 328 37.19 7.05 23.87
N ARG B 329 36.48 6.44 22.88
CA ARG B 329 36.70 6.70 21.46
C ARG B 329 35.69 7.65 20.82
N TYR B 330 34.69 8.16 21.58
CA TYR B 330 33.64 9.01 21.02
C TYR B 330 34.19 10.25 20.26
N LYS B 331 34.98 11.13 20.93
CA LYS B 331 35.56 12.31 20.30
C LYS B 331 36.44 11.94 19.09
N LEU B 332 37.40 11.00 19.28
CA LEU B 332 38.32 10.49 18.24
C LEU B 332 37.56 9.97 16.98
N TRP B 333 36.43 9.26 17.18
CA TRP B 333 35.61 8.74 16.10
C TRP B 333 34.84 9.87 15.39
N LYS B 334 34.28 10.82 16.18
CA LYS B 334 33.55 11.98 15.67
C LYS B 334 34.47 12.89 14.84
N ALA B 335 35.77 12.94 15.23
CA ALA B 335 36.82 13.71 14.53
C ALA B 335 37.30 13.01 13.23
N GLY B 336 36.94 11.74 13.05
CA GLY B 336 37.35 10.95 11.89
C GLY B 336 38.75 10.39 12.05
N LYS B 337 39.21 10.24 13.32
CA LYS B 337 40.54 9.72 13.69
C LYS B 337 40.52 8.28 14.25
N ASP B 338 39.38 7.56 14.15
CA ASP B 338 39.32 6.17 14.63
C ASP B 338 39.76 5.24 13.49
N ASN B 339 40.98 4.73 13.61
CA ASN B 339 41.64 3.87 12.64
C ASN B 339 41.64 2.36 13.00
N THR B 340 40.67 1.91 13.85
CA THR B 340 40.53 0.51 14.27
C THR B 340 40.45 -0.45 13.06
N VAL B 341 41.26 -1.52 13.10
CA VAL B 341 41.26 -2.56 12.07
C VAL B 341 40.51 -3.75 12.65
N ILE B 342 39.46 -4.23 11.94
CA ILE B 342 38.67 -5.38 12.39
C ILE B 342 39.41 -6.70 12.14
N ASP B 343 39.50 -7.55 13.18
CA ASP B 343 40.00 -8.93 13.07
C ASP B 343 38.72 -9.75 13.02
N HIS B 344 38.40 -10.32 11.83
CA HIS B 344 37.16 -11.07 11.60
C HIS B 344 37.06 -12.38 12.40
N THR B 345 38.21 -12.91 12.85
CA THR B 345 38.25 -14.15 13.63
C THR B 345 37.86 -13.94 15.11
N LEU B 346 37.98 -12.71 15.63
CA LEU B 346 37.69 -12.50 17.05
C LEU B 346 36.22 -12.69 17.44
N PRO B 347 35.92 -13.43 18.55
CA PRO B 347 34.51 -13.53 18.99
C PRO B 347 34.09 -12.23 19.69
N THR B 348 32.77 -12.06 19.91
CA THR B 348 32.23 -10.85 20.60
C THR B 348 32.72 -10.80 22.07
N PRO B 349 33.01 -9.62 22.70
CA PRO B 349 33.52 -9.63 24.11
C PRO B 349 32.63 -10.37 25.12
N GLU B 350 31.30 -10.56 24.83
CA GLU B 350 30.36 -11.31 25.67
C GLU B 350 30.73 -12.81 25.76
N ALA B 351 31.57 -13.31 24.83
CA ALA B 351 32.03 -14.70 24.80
C ALA B 351 33.12 -15.00 25.87
N ALA B 352 33.67 -13.94 26.52
CA ALA B 352 34.74 -14.06 27.53
C ALA B 352 34.53 -15.19 28.55
N GLU B 353 33.30 -15.32 29.11
CA GLU B 353 32.93 -16.37 30.08
C GLU B 353 33.13 -17.83 29.58
N PHE B 354 33.07 -18.05 28.24
CA PHE B 354 33.24 -19.37 27.64
C PHE B 354 34.71 -19.62 27.22
N LEU B 355 35.57 -18.61 27.45
CA LEU B 355 37.00 -18.62 27.10
C LEU B 355 37.83 -18.16 28.29
N THR C 8 -6.60 34.13 16.60
CA THR C 8 -7.89 33.68 17.13
C THR C 8 -7.73 32.75 18.35
N LEU C 9 -6.70 31.87 18.33
CA LEU C 9 -6.41 30.95 19.45
C LEU C 9 -5.42 31.64 20.39
N ASN C 10 -5.76 31.67 21.69
CA ASN C 10 -5.04 32.36 22.76
C ASN C 10 -4.76 33.85 22.36
N PRO C 11 -5.80 34.66 22.00
CA PRO C 11 -5.54 36.05 21.57
C PRO C 11 -4.94 36.96 22.64
N SER C 12 -5.11 36.62 23.92
CA SER C 12 -4.53 37.39 25.02
C SER C 12 -3.06 37.01 25.23
N ALA C 13 -2.59 35.93 24.55
CA ALA C 13 -1.21 35.42 24.60
C ALA C 13 -0.75 35.15 26.06
N ARG C 14 -1.65 34.57 26.88
CA ARG C 14 -1.38 34.22 28.27
C ARG C 14 -0.80 32.81 28.36
N ILE C 15 -0.01 32.58 29.44
CA ILE C 15 0.62 31.29 29.74
C ILE C 15 -0.48 30.25 30.00
N MET C 16 -0.45 29.17 29.23
CA MET C 16 -1.40 28.07 29.32
C MET C 16 -0.75 26.88 30.02
N THR C 17 -1.58 26.14 30.79
CA THR C 17 -1.21 24.97 31.56
C THR C 17 -2.00 23.80 30.99
N PHE C 18 -1.29 22.68 30.80
CA PHE C 18 -1.85 21.45 30.22
C PHE C 18 -1.69 20.28 31.18
N TYR C 19 -2.69 19.38 31.19
CA TYR C 19 -2.72 18.19 32.04
C TYR C 19 -2.92 16.96 31.15
N PRO C 20 -1.89 16.54 30.38
CA PRO C 20 -2.08 15.40 29.47
C PRO C 20 -2.34 14.09 30.22
N THR C 21 -3.08 13.18 29.58
CA THR C 21 -3.31 11.84 30.12
C THR C 21 -2.02 11.05 29.82
N MET C 22 -1.89 9.83 30.37
CA MET C 22 -0.71 9.00 30.10
C MET C 22 -0.55 8.71 28.60
N GLU C 23 -1.65 8.40 27.90
CA GLU C 23 -1.64 8.13 26.45
C GLU C 23 -1.23 9.35 25.62
N GLU C 24 -1.71 10.55 26.00
CA GLU C 24 -1.33 11.80 25.32
C GLU C 24 0.14 12.11 25.60
N PHE C 25 0.60 11.85 26.83
CA PHE C 25 1.96 12.13 27.30
C PHE C 25 3.04 11.29 26.62
N ARG C 26 2.72 10.06 26.16
CA ARG C 26 3.67 9.12 25.53
C ARG C 26 4.41 9.62 24.26
N ASN C 27 3.86 10.61 23.54
CA ASN C 27 4.51 11.15 22.35
C ASN C 27 4.79 12.65 22.60
N PHE C 28 6.06 13.00 22.89
CA PHE C 28 6.49 14.37 23.18
C PHE C 28 6.24 15.35 22.03
N SER C 29 6.80 15.08 20.84
CA SER C 29 6.64 15.92 19.65
C SER C 29 5.18 16.18 19.28
N ARG C 30 4.34 15.15 19.32
CA ARG C 30 2.90 15.23 19.01
C ARG C 30 2.21 16.12 20.06
N TYR C 31 2.58 15.97 21.33
CA TYR C 31 1.97 16.81 22.37
C TYR C 31 2.36 18.27 22.22
N ILE C 32 3.60 18.56 21.76
CA ILE C 32 4.05 19.93 21.49
C ILE C 32 3.18 20.51 20.34
N ALA C 33 2.98 19.72 19.27
CA ALA C 33 2.11 20.08 18.16
C ALA C 33 0.67 20.33 18.68
N TYR C 34 0.19 19.53 19.63
CA TYR C 34 -1.16 19.74 20.19
C TYR C 34 -1.26 21.07 20.97
N ILE C 35 -0.28 21.37 21.83
CA ILE C 35 -0.38 22.61 22.64
C ILE C 35 -0.30 23.87 21.72
N GLU C 36 0.41 23.78 20.59
CA GLU C 36 0.48 24.88 19.60
C GLU C 36 -0.88 25.11 18.89
N SER C 37 -1.62 24.02 18.57
CA SER C 37 -2.96 24.08 17.97
C SER C 37 -3.93 24.79 18.93
N GLN C 38 -3.60 24.84 20.23
CA GLN C 38 -4.39 25.52 21.27
C GLN C 38 -3.89 26.97 21.49
N GLY C 39 -2.86 27.36 20.75
CA GLY C 39 -2.26 28.68 20.81
C GLY C 39 -1.30 28.90 21.96
N ALA C 40 -0.82 27.82 22.61
CA ALA C 40 0.11 27.93 23.75
C ALA C 40 1.38 28.75 23.42
N HIS C 41 1.91 28.57 22.21
CA HIS C 41 3.13 29.22 21.74
C HIS C 41 3.08 30.77 21.73
N ARG C 42 1.87 31.37 21.63
CA ARG C 42 1.72 32.82 21.62
C ARG C 42 2.25 33.52 22.89
N ALA C 43 2.22 32.83 24.04
CA ALA C 43 2.71 33.34 25.32
C ALA C 43 4.24 33.26 25.39
N GLY C 44 4.83 32.31 24.67
CA GLY C 44 6.28 32.07 24.65
C GLY C 44 6.70 31.08 25.71
N LEU C 45 5.76 30.75 26.61
CA LEU C 45 5.99 29.84 27.72
C LEU C 45 4.70 29.09 28.02
N ALA C 46 4.81 27.77 28.33
CA ALA C 46 3.66 26.89 28.68
C ALA C 46 4.06 25.94 29.81
N LYS C 47 3.11 25.61 30.69
CA LYS C 47 3.34 24.64 31.74
C LYS C 47 2.65 23.31 31.37
N VAL C 48 3.35 22.19 31.61
CA VAL C 48 2.78 20.88 31.36
C VAL C 48 2.89 20.09 32.66
N VAL C 49 1.74 19.69 33.22
CA VAL C 49 1.74 18.88 34.43
C VAL C 49 1.59 17.41 33.97
N PRO C 50 2.60 16.54 34.17
CA PRO C 50 2.48 15.15 33.71
C PRO C 50 1.51 14.33 34.54
N PRO C 51 1.00 13.17 34.03
CA PRO C 51 0.15 12.30 34.88
C PRO C 51 0.83 11.91 36.19
N LYS C 52 0.03 11.78 37.26
CA LYS C 52 0.47 11.47 38.62
C LYS C 52 1.25 10.16 38.77
N GLU C 53 1.02 9.19 37.86
CA GLU C 53 1.69 7.90 37.90
C GLU C 53 3.11 7.95 37.30
N TRP C 54 3.41 9.00 36.52
CA TRP C 54 4.72 9.09 35.84
C TRP C 54 5.78 9.72 36.72
N LYS C 55 6.97 9.07 36.77
CA LYS C 55 8.12 9.58 37.50
C LYS C 55 9.40 9.34 36.68
N PRO C 56 10.31 10.33 36.54
CA PRO C 56 11.53 10.07 35.76
C PRO C 56 12.62 9.32 36.54
N ARG C 57 12.49 9.27 37.88
CA ARG C 57 13.43 8.65 38.79
C ARG C 57 12.71 8.21 40.05
N ALA C 58 13.05 7.03 40.58
CA ALA C 58 12.44 6.47 41.81
C ALA C 58 12.70 7.33 43.04
N SER C 59 13.97 7.72 43.29
CA SER C 59 14.37 8.56 44.42
C SER C 59 15.58 9.42 44.10
N TYR C 60 15.77 10.50 44.87
CA TYR C 60 16.88 11.44 44.72
C TYR C 60 17.82 11.35 45.92
N ASP C 61 17.90 10.17 46.56
CA ASP C 61 18.71 9.92 47.78
C ASP C 61 20.16 9.45 47.54
N ASP C 62 20.55 9.27 46.27
CA ASP C 62 21.88 8.79 45.92
C ASP C 62 22.67 9.82 45.12
N ILE C 63 22.39 11.14 45.30
CA ILE C 63 23.06 12.18 44.53
C ILE C 63 23.90 13.16 45.40
N ASP C 64 24.09 12.87 46.70
CA ASP C 64 24.87 13.76 47.57
C ASP C 64 26.31 14.00 47.11
N ASP C 65 26.95 12.99 46.47
CA ASP C 65 28.32 13.14 45.95
C ASP C 65 28.38 13.54 44.47
N LEU C 66 27.25 14.01 43.91
CA LEU C 66 27.25 14.48 42.53
C LEU C 66 28.01 15.82 42.55
N VAL C 67 28.94 16.00 41.60
CA VAL C 67 29.76 17.22 41.55
C VAL C 67 29.13 18.30 40.68
N ILE C 68 29.16 19.55 41.19
CA ILE C 68 28.77 20.78 40.50
C ILE C 68 30.13 21.39 40.14
N PRO C 69 30.59 21.23 38.88
CA PRO C 69 31.96 21.67 38.52
C PRO C 69 32.25 23.17 38.60
N ALA C 70 31.23 23.98 38.32
CA ALA C 70 31.43 25.42 38.30
C ALA C 70 30.26 26.17 38.92
N PRO C 71 30.06 26.10 40.27
CA PRO C 71 29.00 26.93 40.87
C PRO C 71 29.35 28.41 40.68
N ILE C 72 28.33 29.24 40.48
CA ILE C 72 28.52 30.64 40.23
C ILE C 72 27.91 31.51 41.34
N GLN C 73 28.69 32.42 41.90
CA GLN C 73 28.15 33.41 42.84
C GLN C 73 27.58 34.56 42.00
N GLN C 74 26.30 34.85 42.20
CA GLN C 74 25.64 35.86 41.39
C GLN C 74 25.63 37.23 42.05
N LEU C 75 26.46 38.13 41.53
CA LEU C 75 26.58 39.52 42.00
C LEU C 75 25.67 40.40 41.14
N VAL C 76 24.74 41.10 41.76
CA VAL C 76 23.78 41.92 41.02
C VAL C 76 23.94 43.42 41.37
N THR C 77 23.93 44.29 40.35
CA THR C 77 24.05 45.74 40.51
C THR C 77 22.91 46.46 39.78
N GLY C 78 22.38 47.49 40.40
CA GLY C 78 21.31 48.31 39.83
C GLY C 78 20.35 48.81 40.88
N GLN C 79 19.24 49.38 40.40
CA GLN C 79 18.17 49.97 41.21
C GLN C 79 16.90 50.18 40.35
N SER C 80 15.76 50.37 41.02
CA SER C 80 14.46 50.70 40.43
C SER C 80 14.06 49.76 39.26
N GLY C 81 14.19 48.46 39.49
CA GLY C 81 13.78 47.45 38.53
C GLY C 81 14.68 47.16 37.36
N LEU C 82 15.87 47.76 37.31
CA LEU C 82 16.81 47.52 36.22
C LEU C 82 18.17 47.09 36.79
N PHE C 83 18.66 45.88 36.42
CA PHE C 83 19.88 45.32 37.01
C PHE C 83 20.81 44.60 36.03
N THR C 84 22.09 44.53 36.39
CA THR C 84 23.08 43.74 35.66
C THR C 84 23.64 42.68 36.62
N GLN C 85 23.63 41.42 36.19
CA GLN C 85 24.11 40.30 36.98
C GLN C 85 25.45 39.77 36.47
N TYR C 86 26.42 39.71 37.38
CA TYR C 86 27.78 39.25 37.13
C TYR C 86 28.01 37.92 37.82
N ASN C 87 28.80 37.06 37.17
CA ASN C 87 29.12 35.73 37.67
C ASN C 87 30.52 35.64 38.23
N ILE C 88 30.63 34.96 39.37
CA ILE C 88 31.91 34.66 39.98
C ILE C 88 31.94 33.13 40.06
N GLN C 89 32.75 32.48 39.22
CA GLN C 89 32.90 31.03 39.24
C GLN C 89 33.66 30.62 40.50
N LYS C 90 33.07 29.71 41.28
CA LYS C 90 33.67 29.19 42.51
C LYS C 90 34.22 27.80 42.20
N LYS C 91 35.04 27.23 43.11
CA LYS C 91 35.59 25.88 42.95
C LYS C 91 34.46 24.83 43.01
N ALA C 92 34.70 23.63 42.43
CA ALA C 92 33.73 22.52 42.40
C ALA C 92 33.21 22.20 43.79
N MET C 93 31.90 21.98 43.91
CA MET C 93 31.27 21.58 45.17
C MET C 93 30.32 20.43 44.91
N THR C 94 29.96 19.70 45.95
CA THR C 94 29.01 18.59 45.81
C THR C 94 27.60 19.12 46.12
N VAL C 95 26.57 18.37 45.69
CA VAL C 95 25.16 18.64 45.99
C VAL C 95 25.00 18.71 47.51
N ARG C 96 25.68 17.80 48.25
CA ARG C 96 25.66 17.78 49.72
C ARG C 96 26.10 19.16 50.30
N GLU C 97 27.24 19.69 49.84
CA GLU C 97 27.78 20.97 50.29
C GLU C 97 26.88 22.12 49.88
N PHE C 98 26.38 22.09 48.66
CA PHE C 98 25.50 23.11 48.11
C PHE C 98 24.19 23.18 48.91
N ARG C 99 23.57 22.02 49.21
CA ARG C 99 22.32 21.95 49.96
C ARG C 99 22.48 22.56 51.36
N LYS C 100 23.60 22.26 52.05
CA LYS C 100 23.90 22.81 53.38
C LYS C 100 23.96 24.34 53.33
N ILE C 101 24.62 24.91 52.31
CA ILE C 101 24.69 26.37 52.10
C ILE C 101 23.28 26.93 51.82
N ALA C 102 22.55 26.35 50.86
CA ALA C 102 21.22 26.79 50.44
C ALA C 102 20.22 26.87 51.60
N ASN C 103 20.31 25.92 52.54
CA ASN C 103 19.39 25.80 53.68
C ASN C 103 19.84 26.52 54.93
N SER C 104 21.07 27.04 54.95
CA SER C 104 21.61 27.77 56.12
C SER C 104 20.85 29.09 56.34
N ASP C 105 20.90 29.63 57.57
CA ASP C 105 20.28 30.89 57.97
C ASP C 105 20.64 32.05 57.06
N LYS C 106 21.90 32.10 56.63
CA LYS C 106 22.38 33.15 55.73
C LYS C 106 21.67 33.13 54.36
N TYR C 107 21.48 31.93 53.75
CA TYR C 107 20.94 31.86 52.39
C TYR C 107 19.51 31.35 52.22
N CYS C 108 18.86 30.82 53.28
CA CYS C 108 17.51 30.23 53.14
C CYS C 108 16.43 31.22 52.71
N THR C 109 15.33 30.68 52.17
CA THR C 109 14.15 31.45 51.76
C THR C 109 13.60 32.21 52.98
N PRO C 110 13.28 33.52 52.84
CA PRO C 110 12.65 34.23 53.98
C PRO C 110 11.22 33.72 54.20
N ARG C 111 10.66 34.08 55.35
CA ARG C 111 9.28 33.75 55.71
C ARG C 111 8.35 34.58 54.83
N TYR C 112 7.26 33.98 54.34
CA TYR C 112 6.27 34.69 53.51
C TYR C 112 4.91 33.96 53.50
N SER C 113 3.83 34.71 53.19
CA SER C 113 2.47 34.18 53.11
C SER C 113 2.11 33.76 51.67
N GLU C 114 1.98 34.73 50.73
CA GLU C 114 1.65 34.49 49.32
C GLU C 114 2.86 34.79 48.40
N PHE C 115 2.85 34.28 47.16
N PHE C 115 2.84 34.28 47.15
CA PHE C 115 3.93 34.49 46.18
CA PHE C 115 3.91 34.47 46.16
C PHE C 115 4.27 35.98 46.02
C PHE C 115 4.24 35.94 45.89
N GLU C 116 3.23 36.85 45.96
CA GLU C 116 3.37 38.31 45.78
C GLU C 116 4.34 38.92 46.80
N GLU C 117 4.30 38.44 48.06
CA GLU C 117 5.19 38.85 49.13
C GLU C 117 6.63 38.39 48.82
N LEU C 118 6.80 37.13 48.38
CA LEU C 118 8.11 36.59 48.06
C LEU C 118 8.74 37.29 46.84
N GLU C 119 7.91 37.60 45.82
CA GLU C 119 8.30 38.31 44.61
C GLU C 119 8.78 39.73 44.99
N ARG C 120 8.04 40.41 45.90
CA ARG C 120 8.45 41.71 46.41
C ARG C 120 9.80 41.62 47.11
N LYS C 121 10.02 40.59 47.96
CA LYS C 121 11.28 40.37 48.67
C LYS C 121 12.45 40.11 47.71
N TYR C 122 12.18 39.34 46.67
CA TYR C 122 13.17 39.07 45.63
C TYR C 122 13.66 40.40 44.97
N TRP C 123 12.72 41.20 44.42
CA TRP C 123 13.04 42.47 43.73
C TRP C 123 13.60 43.55 44.67
N LYS C 124 13.25 43.48 45.96
CA LYS C 124 13.75 44.39 46.98
C LYS C 124 15.20 44.03 47.38
N ASN C 125 15.52 42.72 47.49
CA ASN C 125 16.81 42.27 48.01
C ASN C 125 17.79 41.63 47.04
N LEU C 126 17.52 41.62 45.73
CA LEU C 126 18.38 40.91 44.79
C LEU C 126 19.83 41.42 44.69
N THR C 127 20.15 42.64 45.17
CA THR C 127 21.54 43.16 45.14
C THR C 127 22.31 42.80 46.41
N PHE C 128 21.61 42.28 47.44
CA PHE C 128 22.24 41.95 48.72
C PHE C 128 22.52 40.47 48.87
N ASN C 129 23.51 40.13 49.72
CA ASN C 129 23.89 38.76 50.05
C ASN C 129 23.92 37.86 48.79
N PRO C 130 24.87 38.09 47.85
CA PRO C 130 24.91 37.29 46.61
C PRO C 130 24.84 35.77 46.80
N PRO C 131 23.79 35.13 46.22
CA PRO C 131 23.67 33.66 46.34
C PRO C 131 24.62 32.90 45.42
N ILE C 132 24.63 31.56 45.54
CA ILE C 132 25.40 30.69 44.67
C ILE C 132 24.42 29.83 43.85
N TYR C 133 24.62 29.78 42.53
CA TYR C 133 23.81 28.97 41.62
C TYR C 133 24.66 27.84 41.07
N GLY C 134 24.22 26.60 41.31
CA GLY C 134 24.90 25.39 40.85
C GLY C 134 24.41 25.09 39.44
N ALA C 135 24.69 26.03 38.53
CA ALA C 135 24.21 26.08 37.15
C ALA C 135 25.09 25.36 36.15
N ASP C 136 24.49 24.97 35.00
CA ASP C 136 25.16 24.33 33.83
C ASP C 136 25.93 23.05 34.16
N VAL C 137 25.35 22.16 34.96
CA VAL C 137 26.00 20.89 35.28
C VAL C 137 25.65 19.88 34.16
N ASN C 138 26.65 19.30 33.48
CA ASN C 138 26.40 18.28 32.45
C ASN C 138 25.89 17.01 33.13
N GLY C 139 24.69 16.60 32.79
CA GLY C 139 24.12 15.39 33.37
C GLY C 139 22.61 15.32 33.30
N THR C 140 22.08 14.17 33.70
CA THR C 140 20.65 13.89 33.72
C THR C 140 20.29 13.19 35.02
N LEU C 141 19.03 13.29 35.45
CA LEU C 141 18.53 12.59 36.63
C LEU C 141 17.46 11.56 36.25
N TYR C 142 17.20 11.41 34.93
CA TYR C 142 16.28 10.39 34.41
C TYR C 142 16.91 9.02 34.47
N GLU C 143 16.14 8.00 34.92
N GLU C 143 16.14 8.00 34.92
CA GLU C 143 16.57 6.61 34.96
CA GLU C 143 16.56 6.61 34.95
C GLU C 143 16.54 6.09 33.52
C GLU C 143 16.55 6.11 33.52
N LYS C 144 17.44 5.14 33.19
CA LYS C 144 17.61 4.56 31.86
C LYS C 144 16.32 4.08 31.13
N HIS C 145 15.39 3.41 31.84
CA HIS C 145 14.16 2.84 31.24
C HIS C 145 13.06 3.86 30.87
N VAL C 146 13.17 5.13 31.35
CA VAL C 146 12.17 6.17 31.12
C VAL C 146 12.25 6.71 29.68
N ASP C 147 11.21 6.41 28.88
CA ASP C 147 11.18 6.80 27.47
C ASP C 147 10.32 8.02 27.16
N GLU C 148 9.42 8.40 28.09
CA GLU C 148 8.52 9.54 27.90
C GLU C 148 9.18 10.82 28.38
N TRP C 149 9.21 11.87 27.53
CA TRP C 149 9.73 13.22 27.85
C TRP C 149 11.15 13.16 28.45
N ASN C 150 11.99 12.25 27.94
CA ASN C 150 13.34 12.09 28.43
C ASN C 150 14.23 13.21 27.85
N ILE C 151 14.62 14.18 28.70
CA ILE C 151 15.39 15.39 28.34
C ILE C 151 16.73 15.06 27.66
N GLY C 152 17.31 13.89 27.96
CA GLY C 152 18.55 13.43 27.32
C GLY C 152 18.35 12.86 25.92
N ARG C 153 17.08 12.56 25.52
CA ARG C 153 16.74 11.94 24.21
C ARG C 153 15.25 12.14 23.83
N LEU C 154 14.91 13.36 23.42
CA LEU C 154 13.54 13.79 23.15
C LEU C 154 12.95 13.36 21.80
N ARG C 155 13.77 12.79 20.89
CA ARG C 155 13.37 12.30 19.56
C ARG C 155 12.78 13.41 18.65
N THR C 156 13.32 14.65 18.72
CA THR C 156 12.85 15.75 17.85
C THR C 156 13.83 15.94 16.68
N ILE C 157 13.49 16.85 15.72
CA ILE C 157 14.33 17.09 14.55
C ILE C 157 15.66 17.78 14.90
N LEU C 158 15.83 18.30 16.14
CA LEU C 158 17.12 18.89 16.54
C LEU C 158 18.24 17.82 16.52
N ASP C 159 17.88 16.53 16.63
CA ASP C 159 18.80 15.38 16.58
C ASP C 159 19.70 15.37 15.35
N LEU C 160 19.25 16.00 14.25
CA LEU C 160 19.99 16.15 12.98
C LEU C 160 21.35 16.83 13.18
N VAL C 161 21.49 17.69 14.21
CA VAL C 161 22.73 18.41 14.50
C VAL C 161 23.87 17.45 14.88
N GLU C 162 23.65 16.58 15.86
CA GLU C 162 24.68 15.62 16.27
C GLU C 162 24.78 14.43 15.30
N LYS C 163 23.63 13.88 14.88
CA LYS C 163 23.51 12.71 14.01
C LYS C 163 23.97 12.95 12.56
N GLU C 164 23.78 14.16 12.00
CA GLU C 164 24.18 14.45 10.62
C GLU C 164 25.38 15.40 10.54
N SER C 165 25.33 16.56 11.22
CA SER C 165 26.44 17.52 11.19
C SER C 165 27.64 17.08 12.09
N GLY C 166 27.43 16.08 12.95
CA GLY C 166 28.42 15.55 13.89
C GLY C 166 28.80 16.49 15.01
N ILE C 167 27.90 17.43 15.37
CA ILE C 167 28.17 18.47 16.37
C ILE C 167 27.41 18.28 17.70
N THR C 168 28.18 18.20 18.81
CA THR C 168 27.67 18.10 20.17
C THR C 168 27.78 19.50 20.81
N ILE C 169 26.65 20.07 21.25
CA ILE C 169 26.56 21.38 21.89
C ILE C 169 25.98 21.17 23.30
N GLU C 170 26.85 21.19 24.32
CA GLU C 170 26.47 20.96 25.71
C GLU C 170 25.36 21.89 26.18
N GLY C 171 24.31 21.31 26.77
CA GLY C 171 23.13 22.03 27.23
C GLY C 171 22.11 22.31 26.16
N VAL C 172 22.50 22.21 24.87
CA VAL C 172 21.63 22.47 23.71
C VAL C 172 21.05 21.15 23.17
N ASN C 173 21.92 20.17 22.79
CA ASN C 173 21.48 18.84 22.40
C ASN C 173 21.94 17.77 23.43
N THR C 174 22.37 18.22 24.63
CA THR C 174 22.76 17.39 25.78
C THR C 174 22.07 18.00 27.01
N PRO C 175 21.77 17.27 28.11
CA PRO C 175 21.07 17.91 29.22
C PRO C 175 21.94 18.65 30.23
N TYR C 176 21.38 19.68 30.88
CA TYR C 176 22.02 20.43 31.95
C TYR C 176 21.18 20.30 33.22
N LEU C 177 21.85 20.26 34.39
CA LEU C 177 21.19 20.30 35.68
C LEU C 177 21.46 21.68 36.29
N TYR C 178 20.47 22.22 37.01
CA TYR C 178 20.57 23.52 37.69
C TYR C 178 20.15 23.31 39.14
N PHE C 179 21.08 23.53 40.07
CA PHE C 179 20.80 23.42 41.49
C PHE C 179 20.65 24.85 42.00
N GLY C 180 19.43 25.18 42.36
CA GLY C 180 19.13 26.51 42.84
C GLY C 180 19.13 26.67 44.33
N MET C 181 19.13 27.92 44.76
CA MET C 181 18.92 28.37 46.14
C MET C 181 18.12 29.67 46.04
N TRP C 182 17.55 30.15 47.15
CA TRP C 182 16.76 31.37 47.17
C TRP C 182 17.51 32.53 46.50
N LYS C 183 16.80 33.28 45.66
CA LYS C 183 17.30 34.50 45.00
C LYS C 183 18.26 34.24 43.84
N THR C 184 18.51 32.97 43.46
CA THR C 184 19.33 32.69 42.27
C THR C 184 18.43 32.98 41.09
N SER C 185 18.99 33.59 40.06
CA SER C 185 18.23 34.03 38.91
C SER C 185 18.76 33.67 37.54
N PHE C 186 17.85 33.70 36.59
CA PHE C 186 18.15 33.55 35.19
C PHE C 186 17.62 34.86 34.56
N ALA C 187 18.51 35.55 33.87
CA ALA C 187 18.26 36.82 33.22
C ALA C 187 17.44 36.72 31.94
N TRP C 188 16.98 37.87 31.44
CA TRP C 188 16.15 37.91 30.22
C TRP C 188 16.89 37.41 28.99
N HIS C 189 16.34 36.40 28.31
CA HIS C 189 16.96 35.80 27.10
C HIS C 189 15.96 34.93 26.33
N THR C 190 16.31 34.61 25.08
CA THR C 190 15.65 33.63 24.23
C THR C 190 16.71 32.52 24.16
N GLU C 191 16.36 31.37 23.60
CA GLU C 191 17.31 30.25 23.50
C GLU C 191 18.33 30.46 22.41
N ASP C 192 19.43 29.67 22.45
CA ASP C 192 20.44 29.69 21.37
C ASP C 192 19.71 29.35 20.06
N MET C 193 19.99 30.10 18.96
CA MET C 193 19.37 29.93 17.65
C MET C 193 17.84 30.08 17.72
N ASP C 194 17.31 30.73 18.80
CA ASP C 194 15.87 30.87 19.09
C ASP C 194 15.14 29.53 19.08
N LEU C 195 15.75 28.52 19.69
CA LEU C 195 15.18 27.19 19.80
C LEU C 195 14.12 27.11 20.90
N TYR C 196 13.41 25.98 20.95
CA TYR C 196 12.46 25.69 22.00
C TYR C 196 13.31 25.17 23.15
N SER C 197 12.76 25.12 24.35
CA SER C 197 13.46 24.53 25.49
C SER C 197 12.46 23.84 26.41
N ILE C 198 12.94 22.84 27.13
CA ILE C 198 12.16 22.08 28.08
C ILE C 198 12.89 22.20 29.42
N ASN C 199 12.14 22.37 30.51
CA ASN C 199 12.69 22.49 31.84
C ASN C 199 11.79 21.69 32.79
N TYR C 200 12.35 20.66 33.43
CA TYR C 200 11.64 19.85 34.39
C TYR C 200 12.21 20.13 35.78
N LEU C 201 11.34 20.40 36.75
CA LEU C 201 11.79 20.62 38.12
C LEU C 201 11.74 19.28 38.86
N HIS C 202 12.90 18.59 38.99
CA HIS C 202 13.01 17.30 39.71
C HIS C 202 12.51 17.33 41.15
N PHE C 203 12.95 18.31 41.92
CA PHE C 203 12.56 18.39 43.34
C PHE C 203 12.86 19.75 43.93
N GLY C 204 12.33 19.99 45.12
CA GLY C 204 12.60 21.16 45.91
C GLY C 204 11.62 22.29 45.75
N GLU C 205 12.06 23.48 46.16
CA GLU C 205 11.27 24.70 46.15
C GLU C 205 10.94 25.18 44.73
N PRO C 206 9.84 25.94 44.57
CA PRO C 206 9.47 26.41 43.24
C PRO C 206 10.49 27.29 42.47
N LYS C 207 10.23 27.48 41.20
CA LYS C 207 10.97 28.35 40.31
C LYS C 207 9.95 29.26 39.65
N SER C 208 10.08 30.59 39.80
CA SER C 208 9.15 31.56 39.19
C SER C 208 9.68 32.09 37.86
N TRP C 209 8.78 32.23 36.88
CA TRP C 209 9.09 32.62 35.50
C TRP C 209 8.30 33.84 35.10
N TYR C 210 8.90 34.65 34.21
CA TYR C 210 8.29 35.81 33.54
C TYR C 210 8.50 35.57 32.06
N SER C 211 7.51 35.90 31.23
CA SER C 211 7.69 35.71 29.80
C SER C 211 7.16 36.90 29.02
N VAL C 212 7.70 37.13 27.83
CA VAL C 212 7.21 38.18 26.94
C VAL C 212 6.76 37.41 25.69
N PRO C 213 5.52 37.62 25.19
CA PRO C 213 5.10 36.91 23.98
C PRO C 213 6.05 37.14 22.80
N PRO C 214 6.37 36.10 22.01
CA PRO C 214 7.27 36.30 20.86
C PRO C 214 6.87 37.47 19.94
N GLU C 215 5.55 37.73 19.77
CA GLU C 215 5.04 38.85 18.95
C GLU C 215 5.31 40.23 19.58
N HIS C 216 5.80 40.28 20.83
CA HIS C 216 6.18 41.52 21.50
C HIS C 216 7.68 41.57 21.83
N GLY C 217 8.42 40.53 21.44
CA GLY C 217 9.85 40.38 21.71
C GLY C 217 10.73 41.56 21.31
N LYS C 218 10.48 42.14 20.11
N LYS C 218 10.49 42.14 20.12
CA LYS C 218 11.21 43.30 19.57
CA LYS C 218 11.23 43.29 19.58
C LYS C 218 11.09 44.55 20.45
C LYS C 218 11.09 44.56 20.44
N ARG C 219 9.95 44.70 21.15
CA ARG C 219 9.68 45.83 22.04
C ARG C 219 10.53 45.72 23.30
N LEU C 220 10.74 44.48 23.82
CA LEU C 220 11.60 44.23 24.97
C LEU C 220 13.05 44.57 24.59
N GLU C 221 13.51 44.16 23.38
CA GLU C 221 14.86 44.45 22.89
C GLU C 221 15.08 45.95 22.73
N ARG C 222 14.05 46.68 22.22
CA ARG C 222 14.14 48.13 22.01
C ARG C 222 14.27 48.83 23.38
N LEU C 223 13.51 48.37 24.38
CA LEU C 223 13.58 48.92 25.73
C LEU C 223 14.98 48.69 26.35
N ALA C 224 15.49 47.44 26.23
CA ALA C 224 16.80 47.04 26.75
C ALA C 224 17.93 47.83 26.07
N LYS C 225 17.86 48.05 24.73
CA LYS C 225 18.84 48.83 23.97
C LYS C 225 18.90 50.30 24.46
N GLY C 226 17.73 50.90 24.70
CA GLY C 226 17.61 52.26 25.22
C GLY C 226 18.26 52.44 26.59
N PHE C 227 18.15 51.40 27.47
CA PHE C 227 18.76 51.41 28.81
C PHE C 227 20.26 51.15 28.83
N PHE C 228 20.76 50.29 27.92
CA PHE C 228 22.19 49.98 27.84
C PHE C 228 22.73 50.27 26.44
N PRO C 229 22.91 51.57 26.09
CA PRO C 229 23.40 51.91 24.73
C PRO C 229 24.79 51.37 24.40
N GLY C 230 25.68 51.33 25.40
CA GLY C 230 27.05 50.84 25.28
C GLY C 230 27.11 49.39 24.91
N SER C 231 26.36 48.53 25.65
CA SER C 231 26.24 47.09 25.39
C SER C 231 25.67 46.81 23.98
N ALA C 232 24.69 47.64 23.52
CA ALA C 232 24.06 47.56 22.19
C ALA C 232 25.07 47.82 21.05
N GLN C 233 26.01 48.75 21.26
CA GLN C 233 27.05 49.13 20.31
C GLN C 233 28.12 48.05 20.18
N SER C 234 28.43 47.34 21.28
CA SER C 234 29.45 46.30 21.35
C SER C 234 28.97 44.90 20.90
N CYS C 235 27.64 44.66 20.90
CA CYS C 235 27.09 43.36 20.50
C CYS C 235 25.69 43.47 19.88
N GLU C 236 25.45 42.72 18.79
CA GLU C 236 24.18 42.66 18.03
C GLU C 236 23.01 42.06 18.84
N ALA C 237 23.32 41.24 19.85
CA ALA C 237 22.32 40.60 20.70
C ALA C 237 22.89 40.45 22.12
N PHE C 238 23.10 41.59 22.82
CA PHE C 238 23.69 41.63 24.16
C PHE C 238 22.84 40.88 25.24
N LEU C 239 21.51 40.71 25.02
CA LEU C 239 20.67 39.97 25.97
C LEU C 239 21.05 38.46 25.97
N ARG C 240 21.77 37.98 24.91
CA ARG C 240 22.27 36.60 24.84
C ARG C 240 23.40 36.37 25.87
N HIS C 241 23.97 37.47 26.44
CA HIS C 241 24.97 37.37 27.51
C HIS C 241 24.29 36.94 28.83
N LYS C 242 22.94 37.06 28.91
CA LYS C 242 22.11 36.64 30.07
C LYS C 242 22.59 37.28 31.38
N MET C 243 22.71 38.61 31.33
CA MET C 243 23.17 39.43 32.45
C MET C 243 22.14 40.51 32.82
N THR C 244 21.09 40.71 31.99
CA THR C 244 20.12 41.79 32.20
C THR C 244 18.89 41.35 32.98
N LEU C 245 18.66 41.99 34.13
CA LEU C 245 17.48 41.71 34.97
C LEU C 245 16.56 42.93 34.89
N ILE C 246 15.27 42.71 34.55
CA ILE C 246 14.26 43.77 34.40
C ILE C 246 13.03 43.32 35.18
N SER C 247 12.57 44.13 36.11
CA SER C 247 11.42 43.76 36.93
C SER C 247 10.08 43.87 36.21
N PRO C 248 9.05 43.09 36.64
CA PRO C 248 7.72 43.22 36.00
C PRO C 248 7.15 44.64 36.09
N LEU C 249 7.47 45.38 37.18
CA LEU C 249 7.00 46.76 37.36
C LEU C 249 7.64 47.70 36.32
N MET C 250 8.87 47.41 35.92
CA MET C 250 9.58 48.16 34.88
C MET C 250 8.99 47.85 33.50
N LEU C 251 8.63 46.57 33.22
CA LEU C 251 7.98 46.17 31.97
C LEU C 251 6.61 46.84 31.82
N LYS C 252 5.85 46.86 32.94
CA LYS C 252 4.50 47.43 33.06
C LYS C 252 4.55 48.95 32.79
N LYS C 253 5.55 49.62 33.37
CA LYS C 253 5.82 51.05 33.25
C LYS C 253 6.08 51.47 31.78
N TYR C 254 6.68 50.58 30.97
CA TYR C 254 6.99 50.85 29.56
C TYR C 254 6.09 50.11 28.56
N GLY C 255 4.95 49.64 29.03
CA GLY C 255 3.90 49.02 28.20
C GLY C 255 4.29 47.71 27.54
N ILE C 256 5.23 46.97 28.13
CA ILE C 256 5.65 45.69 27.58
C ILE C 256 4.69 44.60 28.04
N PRO C 257 4.02 43.88 27.13
CA PRO C 257 3.13 42.79 27.58
C PRO C 257 3.95 41.63 28.11
N PHE C 258 3.54 41.07 29.23
CA PHE C 258 4.27 39.97 29.86
C PHE C 258 3.32 39.14 30.69
N ASP C 259 3.73 37.92 31.01
CA ASP C 259 2.94 37.10 31.93
C ASP C 259 3.91 36.48 32.95
N LYS C 260 3.37 35.91 34.03
CA LYS C 260 4.17 35.26 35.06
C LYS C 260 3.54 33.94 35.48
N VAL C 261 4.39 33.00 35.91
CA VAL C 261 3.94 31.67 36.33
C VAL C 261 4.95 31.06 37.31
N THR C 262 4.47 30.26 38.27
CA THR C 262 5.33 29.56 39.21
C THR C 262 5.31 28.07 38.88
N GLN C 263 6.50 27.50 38.65
CA GLN C 263 6.68 26.08 38.38
C GLN C 263 7.00 25.38 39.71
N GLU C 264 6.27 24.30 39.99
CA GLU C 264 6.47 23.51 41.19
C GLU C 264 7.11 22.18 40.83
N ALA C 265 7.61 21.47 41.86
CA ALA C 265 8.32 20.20 41.70
C ALA C 265 7.44 19.21 40.97
N GLY C 266 8.01 18.51 40.01
CA GLY C 266 7.28 17.55 39.20
C GLY C 266 6.59 18.15 37.98
N GLU C 267 6.76 19.48 37.70
CA GLU C 267 6.14 20.09 36.51
C GLU C 267 7.18 20.48 35.43
N PHE C 268 6.75 20.45 34.17
CA PHE C 268 7.56 20.89 33.03
C PHE C 268 7.18 22.30 32.60
N MET C 269 8.17 23.07 32.15
CA MET C 269 8.00 24.36 31.50
C MET C 269 8.54 24.22 30.08
N ILE C 270 7.81 24.73 29.10
CA ILE C 270 8.23 24.70 27.69
C ILE C 270 8.39 26.13 27.27
N THR C 271 9.53 26.51 26.67
CA THR C 271 9.71 27.86 26.12
C THR C 271 9.66 27.69 24.62
N PHE C 272 9.10 28.67 23.92
CA PHE C 272 8.91 28.58 22.47
C PHE C 272 9.88 29.49 21.72
N PRO C 273 10.12 29.25 20.40
CA PRO C 273 11.05 30.12 19.65
C PRO C 273 10.79 31.62 19.77
N TYR C 274 11.86 32.34 20.14
CA TYR C 274 11.86 33.80 20.33
C TYR C 274 10.96 34.24 21.52
N GLY C 275 10.78 33.33 22.48
CA GLY C 275 10.01 33.60 23.69
C GLY C 275 10.95 34.02 24.80
N TYR C 276 11.04 35.34 25.05
CA TYR C 276 11.89 35.90 26.08
C TYR C 276 11.40 35.47 27.44
N HIS C 277 12.33 35.05 28.32
CA HIS C 277 11.98 34.60 29.66
C HIS C 277 13.08 34.93 30.66
N ALA C 278 12.70 35.11 31.92
CA ALA C 278 13.59 35.38 33.06
C ALA C 278 12.90 34.80 34.29
N GLY C 279 13.62 34.74 35.40
CA GLY C 279 13.00 34.23 36.61
C GLY C 279 13.95 33.98 37.76
N PHE C 280 13.44 33.34 38.81
CA PHE C 280 14.21 33.11 40.02
C PHE C 280 13.74 31.89 40.80
N ASN C 281 14.64 31.33 41.63
CA ASN C 281 14.38 30.18 42.48
C ASN C 281 13.94 30.62 43.85
N HIS C 282 12.94 29.92 44.39
CA HIS C 282 12.39 30.22 45.73
C HIS C 282 13.28 29.68 46.82
N GLY C 283 14.04 28.62 46.53
CA GLY C 283 14.91 27.99 47.53
C GLY C 283 15.64 26.81 46.92
N PHE C 284 16.18 25.89 47.76
CA PHE C 284 16.91 24.71 47.30
C PHE C 284 16.05 23.87 46.36
N ASN C 285 16.56 23.63 45.14
CA ASN C 285 15.85 22.86 44.11
C ASN C 285 16.78 22.31 43.04
N CYS C 286 16.22 21.51 42.14
CA CYS C 286 16.95 20.92 41.03
C CYS C 286 16.07 20.81 39.80
N ALA C 287 16.52 21.41 38.69
CA ALA C 287 15.85 21.41 37.38
C ALA C 287 16.80 20.84 36.35
N GLU C 288 16.21 20.21 35.31
CA GLU C 288 16.96 19.62 34.20
C GLU C 288 16.42 20.28 32.94
N SER C 289 17.31 20.66 32.04
CA SER C 289 16.92 21.37 30.83
C SER C 289 17.72 20.98 29.59
N THR C 290 17.13 21.23 28.40
CA THR C 290 17.77 21.07 27.08
C THR C 290 16.97 21.86 26.04
N ASN C 291 17.48 21.93 24.82
CA ASN C 291 16.72 22.56 23.75
C ASN C 291 16.14 21.48 22.88
N PHE C 292 15.12 21.84 22.08
CA PHE C 292 14.53 20.94 21.08
C PHE C 292 13.96 21.75 19.92
N ALA C 293 13.54 21.08 18.85
CA ALA C 293 12.97 21.77 17.69
C ALA C 293 11.72 21.07 17.15
N THR C 294 10.97 21.79 16.32
CA THR C 294 9.83 21.37 15.51
C THR C 294 10.14 21.97 14.12
N ARG C 295 9.32 21.65 13.12
CA ARG C 295 9.47 22.17 11.74
C ARG C 295 9.40 23.70 11.65
N ARG C 296 8.55 24.33 12.51
CA ARG C 296 8.31 25.78 12.65
C ARG C 296 9.61 26.50 13.07
N TRP C 297 10.45 25.86 13.90
CA TRP C 297 11.68 26.47 14.39
C TRP C 297 12.65 26.86 13.27
N ILE C 298 12.72 26.05 12.21
CA ILE C 298 13.65 26.22 11.09
C ILE C 298 13.71 27.69 10.62
N GLU C 299 12.55 28.33 10.38
CA GLU C 299 12.52 29.73 9.96
C GLU C 299 13.16 30.68 10.98
N TYR C 300 12.91 30.46 12.30
CA TYR C 300 13.51 31.19 13.42
C TYR C 300 15.03 31.00 13.43
N GLY C 301 15.49 29.77 13.18
CA GLY C 301 16.91 29.41 13.14
C GLY C 301 17.65 30.15 12.04
N LYS C 302 17.01 30.25 10.86
CA LYS C 302 17.55 30.98 9.70
C LYS C 302 17.62 32.50 9.96
N GLN C 303 16.70 33.02 10.79
CA GLN C 303 16.56 34.46 11.08
C GLN C 303 17.10 34.92 12.46
N ALA C 304 17.68 34.01 13.27
CA ALA C 304 18.19 34.39 14.60
C ALA C 304 19.36 35.36 14.55
N VAL C 305 19.30 36.44 15.37
CA VAL C 305 20.36 37.45 15.49
C VAL C 305 21.26 36.99 16.66
N LEU C 306 22.48 36.56 16.33
CA LEU C 306 23.41 36.00 17.30
C LEU C 306 24.37 37.01 17.93
N CYS C 307 24.91 36.65 19.12
CA CYS C 307 25.92 37.44 19.83
C CYS C 307 27.16 37.53 18.94
N SER C 308 27.61 38.77 18.67
CA SER C 308 28.72 39.09 17.78
C SER C 308 30.07 39.42 18.47
N CYS C 309 30.14 39.31 19.81
CA CYS C 309 31.38 39.64 20.53
C CYS C 309 32.10 38.43 21.15
N ARG C 310 31.49 37.22 21.07
CA ARG C 310 32.08 36.00 21.63
C ARG C 310 32.26 34.91 20.56
N LYS C 311 33.50 34.37 20.42
CA LYS C 311 33.84 33.34 19.44
C LYS C 311 33.26 31.96 19.80
N ASP C 312 33.00 31.76 21.10
CA ASP C 312 32.49 30.53 21.72
C ASP C 312 30.94 30.35 21.69
N MET C 313 30.19 31.34 21.15
N MET C 313 30.17 31.37 21.23
CA MET C 313 28.72 31.32 21.07
CA MET C 313 28.70 31.33 21.17
C MET C 313 28.16 30.23 20.16
C MET C 313 28.16 30.25 20.21
N VAL C 314 26.90 29.84 20.42
CA VAL C 314 26.21 28.79 19.66
C VAL C 314 25.66 29.26 18.31
N LYS C 315 26.16 28.63 17.24
CA LYS C 315 25.73 28.82 15.87
C LYS C 315 25.54 27.43 15.26
N ILE C 316 24.30 27.11 14.85
CA ILE C 316 23.96 25.82 14.22
C ILE C 316 23.83 26.05 12.72
N SER C 317 24.44 25.19 11.89
CA SER C 317 24.29 25.30 10.44
C SER C 317 22.86 24.89 10.06
N MET C 318 22.13 25.82 9.44
CA MET C 318 20.73 25.62 9.04
C MET C 318 20.55 24.79 7.77
N ASP C 319 21.59 24.76 6.91
CA ASP C 319 21.60 24.06 5.61
C ASP C 319 20.91 22.69 5.64
N VAL C 320 21.29 21.81 6.60
CA VAL C 320 20.74 20.46 6.74
C VAL C 320 19.19 20.47 6.92
N PHE C 321 18.66 21.40 7.75
CA PHE C 321 17.23 21.55 8.01
C PHE C 321 16.50 22.06 6.77
N VAL C 322 17.11 23.07 6.07
CA VAL C 322 16.54 23.68 4.87
C VAL C 322 16.47 22.68 3.72
N ARG C 323 17.56 21.95 3.42
CA ARG C 323 17.55 20.95 2.35
C ARG C 323 16.50 19.85 2.58
N LYS C 324 16.35 19.38 3.84
CA LYS C 324 15.41 18.33 4.23
C LYS C 324 13.94 18.78 4.30
N PHE C 325 13.66 19.89 5.01
CA PHE C 325 12.29 20.36 5.28
C PHE C 325 11.79 21.55 4.44
N GLN C 326 12.71 22.30 3.78
CA GLN C 326 12.32 23.40 2.88
C GLN C 326 13.06 23.19 1.52
N PRO C 327 12.91 22.03 0.82
CA PRO C 327 13.70 21.80 -0.41
C PRO C 327 13.42 22.76 -1.55
N GLU C 328 12.15 23.19 -1.70
CA GLU C 328 11.68 24.12 -2.73
C GLU C 328 12.28 25.54 -2.58
N ARG C 329 12.74 25.88 -1.35
CA ARG C 329 13.31 27.18 -1.01
C ARG C 329 14.82 27.15 -0.77
N TYR C 330 15.44 25.94 -0.78
CA TYR C 330 16.86 25.71 -0.51
C TYR C 330 17.81 26.56 -1.37
N LYS C 331 17.66 26.50 -2.70
CA LYS C 331 18.51 27.27 -3.61
C LYS C 331 18.28 28.78 -3.49
N LEU C 332 17.01 29.19 -3.31
CA LEU C 332 16.58 30.59 -3.13
C LEU C 332 17.18 31.15 -1.82
N TRP C 333 17.19 30.34 -0.74
CA TRP C 333 17.72 30.74 0.55
C TRP C 333 19.26 30.80 0.55
N LYS C 334 19.93 29.80 -0.09
CA LYS C 334 21.41 29.78 -0.18
C LYS C 334 21.94 30.91 -1.09
N ALA C 335 21.07 31.50 -1.94
CA ALA C 335 21.36 32.65 -2.80
C ALA C 335 20.96 33.97 -2.10
N GLY C 336 20.43 33.86 -0.88
CA GLY C 336 20.01 35.00 -0.05
C GLY C 336 18.75 35.72 -0.49
N LYS C 337 17.86 35.01 -1.19
CA LYS C 337 16.60 35.59 -1.71
C LYS C 337 15.34 35.19 -0.92
N ASP C 338 15.50 34.44 0.20
CA ASP C 338 14.33 34.04 1.00
C ASP C 338 13.82 35.22 1.84
N ASN C 339 12.69 35.79 1.41
CA ASN C 339 12.03 36.96 2.02
C ASN C 339 10.92 36.63 3.06
N THR C 340 10.76 35.34 3.43
CA THR C 340 9.76 34.84 4.40
C THR C 340 9.70 35.68 5.68
N VAL C 341 8.48 36.12 6.02
CA VAL C 341 8.21 36.91 7.21
C VAL C 341 7.61 35.93 8.25
N ILE C 342 8.21 35.86 9.46
CA ILE C 342 7.68 34.99 10.50
C ILE C 342 6.39 35.58 11.07
N ASP C 343 5.33 34.76 11.12
CA ASP C 343 4.06 35.09 11.76
C ASP C 343 4.11 34.28 13.07
N HIS C 344 4.29 34.95 14.24
CA HIS C 344 4.43 34.31 15.58
C HIS C 344 3.17 33.60 16.08
N THR C 345 2.00 33.91 15.50
CA THR C 345 0.73 33.31 15.93
C THR C 345 0.50 31.92 15.33
N LEU C 346 1.16 31.61 14.19
CA LEU C 346 0.95 30.37 13.47
C LEU C 346 1.53 29.14 14.19
N PRO C 347 0.72 28.06 14.36
CA PRO C 347 1.27 26.85 15.01
C PRO C 347 2.15 26.07 14.02
N THR C 348 2.94 25.13 14.54
CA THR C 348 3.85 24.30 13.75
C THR C 348 3.09 23.46 12.69
N PRO C 349 3.66 23.16 11.49
CA PRO C 349 2.91 22.38 10.49
C PRO C 349 2.35 21.06 11.01
N GLU C 350 3.07 20.40 11.94
CA GLU C 350 2.71 19.14 12.61
C GLU C 350 1.37 19.23 13.40
N ALA C 351 0.90 20.47 13.71
CA ALA C 351 -0.36 20.71 14.41
C ALA C 351 -1.61 20.50 13.52
N ALA C 352 -1.40 20.27 12.20
CA ALA C 352 -2.43 20.06 11.18
C ALA C 352 -3.53 19.06 11.57
N GLU C 353 -3.15 17.90 12.13
CA GLU C 353 -4.08 16.83 12.56
C GLU C 353 -5.08 17.31 13.63
N PHE C 354 -4.68 18.29 14.47
CA PHE C 354 -5.53 18.89 15.51
C PHE C 354 -6.09 20.17 14.92
N GLU D 7 -9.08 -14.97 -53.87
CA GLU D 7 -9.25 -16.40 -54.12
C GLU D 7 -8.10 -16.93 -54.99
N THR D 8 -7.99 -16.40 -56.22
CA THR D 8 -6.94 -16.72 -57.18
C THR D 8 -5.86 -15.63 -57.07
N LEU D 9 -6.17 -14.54 -56.35
CA LEU D 9 -5.26 -13.40 -56.15
C LEU D 9 -4.39 -13.63 -54.92
N ASN D 10 -3.07 -13.49 -55.11
CA ASN D 10 -2.03 -13.76 -54.09
C ASN D 10 -2.22 -15.17 -53.49
N PRO D 11 -2.25 -16.26 -54.32
CA PRO D 11 -2.48 -17.63 -53.77
C PRO D 11 -1.42 -18.10 -52.79
N SER D 12 -0.19 -17.59 -52.91
CA SER D 12 0.89 -17.94 -52.00
C SER D 12 0.77 -17.14 -50.70
N ALA D 13 -0.12 -16.14 -50.65
CA ALA D 13 -0.32 -15.25 -49.49
C ALA D 13 1.01 -14.58 -49.01
N ARG D 14 1.87 -14.18 -49.97
N ARG D 14 1.87 -14.17 -49.96
CA ARG D 14 3.14 -13.50 -49.66
CA ARG D 14 3.13 -13.50 -49.68
C ARG D 14 2.90 -12.01 -49.46
C ARG D 14 2.88 -12.00 -49.44
N ILE D 15 3.77 -11.35 -48.66
CA ILE D 15 3.70 -9.90 -48.38
C ILE D 15 3.96 -9.14 -49.70
N MET D 16 2.99 -8.31 -50.10
CA MET D 16 3.10 -7.50 -51.31
C MET D 16 3.54 -6.06 -50.97
N THR D 17 4.23 -5.40 -51.92
CA THR D 17 4.69 -4.01 -51.81
C THR D 17 4.02 -3.20 -52.93
N PHE D 18 3.51 -2.01 -52.61
CA PHE D 18 2.83 -1.14 -53.59
C PHE D 18 3.52 0.21 -53.64
N TYR D 19 3.54 0.83 -54.83
CA TYR D 19 4.14 2.12 -55.08
C TYR D 19 3.08 3.04 -55.69
N PRO D 20 2.10 3.53 -54.89
CA PRO D 20 1.08 4.44 -55.45
C PRO D 20 1.64 5.76 -55.97
N THR D 21 1.03 6.30 -57.07
CA THR D 21 1.37 7.62 -57.61
C THR D 21 0.77 8.65 -56.61
N MET D 22 1.05 9.95 -56.77
CA MET D 22 0.48 10.98 -55.88
C MET D 22 -1.08 11.00 -55.95
N GLU D 23 -1.64 10.80 -57.16
CA GLU D 23 -3.09 10.79 -57.35
C GLU D 23 -3.79 9.59 -56.68
N GLU D 24 -3.17 8.39 -56.70
CA GLU D 24 -3.71 7.19 -56.04
C GLU D 24 -3.56 7.26 -54.52
N PHE D 25 -2.47 7.89 -54.06
CA PHE D 25 -2.15 8.01 -52.64
C PHE D 25 -3.07 8.96 -51.84
N ARG D 26 -3.71 9.93 -52.52
N ARG D 26 -3.72 9.92 -52.52
CA ARG D 26 -4.60 10.93 -51.90
CA ARG D 26 -4.59 10.92 -51.89
C ARG D 26 -5.79 10.37 -51.12
C ARG D 26 -5.80 10.35 -51.11
N ASN D 27 -6.46 9.31 -51.64
CA ASN D 27 -7.62 8.70 -50.97
C ASN D 27 -7.20 7.41 -50.25
N PHE D 28 -7.04 7.50 -48.91
CA PHE D 28 -6.61 6.37 -48.07
C PHE D 28 -7.48 5.12 -48.17
N SER D 29 -8.79 5.22 -47.83
CA SER D 29 -9.74 4.11 -47.83
C SER D 29 -9.81 3.43 -49.21
N ARG D 30 -9.87 4.24 -50.29
CA ARG D 30 -9.89 3.73 -51.66
C ARG D 30 -8.61 2.94 -51.98
N TYR D 31 -7.42 3.42 -51.51
CA TYR D 31 -6.17 2.69 -51.78
C TYR D 31 -6.09 1.38 -51.00
N ILE D 32 -6.68 1.33 -49.81
CA ILE D 32 -6.77 0.10 -49.03
C ILE D 32 -7.65 -0.92 -49.77
N ALA D 33 -8.81 -0.47 -50.30
CA ALA D 33 -9.71 -1.31 -51.10
C ALA D 33 -8.94 -1.84 -52.34
N TYR D 34 -8.13 -0.97 -53.00
CA TYR D 34 -7.32 -1.38 -54.14
C TYR D 34 -6.31 -2.49 -53.77
N ILE D 35 -5.55 -2.33 -52.67
CA ILE D 35 -4.55 -3.34 -52.32
C ILE D 35 -5.21 -4.70 -51.98
N GLU D 36 -6.43 -4.69 -51.44
CA GLU D 36 -7.20 -5.92 -51.18
C GLU D 36 -7.69 -6.56 -52.48
N SER D 37 -8.02 -5.75 -53.52
CA SER D 37 -8.45 -6.28 -54.83
C SER D 37 -7.31 -7.08 -55.49
N GLN D 38 -6.05 -6.80 -55.09
CA GLN D 38 -4.83 -7.48 -55.58
C GLN D 38 -4.41 -8.67 -54.69
N GLY D 39 -5.15 -8.91 -53.59
CA GLY D 39 -4.90 -10.01 -52.66
C GLY D 39 -3.90 -9.74 -51.55
N ALA D 40 -3.53 -8.46 -51.34
CA ALA D 40 -2.56 -8.08 -50.29
C ALA D 40 -2.93 -8.58 -48.90
N HIS D 41 -4.25 -8.55 -48.57
CA HIS D 41 -4.77 -8.97 -47.25
C HIS D 41 -4.47 -10.44 -46.89
N ARG D 42 -4.26 -11.30 -47.90
CA ARG D 42 -3.98 -12.74 -47.66
C ARG D 42 -2.73 -12.97 -46.80
N ALA D 43 -1.69 -12.13 -46.97
CA ALA D 43 -0.46 -12.19 -46.16
C ALA D 43 -0.66 -11.69 -44.73
N GLY D 44 -1.59 -10.77 -44.54
CA GLY D 44 -1.87 -10.17 -43.24
C GLY D 44 -1.04 -8.94 -42.97
N LEU D 45 -0.07 -8.67 -43.86
CA LEU D 45 0.86 -7.55 -43.77
C LEU D 45 1.20 -7.10 -45.21
N ALA D 46 1.24 -5.77 -45.46
CA ALA D 46 1.60 -5.20 -46.78
C ALA D 46 2.45 -3.97 -46.59
N LYS D 47 3.36 -3.69 -47.55
CA LYS D 47 4.19 -2.48 -47.54
C LYS D 47 3.67 -1.47 -48.57
N VAL D 48 3.59 -0.21 -48.17
CA VAL D 48 3.19 0.85 -49.09
C VAL D 48 4.32 1.90 -49.08
N VAL D 49 4.96 2.09 -50.23
CA VAL D 49 6.02 3.07 -50.41
C VAL D 49 5.34 4.36 -50.97
N PRO D 50 5.26 5.46 -50.18
CA PRO D 50 4.60 6.67 -50.71
C PRO D 50 5.37 7.33 -51.86
N PRO D 51 4.74 8.19 -52.69
CA PRO D 51 5.53 8.89 -53.73
C PRO D 51 6.60 9.80 -53.09
N LYS D 52 7.74 9.98 -53.79
CA LYS D 52 8.92 10.76 -53.36
C LYS D 52 8.60 12.19 -52.93
N GLU D 53 7.65 12.85 -53.62
CA GLU D 53 7.25 14.24 -53.38
C GLU D 53 6.46 14.42 -52.07
N TRP D 54 6.01 13.31 -51.45
CA TRP D 54 5.23 13.35 -50.21
C TRP D 54 6.13 13.25 -49.00
N LYS D 55 5.85 14.09 -48.00
CA LYS D 55 6.57 14.15 -46.74
C LYS D 55 5.57 14.50 -45.62
N PRO D 56 5.55 13.74 -44.50
CA PRO D 56 4.60 14.08 -43.41
C PRO D 56 5.07 15.27 -42.57
N ARG D 57 6.39 15.56 -42.57
CA ARG D 57 7.02 16.61 -41.77
C ARG D 57 8.27 17.15 -42.50
N ALA D 58 8.51 18.46 -42.46
CA ALA D 58 9.64 19.13 -43.12
C ALA D 58 11.00 18.64 -42.64
N SER D 59 11.16 18.46 -41.32
CA SER D 59 12.40 17.93 -40.72
C SER D 59 12.11 17.38 -39.33
N TYR D 60 13.02 16.56 -38.81
CA TYR D 60 12.86 15.94 -37.50
C TYR D 60 13.91 16.50 -36.50
N ASP D 61 14.43 17.72 -36.76
CA ASP D 61 15.45 18.38 -35.92
C ASP D 61 14.88 19.12 -34.72
N ASP D 62 13.54 19.13 -34.56
CA ASP D 62 12.85 19.90 -33.52
C ASP D 62 12.03 19.08 -32.52
N ILE D 63 12.33 17.80 -32.35
CA ILE D 63 11.56 16.91 -31.47
C ILE D 63 12.33 16.43 -30.22
N ASP D 64 13.52 17.00 -29.93
CA ASP D 64 14.33 16.58 -28.77
C ASP D 64 13.62 16.76 -27.43
N ASP D 65 12.70 17.73 -27.34
CA ASP D 65 11.97 18.00 -26.10
C ASP D 65 10.72 17.15 -25.95
N LEU D 66 10.41 16.31 -26.95
CA LEU D 66 9.29 15.36 -26.89
C LEU D 66 9.53 14.42 -25.69
N VAL D 67 8.51 14.23 -24.85
CA VAL D 67 8.58 13.41 -23.66
C VAL D 67 8.03 12.00 -23.92
N ILE D 68 8.76 10.96 -23.46
CA ILE D 68 8.34 9.56 -23.50
C ILE D 68 7.98 9.34 -22.03
N PRO D 69 6.68 9.38 -21.70
CA PRO D 69 6.30 9.33 -20.28
C PRO D 69 6.55 8.01 -19.57
N ALA D 70 6.50 6.89 -20.27
CA ALA D 70 6.68 5.58 -19.63
C ALA D 70 7.58 4.64 -20.48
N PRO D 71 8.89 4.93 -20.66
CA PRO D 71 9.74 3.99 -21.41
C PRO D 71 9.79 2.64 -20.69
N ILE D 72 9.90 1.57 -21.45
CA ILE D 72 9.88 0.24 -20.87
C ILE D 72 11.19 -0.51 -21.12
N GLN D 73 11.72 -1.10 -20.07
CA GLN D 73 12.89 -1.95 -20.22
C GLN D 73 12.33 -3.35 -20.52
N GLN D 74 12.81 -3.96 -21.61
CA GLN D 74 12.28 -5.26 -22.04
C GLN D 74 13.14 -6.44 -21.61
N LEU D 75 12.67 -7.15 -20.58
CA LEU D 75 13.33 -8.31 -20.00
C LEU D 75 12.80 -9.55 -20.70
N VAL D 76 13.65 -10.27 -21.41
CA VAL D 76 13.22 -11.45 -22.17
C VAL D 76 13.76 -12.70 -21.52
N THR D 77 12.89 -13.72 -21.40
CA THR D 77 13.21 -15.01 -20.81
C THR D 77 12.86 -16.15 -21.79
N GLY D 78 13.73 -17.16 -21.85
CA GLY D 78 13.47 -18.33 -22.68
C GLY D 78 14.71 -18.86 -23.36
N GLN D 79 14.49 -19.75 -24.31
CA GLN D 79 15.56 -20.39 -25.08
C GLN D 79 14.96 -21.10 -26.27
N SER D 80 15.83 -21.49 -27.20
CA SER D 80 15.55 -22.31 -28.37
C SER D 80 14.34 -21.80 -29.17
N GLY D 81 14.36 -20.51 -29.46
CA GLY D 81 13.37 -19.81 -30.25
C GLY D 81 11.99 -19.58 -29.66
N LEU D 82 11.85 -19.76 -28.35
CA LEU D 82 10.60 -19.58 -27.62
C LEU D 82 10.82 -18.72 -26.38
N PHE D 83 10.14 -17.54 -26.30
CA PHE D 83 10.39 -16.55 -25.24
C PHE D 83 9.20 -15.85 -24.70
N THR D 84 9.32 -15.36 -23.45
CA THR D 84 8.32 -14.51 -22.82
C THR D 84 9.01 -13.18 -22.47
N GLN D 85 8.45 -12.09 -22.92
CA GLN D 85 8.95 -10.75 -22.69
C GLN D 85 8.19 -10.04 -21.56
N TYR D 86 8.93 -9.50 -20.59
CA TYR D 86 8.35 -8.78 -19.45
C TYR D 86 8.75 -7.31 -19.51
N ASN D 87 7.81 -6.43 -19.14
CA ASN D 87 8.07 -4.99 -19.11
C ASN D 87 8.46 -4.50 -17.73
N ILE D 88 9.39 -3.53 -17.73
CA ILE D 88 9.78 -2.83 -16.53
C ILE D 88 9.66 -1.37 -16.88
N GLN D 89 8.66 -0.70 -16.30
CA GLN D 89 8.43 0.73 -16.53
C GLN D 89 9.55 1.56 -15.88
N LYS D 90 10.23 2.39 -16.70
CA LYS D 90 11.30 3.28 -16.30
C LYS D 90 10.74 4.73 -16.18
N LYS D 91 11.48 5.64 -15.51
CA LYS D 91 11.09 7.04 -15.36
C LYS D 91 11.02 7.71 -16.75
N ALA D 92 10.20 8.78 -16.87
CA ALA D 92 10.02 9.54 -18.10
C ALA D 92 11.33 10.11 -18.61
N MET D 93 11.48 10.21 -19.92
CA MET D 93 12.69 10.81 -20.51
C MET D 93 12.35 11.53 -21.81
N THR D 94 13.19 12.47 -22.21
CA THR D 94 12.97 13.16 -23.46
C THR D 94 13.52 12.30 -24.63
N VAL D 95 13.20 12.68 -25.86
CA VAL D 95 13.75 12.00 -27.03
C VAL D 95 15.29 12.18 -27.06
N ARG D 96 15.79 13.35 -26.64
CA ARG D 96 17.23 13.67 -26.56
C ARG D 96 17.98 12.63 -25.68
N GLU D 97 17.47 12.41 -24.45
CA GLU D 97 18.04 11.44 -23.49
C GLU D 97 17.93 9.99 -24.01
N PHE D 98 16.77 9.63 -24.59
CA PHE D 98 16.55 8.30 -25.15
C PHE D 98 17.54 8.02 -26.30
N ARG D 99 17.71 8.99 -27.21
CA ARG D 99 18.60 8.86 -28.37
C ARG D 99 20.06 8.65 -27.90
N LYS D 100 20.47 9.35 -26.82
CA LYS D 100 21.81 9.25 -26.23
C LYS D 100 22.06 7.80 -25.76
N ILE D 101 21.10 7.24 -25.01
CA ILE D 101 21.14 5.83 -24.54
C ILE D 101 21.14 4.84 -25.74
N ALA D 102 20.22 5.04 -26.72
CA ALA D 102 20.12 4.17 -27.92
C ALA D 102 21.43 4.10 -28.73
N ASN D 103 22.16 5.24 -28.82
CA ASN D 103 23.41 5.34 -29.59
C ASN D 103 24.68 5.07 -28.76
N SER D 104 24.53 4.85 -27.43
CA SER D 104 25.67 4.55 -26.55
C SER D 104 26.24 3.18 -26.88
N ASP D 105 27.52 2.93 -26.49
CA ASP D 105 28.23 1.66 -26.70
C ASP D 105 27.47 0.47 -26.11
N LYS D 106 26.85 0.67 -24.93
CA LYS D 106 26.10 -0.36 -24.23
C LYS D 106 24.89 -0.87 -25.05
N TYR D 107 24.15 0.04 -25.73
CA TYR D 107 22.93 -0.35 -26.43
C TYR D 107 22.93 -0.31 -27.95
N CYS D 108 23.93 0.29 -28.59
CA CYS D 108 23.94 0.48 -30.05
C CYS D 108 23.92 -0.85 -30.82
N THR D 109 23.45 -0.77 -32.07
CA THR D 109 23.39 -1.86 -33.05
C THR D 109 24.76 -2.50 -33.25
N PRO D 110 24.93 -3.84 -33.27
CA PRO D 110 26.25 -4.41 -33.59
C PRO D 110 26.53 -4.30 -35.10
N ARG D 111 27.80 -4.39 -35.54
CA ARG D 111 28.15 -4.28 -36.97
C ARG D 111 27.55 -5.43 -37.81
N TYR D 112 26.94 -5.12 -38.98
CA TYR D 112 26.32 -6.14 -39.85
C TYR D 112 26.42 -5.87 -41.36
N SER D 113 26.71 -6.94 -42.14
CA SER D 113 26.78 -6.90 -43.61
C SER D 113 25.36 -6.97 -44.22
N GLU D 114 24.69 -8.14 -44.08
CA GLU D 114 23.32 -8.39 -44.58
C GLU D 114 22.33 -8.53 -43.40
N PHE D 115 21.01 -8.45 -43.68
N PHE D 115 21.00 -8.44 -43.68
CA PHE D 115 19.94 -8.59 -42.69
CA PHE D 115 19.94 -8.55 -42.67
C PHE D 115 20.03 -9.91 -41.93
C PHE D 115 19.88 -9.92 -41.97
N GLU D 116 20.31 -11.02 -42.64
CA GLU D 116 20.35 -12.37 -42.09
C GLU D 116 21.29 -12.49 -40.90
N GLU D 117 22.43 -11.77 -40.93
CA GLU D 117 23.41 -11.72 -39.84
C GLU D 117 22.82 -10.96 -38.65
N LEU D 118 22.12 -9.83 -38.90
CA LEU D 118 21.53 -9.03 -37.82
C LEU D 118 20.40 -9.81 -37.16
N GLU D 119 19.58 -10.50 -37.97
CA GLU D 119 18.49 -11.33 -37.53
C GLU D 119 19.02 -12.47 -36.62
N ARG D 120 20.14 -13.10 -37.01
CA ARG D 120 20.79 -14.14 -36.18
C ARG D 120 21.23 -13.55 -34.84
N LYS D 121 21.83 -12.34 -34.86
CA LYS D 121 22.31 -11.62 -33.67
C LYS D 121 21.19 -11.29 -32.73
N TYR D 122 20.01 -10.91 -33.26
CA TYR D 122 18.80 -10.64 -32.49
C TYR D 122 18.31 -11.91 -31.76
N TRP D 123 18.08 -13.00 -32.50
CA TRP D 123 17.57 -14.26 -31.94
C TRP D 123 18.54 -14.94 -30.99
N LYS D 124 19.84 -14.66 -31.10
CA LYS D 124 20.83 -15.22 -30.19
C LYS D 124 21.02 -14.38 -28.92
N ASN D 125 20.80 -13.05 -28.99
CA ASN D 125 21.09 -12.14 -27.89
C ASN D 125 19.91 -11.46 -27.22
N LEU D 126 18.68 -11.75 -27.64
CA LEU D 126 17.54 -11.00 -27.10
C LEU D 126 17.29 -11.13 -25.58
N THR D 127 17.82 -12.17 -24.90
CA THR D 127 17.64 -12.32 -23.45
C THR D 127 18.73 -11.61 -22.69
N PHE D 128 19.76 -11.11 -23.39
CA PHE D 128 20.88 -10.41 -22.74
C PHE D 128 20.76 -8.89 -22.89
N ASN D 129 21.35 -8.12 -21.96
CA ASN D 129 21.38 -6.63 -21.93
C ASN D 129 20.02 -6.00 -22.29
N PRO D 130 19.00 -6.15 -21.40
CA PRO D 130 17.65 -5.69 -21.75
C PRO D 130 17.58 -4.27 -22.29
N PRO D 131 17.03 -4.07 -23.50
CA PRO D 131 16.96 -2.71 -24.07
C PRO D 131 15.78 -1.90 -23.51
N ILE D 132 15.74 -0.61 -23.86
CA ILE D 132 14.66 0.29 -23.47
C ILE D 132 13.84 0.70 -24.72
N TYR D 133 12.52 0.52 -24.65
CA TYR D 133 11.61 0.85 -25.73
C TYR D 133 10.74 2.05 -25.33
N GLY D 134 10.86 3.13 -26.08
CA GLY D 134 10.04 4.33 -25.87
C GLY D 134 8.71 4.15 -26.56
N ALA D 135 7.96 3.13 -26.12
CA ALA D 135 6.69 2.70 -26.71
C ALA D 135 5.45 3.39 -26.18
N ASP D 136 4.34 3.33 -26.96
CA ASP D 136 3.00 3.81 -26.56
C ASP D 136 2.93 5.28 -26.15
N VAL D 137 3.67 6.15 -26.85
CA VAL D 137 3.64 7.59 -26.55
C VAL D 137 2.43 8.20 -27.29
N ASN D 138 1.51 8.86 -26.57
CA ASN D 138 0.41 9.56 -27.24
C ASN D 138 1.02 10.76 -27.98
N GLY D 139 0.91 10.75 -29.29
CA GLY D 139 1.43 11.85 -30.09
C GLY D 139 1.50 11.56 -31.56
N THR D 140 1.90 12.60 -32.33
CA THR D 140 2.04 12.52 -33.78
C THR D 140 3.24 13.36 -34.21
N LEU D 141 3.91 12.96 -35.30
CA LEU D 141 4.98 13.75 -35.87
C LEU D 141 4.54 14.38 -37.20
N TYR D 142 3.25 14.22 -37.56
CA TYR D 142 2.73 14.82 -38.79
C TYR D 142 2.51 16.31 -38.56
N GLU D 143 2.78 17.13 -39.58
CA GLU D 143 2.44 18.56 -39.55
C GLU D 143 0.92 18.59 -39.79
N LYS D 144 0.19 19.56 -39.18
CA LYS D 144 -1.28 19.65 -39.25
C LYS D 144 -1.91 19.80 -40.65
N HIS D 145 -1.19 20.33 -41.65
CA HIS D 145 -1.77 20.52 -42.97
C HIS D 145 -1.75 19.27 -43.86
N VAL D 146 -1.05 18.22 -43.43
CA VAL D 146 -0.91 16.98 -44.20
C VAL D 146 -2.25 16.21 -44.24
N ASP D 147 -2.87 16.20 -45.43
CA ASP D 147 -4.16 15.56 -45.64
C ASP D 147 -4.07 14.13 -46.14
N GLU D 148 -2.90 13.70 -46.67
CA GLU D 148 -2.72 12.34 -47.18
C GLU D 148 -2.12 11.41 -46.14
N TRP D 149 -2.79 10.26 -45.88
CA TRP D 149 -2.35 9.18 -44.98
C TRP D 149 -1.96 9.70 -43.59
N ASN D 150 -2.72 10.69 -43.09
CA ASN D 150 -2.47 11.29 -41.79
C ASN D 150 -3.05 10.35 -40.74
N ILE D 151 -2.15 9.66 -40.04
CA ILE D 151 -2.39 8.65 -39.02
C ILE D 151 -3.26 9.21 -37.87
N GLY D 152 -3.17 10.51 -37.62
CA GLY D 152 -3.98 11.22 -36.62
C GLY D 152 -5.43 11.41 -37.00
N ARG D 153 -5.79 11.26 -38.29
CA ARG D 153 -7.16 11.45 -38.80
C ARG D 153 -7.39 10.76 -40.17
N LEU D 154 -7.40 9.41 -40.18
CA LEU D 154 -7.59 8.63 -41.40
C LEU D 154 -9.03 8.67 -41.97
N ARG D 155 -10.03 8.99 -41.15
CA ARG D 155 -11.46 9.11 -41.52
C ARG D 155 -12.11 7.81 -42.07
N THR D 156 -11.78 6.64 -41.48
CA THR D 156 -12.40 5.37 -41.87
C THR D 156 -13.66 5.19 -41.01
N ILE D 157 -14.41 4.09 -41.21
CA ILE D 157 -15.62 3.81 -40.42
C ILE D 157 -15.32 3.55 -38.95
N LEU D 158 -14.02 3.36 -38.56
CA LEU D 158 -13.64 3.20 -37.16
C LEU D 158 -14.06 4.45 -36.35
N ASP D 159 -14.21 5.58 -37.05
CA ASP D 159 -14.61 6.85 -36.48
C ASP D 159 -16.01 6.83 -35.84
N LEU D 160 -16.87 5.83 -36.18
CA LEU D 160 -18.20 5.67 -35.59
C LEU D 160 -18.11 5.55 -34.07
N VAL D 161 -17.04 4.90 -33.55
CA VAL D 161 -16.75 4.75 -32.12
C VAL D 161 -16.66 6.16 -31.45
N GLU D 162 -15.87 7.09 -32.06
CA GLU D 162 -15.67 8.46 -31.58
C GLU D 162 -16.80 9.43 -31.95
N LYS D 163 -17.17 9.50 -33.25
CA LYS D 163 -18.18 10.40 -33.80
C LYS D 163 -19.62 10.15 -33.33
N GLU D 164 -19.98 8.88 -33.11
CA GLU D 164 -21.34 8.51 -32.68
C GLU D 164 -21.44 8.12 -31.20
N SER D 165 -20.51 7.30 -30.70
CA SER D 165 -20.50 6.84 -29.31
C SER D 165 -19.64 7.73 -28.36
N GLY D 166 -18.96 8.74 -28.90
CA GLY D 166 -18.11 9.67 -28.16
C GLY D 166 -16.93 9.06 -27.41
N ILE D 167 -16.48 7.86 -27.84
CA ILE D 167 -15.41 7.11 -27.19
C ILE D 167 -14.04 7.31 -27.83
N THR D 168 -13.05 7.64 -26.98
CA THR D 168 -11.64 7.80 -27.34
C THR D 168 -10.87 6.62 -26.75
N ILE D 169 -10.13 5.89 -27.61
CA ILE D 169 -9.31 4.75 -27.21
C ILE D 169 -7.89 5.03 -27.68
N GLU D 170 -7.03 5.45 -26.73
CA GLU D 170 -5.63 5.83 -27.00
C GLU D 170 -4.87 4.75 -27.76
N GLY D 171 -4.25 5.15 -28.87
CA GLY D 171 -3.51 4.27 -29.78
C GLY D 171 -4.38 3.49 -30.76
N VAL D 172 -5.72 3.42 -30.51
CA VAL D 172 -6.67 2.67 -31.37
C VAL D 172 -7.35 3.62 -32.35
N ASN D 173 -7.98 4.70 -31.88
CA ASN D 173 -8.52 5.70 -32.78
C ASN D 173 -7.72 7.03 -32.63
N THR D 174 -6.54 6.97 -31.95
CA THR D 174 -5.63 8.12 -31.77
C THR D 174 -4.19 7.66 -32.10
N PRO D 175 -3.24 8.55 -32.44
CA PRO D 175 -1.91 8.06 -32.83
C PRO D 175 -0.95 7.76 -31.67
N TYR D 176 -0.07 6.77 -31.88
CA TYR D 176 0.97 6.41 -30.92
C TYR D 176 2.32 6.56 -31.61
N LEU D 177 3.36 6.95 -30.85
CA LEU D 177 4.74 7.01 -31.33
C LEU D 177 5.51 5.91 -30.60
N TYR D 178 6.45 5.28 -31.31
CA TYR D 178 7.30 4.21 -30.81
C TYR D 178 8.74 4.61 -31.12
N PHE D 179 9.54 4.88 -30.08
CA PHE D 179 10.94 5.23 -30.21
C PHE D 179 11.73 3.97 -29.88
N GLY D 180 12.34 3.40 -30.90
CA GLY D 180 13.05 2.15 -30.73
C GLY D 180 14.53 2.32 -30.60
N MET D 181 15.16 1.25 -30.13
CA MET D 181 16.62 1.11 -30.10
C MET D 181 16.90 -0.33 -30.53
N TRP D 182 18.15 -0.69 -30.76
CA TRP D 182 18.49 -2.04 -31.17
C TRP D 182 17.88 -3.09 -30.24
N LYS D 183 17.29 -4.14 -30.82
CA LYS D 183 16.82 -5.35 -30.12
C LYS D 183 15.54 -5.10 -29.32
N THR D 184 14.87 -3.93 -29.50
CA THR D 184 13.56 -3.71 -28.90
C THR D 184 12.58 -4.51 -29.73
N SER D 185 11.58 -5.09 -29.09
CA SER D 185 10.65 -5.98 -29.78
C SER D 185 9.17 -5.79 -29.61
N PHE D 186 8.43 -6.30 -30.58
CA PHE D 186 6.99 -6.38 -30.50
C PHE D 186 6.65 -7.86 -30.68
N ALA D 187 5.94 -8.39 -29.70
CA ALA D 187 5.56 -9.79 -29.62
C ALA D 187 4.43 -10.19 -30.59
N TRP D 188 4.24 -11.49 -30.77
CA TRP D 188 3.21 -11.97 -31.67
C TRP D 188 1.82 -11.53 -31.23
N HIS D 189 1.08 -10.91 -32.13
CA HIS D 189 -0.27 -10.45 -31.83
C HIS D 189 -1.04 -10.06 -33.07
N THR D 190 -2.34 -9.89 -32.86
CA THR D 190 -3.28 -9.37 -33.83
C THR D 190 -3.72 -8.06 -33.16
N GLU D 191 -4.32 -7.14 -33.88
CA GLU D 191 -4.72 -5.87 -33.30
C GLU D 191 -5.93 -6.02 -32.35
N ASP D 192 -6.18 -5.02 -31.51
CA ASP D 192 -7.37 -5.02 -30.63
C ASP D 192 -8.61 -5.14 -31.52
N MET D 193 -9.55 -6.07 -31.18
CA MET D 193 -10.81 -6.33 -31.92
C MET D 193 -10.53 -6.86 -33.35
N ASP D 194 -9.30 -7.35 -33.57
CA ASP D 194 -8.80 -7.81 -34.88
C ASP D 194 -8.98 -6.69 -35.96
N LEU D 195 -8.68 -5.47 -35.57
CA LEU D 195 -8.75 -4.31 -36.45
C LEU D 195 -7.55 -4.26 -37.39
N TYR D 196 -7.63 -3.38 -38.37
CA TYR D 196 -6.54 -3.14 -39.28
C TYR D 196 -5.61 -2.19 -38.51
N SER D 197 -4.35 -2.06 -38.95
CA SER D 197 -3.41 -1.11 -38.36
C SER D 197 -2.48 -0.53 -39.44
N ILE D 198 -1.97 0.68 -39.22
CA ILE D 198 -1.06 1.34 -40.12
C ILE D 198 0.14 1.76 -39.27
N ASN D 199 1.34 1.62 -39.81
CA ASN D 199 2.59 1.97 -39.11
C ASN D 199 3.50 2.68 -40.11
N TYR D 200 3.89 3.93 -39.80
CA TYR D 200 4.79 4.70 -40.64
C TYR D 200 6.13 4.87 -39.92
N LEU D 201 7.23 4.48 -40.58
CA LEU D 201 8.56 4.66 -40.02
C LEU D 201 9.09 6.09 -40.37
N HIS D 202 8.99 7.04 -39.42
CA HIS D 202 9.39 8.43 -39.62
C HIS D 202 10.87 8.60 -39.98
N PHE D 203 11.78 7.97 -39.23
CA PHE D 203 13.22 8.14 -39.46
C PHE D 203 13.94 7.05 -38.72
N GLY D 204 15.24 6.99 -38.97
CA GLY D 204 16.19 6.11 -38.29
C GLY D 204 16.36 4.76 -38.92
N GLU D 205 16.84 3.81 -38.10
CA GLU D 205 17.14 2.43 -38.50
C GLU D 205 15.90 1.60 -38.80
N PRO D 206 16.06 0.50 -39.58
CA PRO D 206 14.90 -0.32 -39.95
C PRO D 206 14.15 -1.05 -38.82
N LYS D 207 12.97 -1.50 -39.15
CA LYS D 207 12.12 -2.30 -38.28
C LYS D 207 11.80 -3.57 -39.10
N SER D 208 12.17 -4.75 -38.57
CA SER D 208 11.86 -6.03 -39.24
C SER D 208 10.58 -6.63 -38.69
N TRP D 209 9.79 -7.25 -39.59
CA TRP D 209 8.49 -7.84 -39.28
C TRP D 209 8.42 -9.29 -39.70
N TYR D 210 7.63 -10.07 -39.00
CA TYR D 210 7.25 -11.45 -39.35
C TYR D 210 5.74 -11.42 -39.37
N SER D 211 5.13 -12.23 -40.21
CA SER D 211 3.65 -12.28 -40.29
C SER D 211 3.17 -13.68 -40.61
N VAL D 212 1.96 -14.02 -40.16
CA VAL D 212 1.36 -15.31 -40.46
C VAL D 212 0.06 -14.93 -41.18
N PRO D 213 -0.24 -15.52 -42.37
CA PRO D 213 -1.50 -15.19 -43.05
C PRO D 213 -2.73 -15.42 -42.16
N PRO D 214 -3.74 -14.51 -42.14
CA PRO D 214 -4.97 -14.77 -41.37
C PRO D 214 -5.58 -16.18 -41.60
N GLU D 215 -5.51 -16.74 -42.83
CA GLU D 215 -6.03 -18.10 -43.07
C GLU D 215 -5.27 -19.21 -42.29
N HIS D 216 -4.09 -18.89 -41.73
CA HIS D 216 -3.28 -19.82 -40.95
C HIS D 216 -3.09 -19.35 -39.50
N GLY D 217 -3.77 -18.29 -39.09
CA GLY D 217 -3.66 -17.75 -37.73
C GLY D 217 -4.01 -18.75 -36.63
N LYS D 218 -5.02 -19.62 -36.87
CA LYS D 218 -5.41 -20.64 -35.89
C LYS D 218 -4.32 -21.67 -35.65
N ARG D 219 -3.46 -21.93 -36.66
CA ARG D 219 -2.33 -22.85 -36.56
C ARG D 219 -1.28 -22.26 -35.62
N LEU D 220 -1.07 -20.93 -35.69
CA LEU D 220 -0.13 -20.27 -34.78
C LEU D 220 -0.67 -20.37 -33.34
N GLU D 221 -1.99 -20.04 -33.14
CA GLU D 221 -2.62 -20.11 -31.81
C GLU D 221 -2.51 -21.49 -31.19
N ARG D 222 -2.73 -22.54 -32.01
CA ARG D 222 -2.64 -23.94 -31.58
C ARG D 222 -1.20 -24.24 -31.10
N LEU D 223 -0.20 -23.76 -31.85
CA LEU D 223 1.18 -23.99 -31.46
C LEU D 223 1.50 -23.31 -30.13
N ALA D 224 1.13 -22.02 -29.99
CA ALA D 224 1.35 -21.22 -28.76
C ALA D 224 0.66 -21.85 -27.54
N LYS D 225 -0.62 -22.31 -27.68
CA LYS D 225 -1.35 -22.99 -26.58
C LYS D 225 -0.60 -24.29 -26.13
N GLY D 226 -0.02 -25.03 -27.07
CA GLY D 226 0.73 -26.25 -26.78
C GLY D 226 2.00 -25.96 -25.99
N PHE D 227 2.70 -24.87 -26.30
CA PHE D 227 3.90 -24.50 -25.56
C PHE D 227 3.58 -23.82 -24.21
N PHE D 228 2.45 -23.09 -24.11
CA PHE D 228 2.08 -22.40 -22.86
C PHE D 228 0.69 -22.83 -22.38
N PRO D 229 0.50 -24.10 -21.92
CA PRO D 229 -0.84 -24.55 -21.52
C PRO D 229 -1.39 -23.90 -20.25
N GLY D 230 -0.49 -23.40 -19.41
CA GLY D 230 -0.83 -22.66 -18.19
C GLY D 230 -1.38 -21.29 -18.53
N SER D 231 -0.74 -20.60 -19.50
CA SER D 231 -1.23 -19.29 -20.02
C SER D 231 -2.57 -19.49 -20.71
N ALA D 232 -2.72 -20.56 -21.53
CA ALA D 232 -3.97 -20.89 -22.23
C ALA D 232 -5.12 -21.19 -21.27
N GLN D 233 -4.83 -21.87 -20.13
CA GLN D 233 -5.86 -22.17 -19.13
C GLN D 233 -6.35 -20.91 -18.43
N SER D 234 -5.44 -19.95 -18.19
CA SER D 234 -5.74 -18.70 -17.48
C SER D 234 -6.46 -17.63 -18.32
N CYS D 235 -6.26 -17.63 -19.66
CA CYS D 235 -6.86 -16.60 -20.54
C CYS D 235 -7.28 -17.17 -21.91
N GLU D 236 -8.45 -16.71 -22.40
CA GLU D 236 -9.02 -17.10 -23.71
C GLU D 236 -8.20 -16.61 -24.92
N ALA D 237 -7.40 -15.55 -24.74
CA ALA D 237 -6.60 -14.97 -25.82
C ALA D 237 -5.28 -14.39 -25.22
N PHE D 238 -4.45 -15.26 -24.64
CA PHE D 238 -3.21 -14.82 -23.95
C PHE D 238 -2.18 -14.14 -24.87
N LEU D 239 -2.26 -14.37 -26.22
CA LEU D 239 -1.33 -13.69 -27.15
C LEU D 239 -1.58 -12.18 -27.16
N ARG D 240 -2.80 -11.76 -26.75
CA ARG D 240 -3.17 -10.33 -26.64
C ARG D 240 -2.38 -9.63 -25.55
N HIS D 241 -1.77 -10.39 -24.59
CA HIS D 241 -0.90 -9.78 -23.57
C HIS D 241 0.37 -9.22 -24.23
N LYS D 242 0.64 -9.63 -25.51
CA LYS D 242 1.83 -9.18 -26.31
C LYS D 242 3.12 -9.49 -25.55
N MET D 243 3.26 -10.72 -25.06
CA MET D 243 4.48 -11.10 -24.31
C MET D 243 5.16 -12.34 -24.94
N THR D 244 4.56 -12.93 -25.96
CA THR D 244 5.11 -14.17 -26.55
C THR D 244 5.94 -13.94 -27.80
N LEU D 245 7.22 -14.33 -27.74
CA LEU D 245 8.16 -14.22 -28.87
C LEU D 245 8.45 -15.61 -29.40
N ILE D 246 8.29 -15.80 -30.71
CA ILE D 246 8.52 -17.09 -31.37
C ILE D 246 9.37 -16.84 -32.62
N SER D 247 10.53 -17.47 -32.68
CA SER D 247 11.50 -17.36 -33.76
C SER D 247 10.93 -17.88 -35.10
N PRO D 248 11.34 -17.31 -36.27
CA PRO D 248 10.89 -17.86 -37.56
C PRO D 248 11.39 -19.31 -37.76
N LEU D 249 12.53 -19.67 -37.12
CA LEU D 249 13.11 -21.02 -37.15
C LEU D 249 12.19 -22.02 -36.42
N MET D 250 11.51 -21.55 -35.35
CA MET D 250 10.52 -22.32 -34.58
C MET D 250 9.23 -22.55 -35.41
N LEU D 251 8.75 -21.51 -36.11
CA LEU D 251 7.60 -21.61 -37.02
C LEU D 251 7.89 -22.56 -38.17
N LYS D 252 9.10 -22.44 -38.76
CA LYS D 252 9.55 -23.27 -39.88
C LYS D 252 9.61 -24.74 -39.45
N LYS D 253 10.14 -24.99 -38.25
CA LYS D 253 10.25 -26.34 -37.68
C LYS D 253 8.88 -27.02 -37.48
N TYR D 254 7.83 -26.23 -37.14
CA TYR D 254 6.48 -26.73 -36.92
C TYR D 254 5.54 -26.57 -38.13
N GLY D 255 6.10 -26.18 -39.27
CA GLY D 255 5.33 -26.05 -40.51
C GLY D 255 4.30 -24.92 -40.53
N ILE D 256 4.50 -23.85 -39.73
CA ILE D 256 3.58 -22.71 -39.73
C ILE D 256 3.97 -21.78 -40.91
N PRO D 257 3.10 -21.54 -41.91
CA PRO D 257 3.46 -20.61 -42.99
C PRO D 257 3.64 -19.18 -42.45
N PHE D 258 4.70 -18.53 -42.86
CA PHE D 258 4.95 -17.16 -42.40
C PHE D 258 5.73 -16.46 -43.48
N ASP D 259 5.82 -15.13 -43.38
CA ASP D 259 6.64 -14.34 -44.30
C ASP D 259 7.39 -13.32 -43.45
N LYS D 260 8.39 -12.68 -44.01
CA LYS D 260 9.17 -11.64 -43.34
C LYS D 260 9.42 -10.47 -44.30
N VAL D 261 9.63 -9.27 -43.75
CA VAL D 261 9.88 -8.03 -44.51
C VAL D 261 10.61 -7.02 -43.62
N THR D 262 11.51 -6.23 -44.21
CA THR D 262 12.17 -5.15 -43.46
C THR D 262 11.60 -3.80 -43.91
N GLN D 263 11.09 -3.04 -42.95
CA GLN D 263 10.52 -1.70 -43.18
C GLN D 263 11.61 -0.65 -42.99
N GLU D 264 11.80 0.18 -43.99
CA GLU D 264 12.81 1.25 -43.93
C GLU D 264 12.17 2.59 -43.70
N ALA D 265 12.97 3.59 -43.26
CA ALA D 265 12.46 4.93 -42.98
C ALA D 265 11.74 5.49 -44.25
N GLY D 266 10.57 6.08 -44.04
CA GLY D 266 9.77 6.64 -45.12
C GLY D 266 8.76 5.68 -45.70
N GLU D 267 8.59 4.48 -45.10
CA GLU D 267 7.66 3.46 -45.57
C GLU D 267 6.54 3.12 -44.60
N PHE D 268 5.36 2.80 -45.15
CA PHE D 268 4.18 2.34 -44.39
C PHE D 268 4.09 0.83 -44.41
N MET D 269 3.62 0.25 -43.29
CA MET D 269 3.28 -1.15 -43.16
C MET D 269 1.80 -1.15 -42.79
N ILE D 270 1.01 -2.03 -43.43
CA ILE D 270 -0.43 -2.20 -43.13
C ILE D 270 -0.62 -3.59 -42.60
N THR D 271 -1.32 -3.74 -41.44
CA THR D 271 -1.67 -5.07 -40.93
C THR D 271 -3.17 -5.20 -41.15
N PHE D 272 -3.60 -6.39 -41.55
CA PHE D 272 -5.00 -6.66 -41.87
C PHE D 272 -5.70 -7.46 -40.77
N PRO D 273 -7.06 -7.44 -40.68
CA PRO D 273 -7.75 -8.19 -39.62
C PRO D 273 -7.31 -9.63 -39.47
N TYR D 274 -7.02 -10.01 -38.22
CA TYR D 274 -6.56 -11.35 -37.82
C TYR D 274 -5.18 -11.74 -38.46
N GLY D 275 -4.40 -10.72 -38.82
CA GLY D 275 -3.04 -10.91 -39.32
C GLY D 275 -2.07 -10.86 -38.16
N TYR D 276 -1.59 -12.02 -37.70
CA TYR D 276 -0.60 -12.09 -36.61
C TYR D 276 0.74 -11.54 -37.08
N HIS D 277 1.38 -10.69 -36.28
CA HIS D 277 2.68 -10.11 -36.65
C HIS D 277 3.54 -9.92 -35.40
N ALA D 278 4.87 -9.89 -35.59
CA ALA D 278 5.87 -9.66 -34.55
C ALA D 278 7.09 -9.10 -35.25
N GLY D 279 8.05 -8.60 -34.48
CA GLY D 279 9.29 -8.10 -35.08
C GLY D 279 10.20 -7.37 -34.11
N PHE D 280 11.17 -6.63 -34.66
CA PHE D 280 12.17 -5.94 -33.84
C PHE D 280 12.75 -4.74 -34.56
N ASN D 281 13.39 -3.84 -33.80
CA ASN D 281 14.04 -2.64 -34.31
C ASN D 281 15.52 -2.86 -34.48
N HIS D 282 16.09 -2.34 -35.58
CA HIS D 282 17.52 -2.47 -35.88
C HIS D 282 18.38 -1.51 -35.08
N GLY D 283 17.80 -0.38 -34.67
CA GLY D 283 18.48 0.68 -33.94
C GLY D 283 17.55 1.83 -33.62
N PHE D 284 18.13 3.00 -33.37
CA PHE D 284 17.36 4.20 -33.04
C PHE D 284 16.43 4.59 -34.20
N ASN D 285 15.12 4.68 -33.92
CA ASN D 285 14.12 5.02 -34.93
C ASN D 285 12.87 5.55 -34.27
N CYS D 286 11.90 5.93 -35.10
CA CYS D 286 10.62 6.39 -34.60
C CYS D 286 9.53 6.00 -35.58
N ALA D 287 8.54 5.26 -35.09
CA ALA D 287 7.38 4.88 -35.89
C ALA D 287 6.12 5.47 -35.28
N GLU D 288 5.11 5.68 -36.12
CA GLU D 288 3.81 6.22 -35.68
C GLU D 288 2.76 5.24 -36.14
N SER D 289 1.76 4.98 -35.30
CA SER D 289 0.77 3.97 -35.57
C SER D 289 -0.60 4.25 -35.01
N THR D 290 -1.63 3.60 -35.58
CA THR D 290 -3.03 3.64 -35.13
C THR D 290 -3.80 2.48 -35.77
N ASN D 291 -5.05 2.32 -35.36
CA ASN D 291 -5.93 1.31 -35.93
C ASN D 291 -6.89 1.96 -36.87
N PHE D 292 -7.46 1.17 -37.80
CA PHE D 292 -8.47 1.65 -38.74
C PHE D 292 -9.34 0.47 -39.13
N ALA D 293 -10.43 0.74 -39.86
CA ALA D 293 -11.34 -0.31 -40.28
C ALA D 293 -11.84 -0.11 -41.71
N THR D 294 -12.41 -1.18 -42.28
CA THR D 294 -13.14 -1.14 -43.55
C THR D 294 -14.43 -1.90 -43.23
N ARG D 295 -15.41 -1.94 -44.16
CA ARG D 295 -16.64 -2.71 -43.96
C ARG D 295 -16.39 -4.21 -43.65
N ARG D 296 -15.34 -4.81 -44.25
CA ARG D 296 -14.95 -6.21 -44.07
C ARG D 296 -14.57 -6.49 -42.58
N TRP D 297 -14.06 -5.47 -41.87
CA TRP D 297 -13.64 -5.65 -40.47
C TRP D 297 -14.82 -5.99 -39.53
N ILE D 298 -16.04 -5.47 -39.83
CA ILE D 298 -17.17 -5.63 -38.91
C ILE D 298 -17.35 -7.10 -38.48
N GLU D 299 -17.29 -8.04 -39.42
CA GLU D 299 -17.44 -9.44 -39.04
C GLU D 299 -16.31 -9.93 -38.10
N TYR D 300 -15.05 -9.49 -38.38
CA TYR D 300 -13.90 -9.82 -37.53
C TYR D 300 -14.10 -9.25 -36.11
N GLY D 301 -14.61 -8.01 -36.00
CA GLY D 301 -14.87 -7.39 -34.71
C GLY D 301 -15.95 -8.13 -33.94
N LYS D 302 -16.99 -8.61 -34.65
CA LYS D 302 -18.08 -9.39 -34.03
C LYS D 302 -17.60 -10.74 -33.49
N GLN D 303 -16.63 -11.36 -34.16
CA GLN D 303 -16.13 -12.67 -33.79
C GLN D 303 -14.82 -12.70 -33.01
N ALA D 304 -14.18 -11.52 -32.76
CA ALA D 304 -12.86 -11.45 -32.06
C ALA D 304 -12.88 -12.11 -30.69
N VAL D 305 -11.87 -12.97 -30.42
CA VAL D 305 -11.76 -13.63 -29.11
C VAL D 305 -10.89 -12.72 -28.26
N LEU D 306 -11.46 -12.20 -27.19
CA LEU D 306 -10.78 -11.21 -26.36
C LEU D 306 -10.12 -11.78 -25.09
N CYS D 307 -9.20 -10.97 -24.50
CA CYS D 307 -8.50 -11.27 -23.25
C CYS D 307 -9.57 -11.42 -22.17
N SER D 308 -9.57 -12.55 -21.50
CA SER D 308 -10.57 -12.84 -20.47
C SER D 308 -10.06 -12.66 -19.04
N CYS D 309 -8.75 -12.37 -18.86
CA CYS D 309 -8.15 -12.26 -17.51
C CYS D 309 -7.88 -10.81 -17.02
N ARG D 310 -7.84 -9.82 -17.94
CA ARG D 310 -7.55 -8.43 -17.57
C ARG D 310 -8.75 -7.51 -17.82
N LYS D 311 -9.10 -6.69 -16.81
CA LYS D 311 -10.23 -5.75 -16.87
C LYS D 311 -9.92 -4.50 -17.70
N ASP D 312 -8.63 -4.13 -17.82
CA ASP D 312 -8.16 -2.95 -18.55
C ASP D 312 -7.98 -3.13 -20.08
N MET D 313 -8.35 -4.31 -20.62
CA MET D 313 -8.22 -4.65 -22.05
C MET D 313 -9.18 -3.83 -22.96
N VAL D 314 -8.83 -3.69 -24.25
CA VAL D 314 -9.64 -2.94 -25.21
C VAL D 314 -10.82 -3.77 -25.72
N LYS D 315 -12.04 -3.29 -25.41
CA LYS D 315 -13.27 -3.92 -25.89
C LYS D 315 -14.13 -2.82 -26.52
N ILE D 316 -14.44 -2.99 -27.82
CA ILE D 316 -15.28 -2.05 -28.56
C ILE D 316 -16.64 -2.69 -28.72
N SER D 317 -17.71 -1.98 -28.39
CA SER D 317 -19.06 -2.49 -28.61
C SER D 317 -19.33 -2.47 -30.13
N MET D 318 -19.65 -3.65 -30.68
CA MET D 318 -19.94 -3.82 -32.11
C MET D 318 -21.36 -3.38 -32.49
N ASP D 319 -22.23 -3.16 -31.47
CA ASP D 319 -23.64 -2.80 -31.62
C ASP D 319 -23.89 -1.68 -32.64
N VAL D 320 -23.15 -0.55 -32.55
CA VAL D 320 -23.24 0.62 -33.45
C VAL D 320 -22.93 0.23 -34.93
N PHE D 321 -21.96 -0.67 -35.16
CA PHE D 321 -21.59 -1.14 -36.50
C PHE D 321 -22.63 -2.05 -37.12
N VAL D 322 -23.18 -2.97 -36.31
CA VAL D 322 -24.21 -3.92 -36.75
C VAL D 322 -25.49 -3.14 -37.11
N ARG D 323 -25.88 -2.15 -36.28
CA ARG D 323 -27.06 -1.31 -36.55
C ARG D 323 -26.90 -0.55 -37.89
N LYS D 324 -25.73 0.06 -38.09
CA LYS D 324 -25.45 0.87 -39.28
C LYS D 324 -25.27 0.06 -40.56
N PHE D 325 -24.40 -0.96 -40.54
CA PHE D 325 -24.00 -1.69 -41.74
C PHE D 325 -24.70 -3.02 -41.96
N GLN D 326 -25.30 -3.62 -40.90
CA GLN D 326 -26.04 -4.89 -41.04
C GLN D 326 -27.39 -4.80 -40.30
N PRO D 327 -28.23 -3.75 -40.50
CA PRO D 327 -29.50 -3.66 -39.75
C PRO D 327 -30.42 -4.88 -39.85
N GLU D 328 -30.39 -5.57 -41.02
CA GLU D 328 -31.20 -6.77 -41.29
C GLU D 328 -30.72 -7.98 -40.45
N ARG D 329 -29.47 -7.92 -39.91
CA ARG D 329 -28.89 -8.98 -39.10
C ARG D 329 -28.88 -8.65 -37.62
N TYR D 330 -29.37 -7.45 -37.24
CA TYR D 330 -29.29 -6.96 -35.87
C TYR D 330 -29.94 -7.88 -34.80
N LYS D 331 -31.22 -8.28 -34.99
CA LYS D 331 -31.95 -9.17 -34.09
C LYS D 331 -31.26 -10.56 -34.04
N LEU D 332 -30.91 -11.12 -35.22
CA LEU D 332 -30.20 -12.40 -35.34
C LEU D 332 -28.89 -12.38 -34.56
N TRP D 333 -28.11 -11.29 -34.70
CA TRP D 333 -26.83 -11.11 -34.02
C TRP D 333 -27.00 -11.04 -32.51
N LYS D 334 -27.92 -10.18 -32.07
CA LYS D 334 -28.24 -10.02 -30.65
C LYS D 334 -28.69 -11.30 -29.99
N ALA D 335 -29.43 -12.16 -30.72
CA ALA D 335 -29.92 -13.45 -30.22
C ALA D 335 -28.82 -14.55 -30.17
N GLY D 336 -27.60 -14.19 -30.64
CA GLY D 336 -26.43 -15.07 -30.69
C GLY D 336 -26.49 -16.10 -31.79
N LYS D 337 -27.42 -15.91 -32.76
CA LYS D 337 -27.67 -16.84 -33.86
C LYS D 337 -26.99 -16.45 -35.20
N ASP D 338 -26.14 -15.39 -35.22
CA ASP D 338 -25.47 -15.00 -36.46
C ASP D 338 -24.26 -15.94 -36.70
N ASN D 339 -24.48 -16.96 -37.54
CA ASN D 339 -23.51 -18.01 -37.87
C ASN D 339 -22.61 -17.73 -39.10
N THR D 340 -22.41 -16.45 -39.47
CA THR D 340 -21.57 -16.04 -40.60
C THR D 340 -20.16 -16.65 -40.41
N VAL D 341 -19.62 -17.29 -41.46
CA VAL D 341 -18.27 -17.88 -41.43
C VAL D 341 -17.40 -16.92 -42.23
N ILE D 342 -16.30 -16.46 -41.62
CA ILE D 342 -15.37 -15.56 -42.28
C ILE D 342 -14.52 -16.33 -43.30
N ASP D 343 -14.41 -15.80 -44.52
CA ASP D 343 -13.52 -16.29 -45.57
C ASP D 343 -12.42 -15.21 -45.68
N HIS D 344 -11.21 -15.50 -45.14
CA HIS D 344 -10.04 -14.61 -45.09
C HIS D 344 -9.51 -14.16 -46.47
N THR D 345 -9.85 -14.88 -47.55
CA THR D 345 -9.37 -14.55 -48.91
C THR D 345 -10.19 -13.44 -49.58
N LEU D 346 -11.43 -13.23 -49.14
CA LEU D 346 -12.35 -12.25 -49.71
C LEU D 346 -11.92 -10.78 -49.50
N PRO D 347 -11.88 -9.96 -50.57
CA PRO D 347 -11.55 -8.53 -50.38
C PRO D 347 -12.72 -7.78 -49.76
N THR D 348 -12.47 -6.59 -49.19
CA THR D 348 -13.51 -5.75 -48.58
C THR D 348 -14.57 -5.35 -49.68
N PRO D 349 -15.89 -5.20 -49.38
CA PRO D 349 -16.85 -4.86 -50.47
C PRO D 349 -16.49 -3.60 -51.26
N GLU D 350 -15.76 -2.63 -50.65
CA GLU D 350 -15.33 -1.39 -51.30
C GLU D 350 -14.35 -1.64 -52.50
N ALA D 351 -13.73 -2.85 -52.57
CA ALA D 351 -12.84 -3.27 -53.66
C ALA D 351 -13.56 -3.65 -54.97
N ALA D 352 -14.92 -3.78 -54.94
CA ALA D 352 -15.74 -4.18 -56.11
C ALA D 352 -15.39 -3.42 -57.40
N GLU D 353 -15.18 -2.09 -57.32
CA GLU D 353 -14.83 -1.23 -58.46
C GLU D 353 -13.48 -1.61 -59.13
N PHE D 354 -12.60 -2.30 -58.39
CA PHE D 354 -11.30 -2.75 -58.90
C PHE D 354 -11.29 -4.22 -59.38
N LEU D 355 -12.43 -4.93 -59.19
CA LEU D 355 -12.60 -6.33 -59.57
C LEU D 355 -13.64 -6.48 -60.67
#